data_4E41
#
_entry.id   4E41
#
_cell.length_a   126.133
_cell.length_b   175.611
_cell.length_c   88.646
_cell.angle_alpha   90.00
_cell.angle_beta   110.75
_cell.angle_gamma   90.00
#
_symmetry.space_group_name_H-M   'C 1 2 1'
#
loop_
_entity.id
_entity.type
_entity.pdbx_description
1 polymer 'HLA class II histocompatibility antigen, DR alpha chain'
2 polymer 'HLA class II histocompatibility antigen, DRB1-1 beta chain'
3 polymer 'Triosephosphate isomerase'
4 polymer 'T cell receptor G4 alpha chain'
5 polymer 'T cell receptor G4 beta chain'
6 non-polymer 'SODIUM ION'
7 water water
#
loop_
_entity_poly.entity_id
_entity_poly.type
_entity_poly.pdbx_seq_one_letter_code
_entity_poly.pdbx_strand_id
1 'polypeptide(L)'
;IKEEHVIIQAEFYLNPDQSGEFMFDFDGDEIFHVDMAKKETVWRLEEFGRFASFEAQGALANIAVDKANLEIMTKRSNYT
PITNVPPEVTVLTNSPVELREPNVLICFIDKFTPPVVNVTWLRNGKPVTTGVSETVFLPREDHLFRKFHYLPFLPSTEDV
YDCRVEHWGLDEPLLKHWEFDA
;
A,F
2 'polypeptide(L)'
;GDTRPRFLWQLKFECHFFNGTERVRLLERCIYNQEESVRFDSDVGEYRAVTELGRPDAEYWNSQKDLLEQRRAAVDTYCR
HNYGVGESFTVQRRVEPKVTVYPSKTQPLQHHNLLVCSVSGFYPGSIEVRWFRNGQEEKAGVVSTGLIQNGDWTFQTLVM
LETVPRSGEVYTCQVEHPSVTSPLTVEWRA
;
B,G
3 'polypeptide(L)' GELIGILNAAKVPAD C,H
4 'polypeptide(L)'
;IQVEQSPPDLILQEGANSTLRCNFSDSVNNLQWFHQNPWGQLINLFYIPSGTKQNGRLSATTVATERYSLLYISSSQTTD
SGVYFCAVDRGSTLGRLYFGRGTQLTVWPDIQKPDPAVYQLRDSKSSDKSVCLFTDFDSQTNVSQSKDSDVYITDKCVLD
MRSMDFKSNSAVAWSNKSDFACANAFNNSIIPEDTFFPSPESS
;
D,I
5 'polypeptide(L)'
;GVTQSPTHLIKTRGQQATLRCSPISGHTSVYWYQQALGLGLQFLLWYDEGEERNRGNFPPRFSGRQFPNYSSELNVNALE
LEDSALYLCASSQIRETQYFGPGTRLLVLEDLKNVFPPEVAVFEPSEAEISHTQKATLVCLATGFYPDHVELSWWVNGKE
VHSGVCTDPQPLKEQPALNDSRYALSSRLRVSATFWQNPRNHFRCQVQFYGLSENDEWTQDRAKPVTQIVSAEAWGRAD
;
E,J
#
# COMPACT_ATOMS: atom_id res chain seq x y z
N GLU A 3 24.50 -29.72 -13.42
CA GLU A 3 24.28 -28.94 -12.17
C GLU A 3 24.35 -27.43 -12.44
N GLU A 4 23.49 -26.70 -11.75
CA GLU A 4 23.38 -25.26 -11.93
C GLU A 4 23.74 -24.56 -10.63
N HIS A 5 23.05 -24.91 -9.53
CA HIS A 5 23.26 -24.23 -8.25
C HIS A 5 23.29 -25.18 -7.07
N VAL A 6 23.95 -24.76 -5.99
CA VAL A 6 24.02 -25.54 -4.76
C VAL A 6 23.89 -24.64 -3.53
N ILE A 7 22.87 -24.90 -2.74
CA ILE A 7 22.73 -24.29 -1.42
C ILE A 7 23.13 -25.33 -0.36
N ILE A 8 24.00 -24.95 0.56
CA ILE A 8 24.47 -25.84 1.61
C ILE A 8 24.25 -25.24 2.98
N GLN A 9 23.47 -25.92 3.83
CA GLN A 9 23.44 -25.57 5.24
C GLN A 9 24.56 -26.38 5.91
N ALA A 10 25.60 -25.70 6.36
CA ALA A 10 26.77 -26.37 6.92
C ALA A 10 27.02 -25.99 8.36
N GLU A 11 27.23 -27.00 9.18
CA GLU A 11 27.46 -26.86 10.61
C GLU A 11 28.67 -27.68 10.98
N PHE A 12 29.47 -27.20 11.90
CA PHE A 12 30.53 -28.03 12.44
C PHE A 12 30.69 -27.79 13.93
N TYR A 13 31.27 -28.79 14.59
CA TYR A 13 31.64 -28.69 15.99
C TYR A 13 33.00 -29.37 16.22
N LEU A 14 33.89 -28.62 16.95
CA LEU A 14 35.27 -29.01 17.18
C LEU A 14 35.51 -29.14 18.66
N ASN A 15 35.95 -30.29 19.12
CA ASN A 15 36.42 -30.43 20.49
C ASN A 15 37.93 -30.61 20.48
N PRO A 16 38.73 -30.31 21.58
CA PRO A 16 38.03 -29.76 22.74
C PRO A 16 37.85 -28.26 22.86
N ASP A 17 38.17 -27.57 21.81
CA ASP A 17 38.00 -26.12 21.64
C ASP A 17 36.60 -25.61 21.92
N GLN A 18 35.61 -26.48 21.72
CA GLN A 18 34.19 -26.10 21.88
C GLN A 18 33.75 -24.99 20.91
N SER A 19 34.19 -25.13 19.65
CA SER A 19 33.86 -24.20 18.56
C SER A 19 32.71 -24.70 17.73
N GLY A 20 31.77 -23.82 17.47
CA GLY A 20 30.58 -24.17 16.72
C GLY A 20 30.34 -23.19 15.61
N GLU A 21 29.96 -23.69 14.45
CA GLU A 21 29.61 -22.81 13.34
C GLU A 21 28.41 -23.33 12.57
N PHE A 22 27.58 -22.38 12.14
CA PHE A 22 26.38 -22.67 11.39
C PHE A 22 26.31 -21.61 10.31
N MET A 23 26.29 -22.04 9.04
CA MET A 23 26.31 -21.10 7.93
C MET A 23 25.55 -21.62 6.72
N PHE A 24 25.10 -20.71 5.87
CA PHE A 24 24.55 -21.08 4.59
C PHE A 24 25.45 -20.61 3.49
N ASP A 25 25.59 -21.47 2.49
CA ASP A 25 26.54 -21.28 1.41
C ASP A 25 25.74 -21.39 0.08
N PHE A 26 25.92 -20.41 -0.80
CA PHE A 26 25.35 -20.48 -2.15
C PHE A 26 26.48 -20.52 -3.19
N ASP A 27 26.52 -21.56 -3.99
CA ASP A 27 27.63 -21.78 -4.92
C ASP A 27 29.02 -21.39 -4.33
N GLY A 28 29.24 -21.70 -3.07
CA GLY A 28 30.55 -21.48 -2.48
C GLY A 28 30.74 -20.15 -1.79
N ASP A 29 29.76 -19.25 -1.90
CA ASP A 29 29.77 -18.01 -1.17
C ASP A 29 28.85 -18.10 0.04
N GLU A 30 29.22 -17.41 1.13
CA GLU A 30 28.42 -17.36 2.34
C GLU A 30 27.20 -16.42 2.23
N ILE A 31 26.02 -16.92 2.56
CA ILE A 31 24.84 -16.06 2.64
C ILE A 31 24.81 -15.41 4.01
N PHE A 32 25.01 -16.23 5.04
CA PHE A 32 25.06 -15.74 6.41
C PHE A 32 25.72 -16.75 7.29
N HIS A 33 25.92 -16.38 8.54
CA HIS A 33 26.28 -17.36 9.55
C HIS A 33 25.69 -16.90 10.88
N VAL A 34 25.65 -17.80 11.85
CA VAL A 34 25.09 -17.44 13.14
C VAL A 34 26.18 -17.12 14.14
N ASP A 35 26.12 -15.94 14.73
CA ASP A 35 27.01 -15.64 15.86
C ASP A 35 26.46 -16.35 17.09
N MET A 36 27.22 -17.35 17.56
CA MET A 36 26.80 -18.17 18.70
C MET A 36 26.71 -17.33 19.98
N ALA A 37 27.71 -16.47 20.19
CA ALA A 37 27.78 -15.61 21.39
C ALA A 37 26.58 -14.69 21.50
N LYS A 38 26.38 -13.85 20.49
CA LYS A 38 25.31 -12.86 20.52
C LYS A 38 23.99 -13.46 20.08
N LYS A 39 24.03 -14.69 19.58
CA LYS A 39 22.84 -15.42 19.11
C LYS A 39 22.06 -14.71 17.98
N GLU A 40 22.78 -14.14 17.02
CA GLU A 40 22.11 -13.42 15.92
C GLU A 40 22.64 -13.76 14.53
N THR A 41 21.75 -13.65 13.55
CA THR A 41 22.07 -13.93 12.16
C THR A 41 22.88 -12.78 11.60
N VAL A 42 24.02 -13.11 10.99
CA VAL A 42 24.95 -12.12 10.45
C VAL A 42 25.07 -12.38 8.96
N TRP A 43 24.56 -11.46 8.16
CA TRP A 43 24.51 -11.67 6.73
C TRP A 43 25.85 -11.28 6.14
N ARG A 44 26.34 -12.08 5.19
CA ARG A 44 27.61 -11.81 4.55
C ARG A 44 27.61 -10.46 3.83
N LEU A 45 26.51 -10.10 3.19
CA LEU A 45 26.29 -8.73 2.71
C LEU A 45 25.05 -8.12 3.41
N GLU A 46 25.20 -6.92 3.97
CA GLU A 46 24.10 -6.24 4.67
C GLU A 46 22.75 -6.25 3.93
N GLU A 47 22.76 -6.12 2.60
CA GLU A 47 21.49 -6.06 1.83
C GLU A 47 20.68 -7.36 1.77
N PHE A 48 21.30 -8.48 2.13
CA PHE A 48 20.61 -9.76 2.19
C PHE A 48 19.55 -9.75 3.28
N GLY A 49 19.80 -8.93 4.31
CA GLY A 49 18.88 -8.79 5.43
C GLY A 49 17.58 -8.12 5.07
N ARG A 50 17.50 -7.57 3.86
CA ARG A 50 16.26 -6.96 3.36
C ARG A 50 15.35 -8.01 2.80
N PHE A 51 15.92 -8.87 1.97
CA PHE A 51 15.17 -9.85 1.22
C PHE A 51 14.85 -11.09 2.03
N ALA A 52 15.62 -11.32 3.09
CA ALA A 52 15.54 -12.57 3.83
C ALA A 52 15.70 -12.44 5.35
N SER A 53 15.13 -13.41 6.06
CA SER A 53 15.38 -13.58 7.49
C SER A 53 15.71 -15.02 7.85
N PHE A 54 16.39 -15.19 8.97
CA PHE A 54 16.64 -16.50 9.50
C PHE A 54 16.48 -16.40 11.00
N GLU A 55 15.75 -17.36 11.57
CA GLU A 55 15.55 -17.42 13.01
C GLU A 55 16.74 -18.18 13.65
N ALA A 56 17.62 -17.40 14.31
CA ALA A 56 18.89 -17.91 14.89
C ALA A 56 18.73 -19.04 15.93
N GLN A 57 17.62 -19.04 16.66
CA GLN A 57 17.37 -20.04 17.69
C GLN A 57 17.41 -21.47 17.14
N GLY A 58 17.07 -21.64 15.86
CA GLY A 58 17.11 -22.94 15.22
C GLY A 58 18.53 -23.44 15.04
N ALA A 59 19.44 -22.54 14.67
CA ALA A 59 20.87 -22.86 14.59
C ALA A 59 21.46 -23.29 15.94
N LEU A 60 21.22 -22.53 16.99
CA LEU A 60 21.69 -22.90 18.33
C LEU A 60 21.28 -24.34 18.71
N ALA A 61 20.03 -24.69 18.40
CA ALA A 61 19.53 -26.04 18.64
C ALA A 61 20.33 -27.06 17.87
N ASN A 62 20.54 -26.83 16.58
CA ASN A 62 21.32 -27.77 15.78
C ASN A 62 22.72 -27.98 16.32
N ILE A 63 23.34 -26.90 16.80
CA ILE A 63 24.70 -26.97 17.34
C ILE A 63 24.79 -27.87 18.58
N ALA A 64 23.81 -27.77 19.47
CA ALA A 64 23.71 -28.59 20.69
C ALA A 64 23.71 -30.07 20.34
N VAL A 65 22.90 -30.40 19.34
CA VAL A 65 22.78 -31.76 18.87
C VAL A 65 24.07 -32.18 18.20
N ASP A 66 24.68 -31.27 17.45
CA ASP A 66 25.92 -31.61 16.75
C ASP A 66 26.99 -31.96 17.75
N LYS A 67 27.01 -31.19 18.84
CA LYS A 67 28.03 -31.34 19.86
C LYS A 67 27.87 -32.65 20.64
N ALA A 68 26.62 -33.04 20.88
CA ALA A 68 26.32 -34.33 21.49
C ALA A 68 26.67 -35.47 20.56
N ASN A 69 26.36 -35.30 19.27
CA ASN A 69 26.71 -36.31 18.29
C ASN A 69 28.23 -36.52 18.23
N LEU A 70 28.99 -35.42 18.18
CA LEU A 70 30.45 -35.52 18.16
C LEU A 70 30.96 -36.32 19.34
N GLU A 71 30.50 -35.98 20.53
CA GLU A 71 30.92 -36.71 21.71
C GLU A 71 30.69 -38.21 21.56
N ILE A 72 29.45 -38.65 21.28
CA ILE A 72 29.20 -40.07 21.02
C ILE A 72 30.12 -40.64 19.92
N MET A 73 30.31 -39.88 18.85
CA MET A 73 31.12 -40.31 17.71
C MET A 73 32.60 -40.48 18.08
N THR A 74 33.11 -39.56 18.88
CA THR A 74 34.44 -39.66 19.47
C THR A 74 34.67 -41.00 20.23
N LYS A 75 33.73 -41.40 21.09
CA LYS A 75 33.90 -42.67 21.79
C LYS A 75 33.85 -43.86 20.84
N ARG A 76 32.95 -43.82 19.87
CA ARG A 76 32.83 -44.91 18.92
C ARG A 76 34.12 -45.13 18.14
N SER A 77 34.78 -44.06 17.72
CA SER A 77 36.07 -44.20 17.03
C SER A 77 37.25 -44.46 17.98
N ASN A 78 36.96 -44.80 19.24
CA ASN A 78 38.01 -44.94 20.26
C ASN A 78 38.94 -43.75 20.29
N TYR A 79 38.38 -42.54 20.25
CA TYR A 79 39.16 -41.30 20.28
C TYR A 79 40.24 -41.24 19.18
N THR A 80 39.87 -41.60 17.94
CA THR A 80 40.70 -41.28 16.80
C THR A 80 40.60 -39.76 16.61
N PRO A 81 41.74 -39.06 16.78
CA PRO A 81 41.76 -37.62 16.52
C PRO A 81 41.93 -37.31 15.05
N ILE A 82 41.57 -36.10 14.65
CA ILE A 82 41.69 -35.64 13.27
C ILE A 82 43.16 -35.52 12.86
N THR A 83 43.47 -35.89 11.62
CA THR A 83 44.78 -35.64 11.05
C THR A 83 44.82 -34.21 10.52
N ASN A 84 45.74 -33.42 11.05
CA ASN A 84 45.96 -32.07 10.55
C ASN A 84 46.26 -32.06 9.06
N VAL A 85 45.50 -31.28 8.31
CA VAL A 85 45.82 -31.06 6.90
C VAL A 85 46.16 -29.57 6.73
N PRO A 86 47.43 -29.27 6.40
CA PRO A 86 47.92 -27.87 6.37
C PRO A 86 47.37 -27.06 5.18
N PRO A 87 47.19 -25.75 5.33
CA PRO A 87 46.59 -24.98 4.24
C PRO A 87 47.50 -24.69 3.06
N GLU A 88 46.89 -24.40 1.92
CA GLU A 88 47.54 -23.69 0.82
C GLU A 88 47.19 -22.23 0.94
N VAL A 89 48.14 -21.34 0.67
CA VAL A 89 47.89 -19.93 0.88
C VAL A 89 48.25 -19.08 -0.31
N THR A 90 47.30 -18.30 -0.80
CA THR A 90 47.58 -17.37 -1.89
C THR A 90 47.20 -15.97 -1.46
N VAL A 91 48.10 -15.02 -1.69
CA VAL A 91 47.79 -13.61 -1.49
C VAL A 91 47.55 -13.03 -2.87
N LEU A 92 46.63 -12.08 -2.96
CA LEU A 92 46.20 -11.54 -4.25
C LEU A 92 45.35 -10.30 -4.00
N THR A 93 45.18 -9.48 -5.01
CA THR A 93 44.50 -8.21 -4.82
C THR A 93 43.07 -8.24 -5.36
N ASN A 94 42.28 -7.27 -4.90
CA ASN A 94 40.93 -7.04 -5.31
C ASN A 94 40.84 -6.81 -6.83
N SER A 95 41.61 -5.82 -7.28
CA SER A 95 41.65 -5.43 -8.68
C SER A 95 43.10 -5.12 -9.03
N PRO A 96 43.38 -4.75 -10.30
CA PRO A 96 44.76 -4.52 -10.68
C PRO A 96 45.33 -3.29 -9.98
N VAL A 97 46.51 -3.47 -9.41
CA VAL A 97 47.14 -2.50 -8.53
C VAL A 97 47.62 -1.27 -9.28
N GLU A 98 47.45 -0.11 -8.65
CA GLU A 98 47.94 1.17 -9.16
C GLU A 98 48.33 2.02 -7.98
N LEU A 99 49.42 2.75 -8.13
CA LEU A 99 49.96 3.58 -7.05
C LEU A 99 48.93 4.62 -6.60
N ARG A 100 48.83 4.79 -5.28
CA ARG A 100 47.95 5.80 -4.64
C ARG A 100 46.44 5.55 -4.79
N GLU A 101 46.06 4.53 -5.57
CA GLU A 101 44.65 4.19 -5.73
C GLU A 101 44.32 3.03 -4.78
N PRO A 102 43.26 3.18 -3.97
CA PRO A 102 43.00 2.22 -2.87
C PRO A 102 42.63 0.83 -3.37
N ASN A 103 42.98 -0.18 -2.58
CA ASN A 103 42.88 -1.57 -2.99
C ASN A 103 42.74 -2.47 -1.76
N VAL A 104 42.65 -3.77 -1.99
CA VAL A 104 42.46 -4.72 -0.92
C VAL A 104 43.34 -5.93 -1.17
N LEU A 105 44.03 -6.36 -0.12
CA LEU A 105 44.73 -7.63 -0.16
C LEU A 105 43.79 -8.72 0.29
N ILE A 106 43.78 -9.82 -0.47
CA ILE A 106 43.02 -11.00 -0.15
C ILE A 106 43.98 -12.13 0.21
N CYS A 107 43.86 -12.63 1.44
CA CYS A 107 44.58 -13.82 1.81
C CYS A 107 43.57 -14.97 1.78
N PHE A 108 43.81 -15.88 0.84
CA PHE A 108 42.97 -17.04 0.63
C PHE A 108 43.64 -18.30 1.16
N ILE A 109 42.93 -18.99 2.05
CA ILE A 109 43.46 -20.09 2.82
C ILE A 109 42.54 -21.25 2.55
N ASP A 110 43.09 -22.36 2.11
CA ASP A 110 42.30 -23.37 1.41
C ASP A 110 42.83 -24.78 1.70
N LYS A 111 41.94 -25.76 1.70
CA LYS A 111 42.29 -27.18 1.81
C LYS A 111 42.98 -27.55 3.13
N PHE A 112 42.53 -26.93 4.22
CA PHE A 112 43.04 -27.28 5.54
C PHE A 112 41.98 -27.91 6.43
N THR A 113 42.44 -28.76 7.36
CA THR A 113 41.58 -29.21 8.46
C THR A 113 42.28 -29.51 9.78
N PRO A 114 41.54 -29.20 10.85
CA PRO A 114 40.62 -28.76 11.87
C PRO A 114 40.44 -27.28 11.51
N PRO A 115 39.20 -26.77 11.53
CA PRO A 115 39.01 -25.33 11.28
C PRO A 115 39.55 -24.42 12.40
N VAL A 116 40.86 -24.41 12.61
CA VAL A 116 41.48 -23.40 13.48
C VAL A 116 42.74 -22.86 12.80
N VAL A 117 42.79 -21.54 12.63
CA VAL A 117 43.96 -20.86 12.10
C VAL A 117 44.21 -19.61 12.90
N ASN A 118 45.46 -19.17 12.91
CA ASN A 118 45.75 -17.84 13.38
C ASN A 118 46.47 -17.12 12.25
N VAL A 119 46.00 -15.91 11.94
CA VAL A 119 46.37 -15.24 10.71
C VAL A 119 46.70 -13.80 11.01
N THR A 120 47.90 -13.38 10.63
CA THR A 120 48.22 -11.96 10.79
C THR A 120 48.75 -11.41 9.49
N TRP A 121 48.42 -10.15 9.24
CA TRP A 121 49.01 -9.40 8.16
C TRP A 121 50.20 -8.63 8.71
N LEU A 122 51.32 -8.69 8.00
CA LEU A 122 52.51 -7.91 8.31
C LEU A 122 52.85 -6.94 7.17
N ARG A 123 53.05 -5.67 7.51
CA ARG A 123 53.55 -4.65 6.57
C ARG A 123 55.00 -4.30 6.92
N ASN A 124 55.91 -4.58 5.99
CA ASN A 124 57.35 -4.41 6.21
C ASN A 124 57.79 -5.11 7.50
N GLY A 125 57.42 -6.37 7.63
CA GLY A 125 57.76 -7.19 8.79
C GLY A 125 56.96 -6.95 10.06
N LYS A 126 56.12 -5.91 10.10
CA LYS A 126 55.39 -5.54 11.34
C LYS A 126 53.86 -5.66 11.25
N PRO A 127 53.19 -6.10 12.33
CA PRO A 127 51.74 -6.33 12.28
C PRO A 127 50.91 -5.10 11.91
N VAL A 128 49.93 -5.30 11.04
CA VAL A 128 48.90 -4.30 10.74
C VAL A 128 47.54 -4.90 11.04
N THR A 129 46.65 -4.08 11.58
CA THR A 129 45.30 -4.51 11.92
C THR A 129 44.26 -3.40 11.65
N THR A 130 44.64 -2.39 10.87
CA THR A 130 43.71 -1.31 10.54
C THR A 130 42.90 -1.64 9.30
N GLY A 131 41.59 -1.79 9.48
CA GLY A 131 40.68 -2.06 8.37
C GLY A 131 40.44 -3.53 8.09
N VAL A 132 41.22 -4.41 8.75
CA VAL A 132 41.14 -5.87 8.58
C VAL A 132 39.73 -6.44 8.78
N SER A 133 39.38 -7.44 7.98
CA SER A 133 38.16 -8.22 8.19
C SER A 133 38.35 -9.67 7.73
N GLU A 134 37.40 -10.55 8.07
CA GLU A 134 37.59 -11.96 7.79
C GLU A 134 36.29 -12.71 7.62
N THR A 135 36.29 -13.72 6.78
CA THR A 135 35.16 -14.63 6.72
C THR A 135 35.30 -15.66 7.86
N VAL A 136 34.17 -16.29 8.17
CA VAL A 136 34.17 -17.54 8.91
C VAL A 136 34.83 -18.66 8.08
N PHE A 137 34.83 -19.86 8.63
CA PHE A 137 35.32 -21.03 7.92
C PHE A 137 34.30 -21.51 6.91
N LEU A 138 34.72 -21.76 5.68
CA LEU A 138 33.79 -22.15 4.61
C LEU A 138 33.99 -23.59 4.18
N PRO A 139 32.88 -24.31 3.88
CA PRO A 139 32.94 -25.75 3.57
C PRO A 139 33.54 -26.03 2.20
N ARG A 140 34.09 -27.24 2.05
CA ARG A 140 34.58 -27.74 0.79
C ARG A 140 34.02 -29.14 0.58
N GLU A 141 34.01 -29.61 -0.65
CA GLU A 141 33.38 -30.89 -0.98
C GLU A 141 34.22 -32.09 -0.48
N ASP A 142 35.53 -31.89 -0.34
CA ASP A 142 36.40 -32.90 0.29
C ASP A 142 36.43 -32.77 1.81
N HIS A 143 35.53 -31.93 2.34
CA HIS A 143 35.27 -31.78 3.77
C HIS A 143 36.40 -31.08 4.53
N LEU A 144 37.22 -30.35 3.79
CA LEU A 144 38.23 -29.45 4.35
C LEU A 144 37.58 -28.06 4.35
N PHE A 145 38.39 -26.99 4.47
CA PHE A 145 37.87 -25.64 4.63
C PHE A 145 38.65 -24.60 3.81
N ARG A 146 37.96 -23.47 3.55
CA ARG A 146 38.49 -22.30 2.92
C ARG A 146 38.24 -21.21 3.92
N LYS A 147 38.86 -20.05 3.71
CA LYS A 147 38.69 -18.87 4.57
C LYS A 147 39.38 -17.69 3.92
N PHE A 148 38.87 -16.48 4.12
CA PHE A 148 39.41 -15.29 3.49
C PHE A 148 39.74 -14.23 4.54
N HIS A 149 40.90 -13.58 4.36
CA HIS A 149 41.28 -12.43 5.17
C HIS A 149 41.50 -11.24 4.27
N TYR A 150 41.04 -10.08 4.69
CA TYR A 150 41.09 -8.92 3.86
C TYR A 150 41.84 -7.82 4.59
N LEU A 151 42.64 -7.07 3.84
CA LEU A 151 43.38 -5.90 4.35
C LEU A 151 43.37 -4.75 3.36
N PRO A 152 42.56 -3.71 3.60
CA PRO A 152 42.63 -2.56 2.70
C PRO A 152 43.99 -1.89 2.80
N PHE A 153 44.52 -1.41 1.69
CA PHE A 153 45.85 -0.80 1.66
C PHE A 153 46.03 0.24 0.55
N LEU A 154 46.94 1.18 0.78
CA LEU A 154 47.38 2.13 -0.25
C LEU A 154 48.61 1.62 -1.01
N PRO A 155 48.44 1.19 -2.27
CA PRO A 155 49.58 0.68 -3.02
C PRO A 155 50.76 1.66 -3.05
N SER A 156 51.94 1.12 -2.75
CA SER A 156 53.18 1.88 -2.73
C SER A 156 54.33 1.04 -3.29
N THR A 157 55.45 1.71 -3.51
CA THR A 157 56.64 1.12 -4.14
C THR A 157 57.62 0.51 -3.11
N GLU A 158 57.55 0.97 -1.86
CA GLU A 158 58.46 0.51 -0.80
C GLU A 158 57.97 -0.79 -0.16
N ASP A 159 56.65 -0.89 0.04
CA ASP A 159 56.03 -1.84 0.98
C ASP A 159 55.99 -3.31 0.57
N VAL A 160 56.43 -4.16 1.49
CA VAL A 160 56.27 -5.61 1.35
C VAL A 160 55.24 -6.08 2.38
N TYR A 161 54.31 -6.92 1.93
CA TYR A 161 53.24 -7.45 2.77
C TYR A 161 53.31 -8.97 2.94
N ASP A 162 52.88 -9.42 4.12
CA ASP A 162 52.82 -10.84 4.48
C ASP A 162 51.50 -11.22 5.12
N CYS A 163 50.87 -12.24 4.56
CA CYS A 163 49.88 -12.97 5.31
C CYS A 163 50.65 -14.07 6.04
N ARG A 164 50.62 -14.06 7.37
CA ARG A 164 51.24 -15.11 8.15
C ARG A 164 50.16 -16.07 8.67
N VAL A 165 50.24 -17.33 8.26
CA VAL A 165 49.23 -18.30 8.63
C VAL A 165 49.85 -19.39 9.52
N GLU A 166 49.30 -19.51 10.73
CA GLU A 166 49.63 -20.58 11.65
C GLU A 166 48.53 -21.66 11.65
N HIS A 167 48.94 -22.91 11.49
CA HIS A 167 48.05 -24.05 11.52
C HIS A 167 48.87 -25.25 11.97
N TRP A 168 48.27 -26.12 12.77
CA TRP A 168 48.98 -27.26 13.35
C TRP A 168 49.54 -28.27 12.33
N GLY A 169 49.04 -28.19 11.09
CA GLY A 169 49.52 -29.06 10.00
C GLY A 169 50.84 -28.63 9.41
N LEU A 170 51.35 -27.48 9.84
CA LEU A 170 52.60 -26.90 9.32
C LEU A 170 53.71 -26.95 10.37
N ASP A 171 54.95 -26.94 9.90
CA ASP A 171 56.13 -26.95 10.79
C ASP A 171 56.48 -25.58 11.36
N GLU A 172 56.50 -24.58 10.49
CA GLU A 172 56.73 -23.17 10.83
C GLU A 172 55.56 -22.36 10.24
N PRO A 173 55.25 -21.20 10.84
CA PRO A 173 54.26 -20.33 10.20
C PRO A 173 54.55 -20.16 8.71
N LEU A 174 53.50 -20.23 7.89
CA LEU A 174 53.63 -19.97 6.48
C LEU A 174 53.54 -18.47 6.24
N LEU A 175 54.53 -17.92 5.54
CA LEU A 175 54.59 -16.49 5.27
C LEU A 175 54.45 -16.23 3.78
N LYS A 176 53.42 -15.51 3.38
CA LYS A 176 53.18 -15.32 1.95
C LYS A 176 53.41 -13.88 1.49
N HIS A 177 54.50 -13.71 0.73
CA HIS A 177 54.94 -12.43 0.15
C HIS A 177 53.97 -11.79 -0.83
N TRP A 178 53.74 -10.48 -0.66
CA TRP A 178 53.19 -9.67 -1.73
C TRP A 178 53.82 -8.29 -1.78
N GLU A 179 54.27 -7.91 -2.98
CA GLU A 179 54.72 -6.54 -3.24
C GLU A 179 54.24 -5.99 -4.59
N PHE A 180 54.09 -4.66 -4.65
CA PHE A 180 53.75 -3.98 -5.87
C PHE A 180 54.98 -3.89 -6.78
N ASP A 181 54.93 -4.52 -7.95
CA ASP A 181 56.06 -4.44 -8.90
C ASP A 181 55.71 -3.67 -10.18
N ARG B 4 47.94 -31.61 21.18
CA ARG B 4 46.69 -31.98 21.92
C ARG B 4 45.56 -32.29 20.92
N PRO B 5 44.83 -33.42 21.13
CA PRO B 5 44.09 -34.01 19.99
C PRO B 5 42.73 -33.34 19.73
N ARG B 6 42.36 -33.23 18.45
CA ARG B 6 41.09 -32.62 18.07
C ARG B 6 40.13 -33.63 17.49
N PHE B 7 38.85 -33.38 17.69
CA PHE B 7 37.78 -34.25 17.14
C PHE B 7 36.70 -33.39 16.48
N LEU B 8 36.39 -33.66 15.21
CA LEU B 8 35.47 -32.82 14.42
C LEU B 8 34.25 -33.53 13.85
N TRP B 9 33.09 -32.91 14.01
CA TRP B 9 31.83 -33.41 13.45
C TRP B 9 31.33 -32.36 12.48
N GLN B 10 30.92 -32.81 11.31
CA GLN B 10 30.33 -31.90 10.33
C GLN B 10 29.02 -32.42 9.84
N LEU B 11 28.06 -31.52 9.72
CA LEU B 11 26.77 -31.85 9.18
C LEU B 11 26.49 -30.87 8.04
N LYS B 12 26.18 -31.42 6.88
CA LYS B 12 25.95 -30.62 5.69
C LYS B 12 24.66 -31.06 5.05
N PHE B 13 23.74 -30.11 4.88
CA PHE B 13 22.55 -30.31 4.04
C PHE B 13 22.74 -29.59 2.72
N GLU B 14 22.94 -30.38 1.66
CA GLU B 14 23.23 -29.85 0.31
C GLU B 14 22.03 -29.93 -0.63
N CYS B 15 21.56 -28.78 -1.10
CA CYS B 15 20.46 -28.78 -2.07
C CYS B 15 21.01 -28.57 -3.47
N HIS B 16 20.92 -29.60 -4.31
CA HIS B 16 21.46 -29.52 -5.67
C HIS B 16 20.34 -29.21 -6.68
N PHE B 17 20.47 -28.07 -7.35
CA PHE B 17 19.46 -27.62 -8.29
C PHE B 17 19.88 -27.75 -9.75
N PHE B 18 19.08 -28.48 -10.52
CA PHE B 18 19.30 -28.61 -11.97
C PHE B 18 18.18 -27.89 -12.71
N ASN B 19 18.53 -26.87 -13.50
CA ASN B 19 17.57 -25.97 -14.19
C ASN B 19 16.53 -25.37 -13.24
N GLY B 20 16.98 -24.43 -12.43
CA GLY B 20 16.16 -23.88 -11.37
C GLY B 20 15.70 -25.02 -10.48
N THR B 21 14.37 -25.16 -10.37
CA THR B 21 13.77 -26.07 -9.43
C THR B 21 13.10 -27.26 -10.12
N GLU B 22 13.46 -27.55 -11.37
CA GLU B 22 12.84 -28.69 -12.03
C GLU B 22 13.32 -30.03 -11.48
N ARG B 23 14.63 -30.29 -11.51
CA ARG B 23 15.18 -31.44 -10.80
C ARG B 23 15.98 -30.99 -9.57
N VAL B 24 15.62 -31.51 -8.41
CA VAL B 24 16.28 -31.17 -7.15
C VAL B 24 16.68 -32.43 -6.41
N ARG B 25 17.93 -32.49 -5.96
CA ARG B 25 18.45 -33.58 -5.15
C ARG B 25 18.82 -33.03 -3.77
N LEU B 26 18.54 -33.78 -2.71
CA LEU B 26 18.95 -33.39 -1.36
C LEU B 26 19.98 -34.34 -0.80
N LEU B 27 21.08 -33.76 -0.34
CA LEU B 27 22.17 -34.55 0.22
C LEU B 27 22.51 -34.12 1.65
N GLU B 28 22.21 -35.01 2.59
CA GLU B 28 22.49 -34.81 3.99
C GLU B 28 23.70 -35.65 4.34
N ARG B 29 24.77 -34.99 4.80
CA ARG B 29 26.03 -35.68 5.06
C ARG B 29 26.56 -35.42 6.47
N CYS B 30 27.00 -36.50 7.13
CA CYS B 30 27.72 -36.39 8.40
C CYS B 30 29.16 -36.78 8.16
N ILE B 31 30.07 -35.92 8.64
CA ILE B 31 31.51 -36.13 8.46
C ILE B 31 32.21 -36.04 9.81
N TYR B 32 32.88 -37.13 10.19
CA TYR B 32 33.71 -37.21 11.37
C TYR B 32 35.18 -37.22 10.97
N ASN B 33 35.93 -36.28 11.55
CA ASN B 33 37.33 -35.99 11.22
C ASN B 33 37.61 -36.19 9.76
N GLN B 34 37.09 -35.33 8.91
CA GLN B 34 37.40 -35.51 7.48
C GLN B 34 36.89 -36.78 6.76
N GLU B 35 36.27 -37.73 7.47
CA GLU B 35 35.73 -38.94 6.83
C GLU B 35 34.19 -38.98 6.88
N GLU B 36 33.56 -39.02 5.71
CA GLU B 36 32.12 -39.03 5.61
C GLU B 36 31.61 -40.39 6.02
N SER B 37 30.64 -40.41 6.93
CA SER B 37 30.24 -41.70 7.50
C SER B 37 28.84 -42.17 7.15
N VAL B 38 27.94 -41.22 6.93
CA VAL B 38 26.55 -41.57 6.68
C VAL B 38 25.89 -40.42 5.93
N ARG B 39 24.95 -40.75 5.04
CA ARG B 39 24.27 -39.77 4.20
C ARG B 39 22.81 -40.13 3.95
N PHE B 40 21.99 -39.09 3.80
CA PHE B 40 20.67 -39.23 3.22
C PHE B 40 20.66 -38.57 1.85
N ASP B 41 20.45 -39.39 0.83
CA ASP B 41 20.38 -38.91 -0.54
C ASP B 41 18.92 -39.06 -0.98
N SER B 42 18.27 -37.95 -1.30
CA SER B 42 16.89 -38.01 -1.73
C SER B 42 16.75 -38.92 -2.93
N ASP B 43 17.83 -39.11 -3.68
CA ASP B 43 17.80 -40.02 -4.83
C ASP B 43 17.63 -41.50 -4.45
N VAL B 44 18.06 -41.85 -3.24
CA VAL B 44 18.02 -43.20 -2.71
C VAL B 44 16.78 -43.36 -1.82
N GLY B 45 16.48 -42.32 -1.04
CA GLY B 45 15.29 -42.32 -0.19
C GLY B 45 15.41 -42.88 1.23
N GLU B 46 16.65 -43.15 1.65
CA GLU B 46 16.93 -43.56 3.02
C GLU B 46 18.40 -43.32 3.35
N TYR B 47 18.77 -43.42 4.63
CA TYR B 47 20.15 -43.24 5.07
C TYR B 47 21.01 -44.43 4.69
N ARG B 48 22.22 -44.16 4.16
CA ARG B 48 23.20 -45.20 3.84
C ARG B 48 24.51 -44.94 4.54
N ALA B 49 25.05 -45.94 5.23
CA ALA B 49 26.40 -45.84 5.75
C ALA B 49 27.39 -45.74 4.59
N VAL B 50 28.31 -44.80 4.72
CA VAL B 50 29.41 -44.65 3.79
C VAL B 50 30.56 -45.48 4.35
N THR B 51 30.84 -45.33 5.64
CA THR B 51 31.87 -46.13 6.30
C THR B 51 31.25 -46.92 7.44
N GLU B 52 31.96 -47.91 7.97
CA GLU B 52 31.50 -48.71 9.11
C GLU B 52 31.21 -47.84 10.33
N LEU B 53 32.01 -46.79 10.49
CA LEU B 53 31.75 -45.86 11.57
C LEU B 53 30.27 -45.45 11.62
N GLY B 54 29.68 -45.18 10.44
CA GLY B 54 28.34 -44.64 10.33
C GLY B 54 27.20 -45.66 10.26
N ARG B 55 27.57 -46.94 10.21
CA ARG B 55 26.61 -48.03 10.13
C ARG B 55 25.49 -47.98 11.21
N PRO B 56 25.85 -47.81 12.50
CA PRO B 56 24.73 -47.75 13.48
C PRO B 56 23.78 -46.55 13.30
N ASP B 57 24.28 -45.44 12.77
CA ASP B 57 23.45 -44.27 12.55
C ASP B 57 22.47 -44.49 11.40
N ALA B 58 22.92 -45.17 10.35
CA ALA B 58 22.01 -45.49 9.25
C ALA B 58 20.88 -46.43 9.70
N GLU B 59 21.19 -47.43 10.51
CA GLU B 59 20.17 -48.37 10.95
C GLU B 59 19.20 -47.73 11.91
N TYR B 60 19.71 -46.99 12.89
CA TYR B 60 18.80 -46.29 13.78
C TYR B 60 17.86 -45.30 13.06
N TRP B 61 18.44 -44.41 12.26
CA TRP B 61 17.66 -43.39 11.56
C TRP B 61 16.67 -43.98 10.55
N ASN B 62 17.04 -45.08 9.89
CA ASN B 62 16.13 -45.74 8.94
C ASN B 62 14.90 -46.37 9.59
N SER B 63 14.92 -46.50 10.92
CA SER B 63 13.81 -47.10 11.67
C SER B 63 12.91 -46.04 12.32
N GLN B 64 13.24 -44.75 12.15
CA GLN B 64 12.42 -43.64 12.61
C GLN B 64 11.61 -43.13 11.42
N LYS B 65 10.38 -43.62 11.29
CA LYS B 65 9.58 -43.39 10.07
C LYS B 65 9.27 -41.93 9.81
N ASP B 66 9.02 -41.18 10.92
CA ASP B 66 8.74 -39.75 10.87
C ASP B 66 9.86 -39.02 10.16
N LEU B 67 11.11 -39.17 10.66
CA LEU B 67 12.33 -38.64 10.08
C LEU B 67 12.51 -38.87 8.56
N LEU B 68 12.31 -40.10 8.11
CA LEU B 68 12.37 -40.40 6.68
C LEU B 68 11.33 -39.61 5.89
N GLU B 69 10.10 -39.63 6.40
CA GLU B 69 8.95 -39.09 5.68
C GLU B 69 9.26 -37.63 5.45
N GLN B 70 9.73 -37.01 6.53
CA GLN B 70 10.13 -35.62 6.57
C GLN B 70 11.28 -35.32 5.56
N ARG B 71 12.33 -36.14 5.56
CA ARG B 71 13.50 -35.91 4.68
C ARG B 71 13.09 -36.07 3.23
N ARG B 72 12.26 -37.06 2.93
CA ARG B 72 11.80 -37.33 1.59
C ARG B 72 10.96 -36.17 1.03
N ALA B 73 10.41 -35.30 1.88
CA ALA B 73 9.60 -34.18 1.39
C ALA B 73 10.37 -32.89 1.40
N ALA B 74 11.61 -32.97 1.90
CA ALA B 74 12.44 -31.80 2.13
C ALA B 74 12.85 -31.16 0.78
N VAL B 75 12.94 -32.01 -0.22
CA VAL B 75 13.16 -31.60 -1.59
C VAL B 75 12.15 -30.51 -2.02
N ASP B 76 10.92 -30.55 -1.51
CA ASP B 76 9.94 -29.49 -1.76
C ASP B 76 9.85 -28.47 -0.63
N THR B 77 9.82 -28.96 0.60
CA THR B 77 9.61 -28.09 1.77
C THR B 77 10.83 -27.27 2.14
N TYR B 78 12.00 -27.71 1.72
CA TYR B 78 13.24 -27.12 2.20
C TYR B 78 14.04 -26.63 1.02
N CYS B 79 14.51 -27.54 0.19
CA CYS B 79 15.29 -27.15 -0.99
C CYS B 79 14.58 -26.10 -1.86
N ARG B 80 13.43 -26.45 -2.44
CA ARG B 80 12.74 -25.53 -3.36
C ARG B 80 12.31 -24.28 -2.65
N HIS B 81 11.97 -24.43 -1.37
CA HIS B 81 11.59 -23.27 -0.56
C HIS B 81 12.75 -22.25 -0.49
N ASN B 82 13.92 -22.68 -0.04
CA ASN B 82 15.05 -21.78 0.05
C ASN B 82 15.46 -21.15 -1.28
N TYR B 83 15.43 -21.95 -2.34
CA TYR B 83 15.69 -21.40 -3.66
C TYR B 83 14.80 -20.16 -3.90
N GLY B 84 13.53 -20.26 -3.53
CA GLY B 84 12.60 -19.19 -3.78
C GLY B 84 12.88 -17.98 -2.93
N VAL B 85 13.13 -18.21 -1.64
CA VAL B 85 13.46 -17.15 -0.72
C VAL B 85 14.68 -16.40 -1.21
N GLY B 86 15.65 -17.12 -1.77
CA GLY B 86 16.93 -16.54 -2.12
C GLY B 86 17.16 -16.15 -3.56
N GLU B 87 16.17 -16.40 -4.42
CA GLU B 87 16.34 -16.19 -5.86
C GLU B 87 16.89 -14.82 -6.19
N SER B 88 16.27 -13.79 -5.63
CA SER B 88 16.43 -12.43 -6.12
C SER B 88 17.80 -11.84 -5.87
N PHE B 89 18.47 -12.36 -4.85
CA PHE B 89 19.77 -11.84 -4.45
C PHE B 89 20.89 -12.86 -4.56
N THR B 90 20.54 -14.09 -4.99
CA THR B 90 21.57 -15.08 -5.26
C THR B 90 21.59 -15.48 -6.74
N VAL B 91 20.59 -16.22 -7.16
CA VAL B 91 20.45 -16.69 -8.54
C VAL B 91 20.43 -15.58 -9.61
N GLN B 92 19.80 -14.45 -9.27
CA GLN B 92 19.66 -13.34 -10.19
C GLN B 92 20.54 -12.18 -9.77
N ARG B 93 21.56 -12.46 -8.98
CA ARG B 93 22.52 -11.41 -8.69
C ARG B 93 23.42 -11.19 -9.92
N ARG B 94 23.61 -9.93 -10.28
CA ARG B 94 24.42 -9.56 -11.43
C ARG B 94 25.31 -8.38 -11.06
N VAL B 95 26.62 -8.59 -11.12
CA VAL B 95 27.55 -7.47 -11.07
C VAL B 95 28.40 -7.44 -12.36
N GLU B 96 28.47 -6.25 -12.97
CA GLU B 96 29.23 -5.99 -14.20
C GLU B 96 30.73 -6.13 -13.94
N PRO B 97 31.43 -6.90 -14.78
CA PRO B 97 32.88 -7.04 -14.69
C PRO B 97 33.59 -5.72 -14.94
N LYS B 98 34.69 -5.45 -14.27
CA LYS B 98 35.55 -4.32 -14.63
C LYS B 98 36.76 -4.80 -15.41
N VAL B 99 36.82 -4.41 -16.69
CA VAL B 99 37.79 -4.98 -17.64
C VAL B 99 38.89 -3.99 -17.98
N THR B 100 40.13 -4.36 -17.69
CA THR B 100 41.28 -3.55 -18.11
C THR B 100 42.26 -4.45 -18.85
N VAL B 101 43.11 -3.82 -19.66
CA VAL B 101 44.11 -4.52 -20.47
C VAL B 101 45.45 -3.81 -20.35
N TYR B 102 46.47 -4.55 -19.93
CA TYR B 102 47.84 -4.04 -19.81
C TYR B 102 48.87 -5.10 -20.17
N PRO B 103 50.05 -4.69 -20.69
CA PRO B 103 51.14 -5.64 -21.00
C PRO B 103 52.00 -5.94 -19.76
N SER B 104 52.17 -7.22 -19.45
CA SER B 104 52.77 -7.67 -18.17
C SER B 104 54.21 -7.20 -18.01
N ASN B 113 56.65 -10.41 -25.34
CA ASN B 113 55.80 -9.78 -24.35
C ASN B 113 54.45 -10.49 -24.18
N LEU B 114 53.55 -9.89 -23.40
CA LEU B 114 52.42 -10.61 -22.86
C LEU B 114 51.30 -9.66 -22.47
N LEU B 115 50.17 -9.76 -23.18
CA LEU B 115 49.02 -8.89 -22.94
C LEU B 115 48.03 -9.46 -21.94
N VAL B 116 47.79 -8.70 -20.87
CA VAL B 116 46.93 -9.18 -19.81
C VAL B 116 45.57 -8.50 -19.90
N CYS B 117 44.52 -9.34 -19.90
CA CYS B 117 43.16 -8.88 -19.72
C CYS B 117 42.65 -9.25 -18.32
N SER B 118 42.45 -8.22 -17.49
CA SER B 118 41.93 -8.44 -16.16
C SER B 118 40.45 -8.21 -16.18
N VAL B 119 39.74 -9.07 -15.47
CA VAL B 119 38.29 -9.04 -15.43
C VAL B 119 37.97 -9.26 -13.98
N SER B 120 37.55 -8.20 -13.30
CA SER B 120 37.41 -8.29 -11.86
C SER B 120 36.07 -7.78 -11.38
N GLY B 121 35.72 -8.16 -10.15
CA GLY B 121 34.52 -7.71 -9.48
C GLY B 121 33.18 -8.17 -10.07
N PHE B 122 33.16 -9.30 -10.79
CA PHE B 122 31.91 -9.68 -11.45
C PHE B 122 31.10 -10.74 -10.71
N TYR B 123 29.80 -10.82 -10.96
CA TYR B 123 28.95 -11.91 -10.51
C TYR B 123 27.79 -12.14 -11.46
N PRO B 124 27.48 -13.42 -11.96
CA PRO B 124 28.10 -14.57 -11.29
C PRO B 124 29.32 -15.29 -11.88
N GLY B 125 29.53 -16.62 -11.71
CA GLY B 125 30.84 -17.13 -12.09
C GLY B 125 31.03 -17.48 -13.56
N SER B 126 29.94 -17.63 -14.29
CA SER B 126 30.05 -17.96 -15.72
C SER B 126 30.40 -16.75 -16.59
N ILE B 127 31.54 -16.87 -17.28
CA ILE B 127 32.09 -15.81 -18.10
C ILE B 127 32.85 -16.42 -19.28
N GLU B 128 32.90 -15.68 -20.39
CA GLU B 128 33.71 -16.07 -21.54
C GLU B 128 34.62 -14.92 -21.93
N VAL B 129 35.91 -15.18 -21.91
CA VAL B 129 36.91 -14.19 -22.22
C VAL B 129 37.65 -14.56 -23.50
N ARG B 130 37.66 -13.65 -24.47
CA ARG B 130 38.32 -13.91 -25.73
C ARG B 130 39.24 -12.78 -26.13
N TRP B 131 40.25 -13.14 -26.92
CA TRP B 131 41.23 -12.22 -27.46
C TRP B 131 41.14 -12.15 -29.00
N PHE B 132 41.40 -10.96 -29.53
CA PHE B 132 41.42 -10.74 -30.97
C PHE B 132 42.63 -9.91 -31.39
N ARG B 133 43.41 -10.48 -32.31
CA ARG B 133 44.51 -9.76 -32.98
C ARG B 133 43.97 -9.30 -34.33
N ASN B 134 43.77 -7.99 -34.45
CA ASN B 134 43.18 -7.37 -35.63
C ASN B 134 41.84 -7.98 -36.01
N GLY B 135 40.91 -7.89 -35.08
CA GLY B 135 39.53 -8.32 -35.29
C GLY B 135 39.36 -9.80 -35.58
N GLN B 136 40.40 -10.58 -35.33
CA GLN B 136 40.35 -12.03 -35.57
C GLN B 136 40.89 -12.85 -34.41
N GLU B 137 40.21 -13.97 -34.14
CA GLU B 137 40.40 -14.80 -32.95
C GLU B 137 41.85 -15.25 -32.69
N GLU B 138 42.15 -15.56 -31.43
CA GLU B 138 43.46 -16.09 -31.05
C GLU B 138 43.31 -17.13 -29.93
N LYS B 139 42.83 -18.32 -30.27
CA LYS B 139 42.68 -19.38 -29.24
C LYS B 139 44.02 -19.99 -28.83
N ALA B 140 45.02 -19.89 -29.69
CA ALA B 140 46.35 -20.42 -29.40
C ALA B 140 47.24 -19.32 -28.79
N GLY B 141 47.83 -19.63 -27.64
CA GLY B 141 48.70 -18.69 -26.93
C GLY B 141 48.03 -18.01 -25.74
N VAL B 142 46.86 -18.54 -25.37
CA VAL B 142 45.99 -17.97 -24.34
C VAL B 142 46.20 -18.66 -22.97
N VAL B 143 46.75 -17.91 -22.03
CA VAL B 143 47.04 -18.40 -20.67
C VAL B 143 46.11 -17.76 -19.63
N SER B 144 45.44 -18.58 -18.84
CA SER B 144 44.49 -18.09 -17.85
C SER B 144 44.77 -18.61 -16.44
N THR B 145 44.33 -17.84 -15.46
CA THR B 145 44.47 -18.19 -14.04
C THR B 145 43.35 -19.14 -13.64
N GLY B 146 42.29 -19.14 -14.44
CA GLY B 146 41.07 -19.77 -14.01
C GLY B 146 40.25 -18.76 -13.23
N LEU B 147 39.02 -19.15 -12.95
CA LEU B 147 38.08 -18.36 -12.18
C LEU B 147 38.47 -18.34 -10.69
N ILE B 148 38.71 -17.15 -10.15
CA ILE B 148 39.05 -16.96 -8.75
C ILE B 148 37.88 -16.37 -7.96
N GLN B 149 37.48 -17.06 -6.91
CA GLN B 149 36.38 -16.64 -6.05
C GLN B 149 36.93 -15.76 -4.93
N ASN B 150 36.52 -14.49 -4.91
CA ASN B 150 37.03 -13.52 -3.93
C ASN B 150 36.52 -13.66 -2.48
N GLY B 151 35.47 -14.45 -2.27
CA GLY B 151 34.81 -14.57 -0.95
C GLY B 151 33.80 -13.47 -0.57
N ASP B 152 33.58 -12.49 -1.44
CA ASP B 152 32.61 -11.43 -1.16
C ASP B 152 31.63 -11.29 -2.31
N TRP B 153 31.24 -12.44 -2.86
CA TRP B 153 30.24 -12.49 -3.93
C TRP B 153 30.70 -11.80 -5.21
N THR B 154 32.01 -11.75 -5.42
CA THR B 154 32.57 -11.31 -6.69
C THR B 154 33.64 -12.28 -7.11
N PHE B 155 33.76 -12.48 -8.41
CA PHE B 155 34.81 -13.31 -8.98
C PHE B 155 35.81 -12.39 -9.71
N GLN B 156 36.96 -12.95 -10.05
CA GLN B 156 37.90 -12.30 -10.93
C GLN B 156 38.66 -13.35 -11.74
N THR B 157 39.25 -12.89 -12.84
CA THR B 157 40.10 -13.74 -13.66
C THR B 157 41.09 -12.86 -14.47
N LEU B 158 42.26 -13.42 -14.77
CA LEU B 158 43.21 -12.76 -15.64
C LEU B 158 43.52 -13.70 -16.80
N VAL B 159 43.35 -13.19 -18.01
CA VAL B 159 43.57 -13.97 -19.21
C VAL B 159 44.72 -13.32 -19.98
N MET B 160 45.69 -14.14 -20.38
CA MET B 160 46.89 -13.61 -20.98
C MET B 160 47.16 -14.13 -22.38
N LEU B 161 47.62 -13.22 -23.24
CA LEU B 161 47.97 -13.57 -24.61
C LEU B 161 49.47 -13.38 -24.86
N GLU B 162 50.10 -14.47 -25.29
CA GLU B 162 51.48 -14.45 -25.73
C GLU B 162 51.53 -13.93 -27.17
N THR B 163 51.93 -12.67 -27.33
CA THR B 163 52.28 -12.10 -28.65
C THR B 163 53.27 -10.95 -28.46
N VAL B 164 54.21 -10.85 -29.39
CA VAL B 164 54.99 -9.64 -29.50
C VAL B 164 54.12 -8.63 -30.25
N PRO B 165 53.83 -7.49 -29.60
CA PRO B 165 52.97 -6.47 -30.21
C PRO B 165 53.71 -5.68 -31.28
N ARG B 166 53.29 -5.81 -32.54
CA ARG B 166 53.83 -4.98 -33.61
C ARG B 166 52.93 -3.74 -33.67
N SER B 167 53.50 -2.54 -33.53
CA SER B 167 52.69 -1.32 -33.47
C SER B 167 51.87 -1.10 -34.75
N GLY B 168 50.71 -0.48 -34.59
CA GLY B 168 49.75 -0.37 -35.68
C GLY B 168 48.72 -1.49 -35.62
N GLU B 169 49.00 -2.51 -34.80
CA GLU B 169 48.06 -3.60 -34.55
C GLU B 169 47.02 -3.27 -33.47
N VAL B 170 45.90 -3.97 -33.50
CA VAL B 170 44.89 -3.82 -32.46
C VAL B 170 44.71 -5.15 -31.73
N TYR B 171 44.67 -5.09 -30.42
CA TYR B 171 44.28 -6.26 -29.64
C TYR B 171 43.01 -5.95 -28.88
N THR B 172 42.10 -6.91 -28.88
CA THR B 172 40.82 -6.73 -28.24
C THR B 172 40.56 -7.85 -27.22
N CYS B 173 40.33 -7.44 -25.97
CA CYS B 173 39.79 -8.36 -24.97
C CYS B 173 38.26 -8.33 -24.97
N GLN B 174 37.64 -9.42 -25.41
CA GLN B 174 36.17 -9.52 -25.42
C GLN B 174 35.65 -10.38 -24.28
N VAL B 175 34.70 -9.82 -23.55
CA VAL B 175 34.19 -10.46 -22.34
C VAL B 175 32.67 -10.58 -22.41
N GLU B 176 32.16 -11.81 -22.40
CA GLU B 176 30.71 -12.00 -22.30
C GLU B 176 30.23 -12.57 -20.95
N HIS B 177 29.17 -11.97 -20.42
CA HIS B 177 28.78 -12.21 -19.05
C HIS B 177 27.30 -11.91 -18.87
N PRO B 178 26.58 -12.75 -18.10
CA PRO B 178 25.15 -12.56 -17.86
C PRO B 178 24.76 -11.17 -17.40
N SER B 179 25.72 -10.32 -17.04
CA SER B 179 25.35 -8.97 -16.58
C SER B 179 25.26 -7.93 -17.72
N VAL B 180 25.68 -8.32 -18.92
CA VAL B 180 25.56 -7.46 -20.10
C VAL B 180 24.86 -8.19 -21.23
N THR B 181 23.91 -7.50 -21.87
CA THR B 181 23.16 -8.09 -22.98
C THR B 181 24.06 -8.31 -24.19
N SER B 182 24.83 -7.30 -24.55
CA SER B 182 25.89 -7.44 -25.55
C SER B 182 27.29 -7.34 -24.92
N PRO B 183 28.30 -7.99 -25.54
CA PRO B 183 29.59 -8.18 -24.87
C PRO B 183 30.38 -6.89 -24.65
N LEU B 184 31.30 -6.92 -23.69
CA LEU B 184 32.27 -5.85 -23.47
C LEU B 184 33.58 -6.13 -24.18
N THR B 185 34.14 -5.08 -24.78
CA THR B 185 35.39 -5.13 -25.50
C THR B 185 36.28 -3.97 -25.06
N VAL B 186 37.50 -4.30 -24.65
CA VAL B 186 38.52 -3.31 -24.41
C VAL B 186 39.60 -3.52 -25.47
N GLU B 187 40.04 -2.43 -26.08
CA GLU B 187 41.09 -2.47 -27.09
C GLU B 187 42.42 -1.93 -26.57
N TRP B 188 43.48 -2.38 -27.22
CA TRP B 188 44.84 -1.94 -26.93
C TRP B 188 45.66 -1.88 -28.23
N ARG B 189 46.12 -0.68 -28.57
CA ARG B 189 46.71 -0.37 -29.86
C ARG B 189 48.22 -0.17 -29.83
N ALA B 190 48.79 0.15 -30.99
CA ALA B 190 50.20 0.56 -31.17
C ALA B 190 51.19 -0.28 -30.36
N GLY C 1 12.88 -9.76 5.75
CA GLY C 1 11.87 -10.22 4.76
C GLY C 1 11.42 -11.66 5.02
N GLU C 2 11.32 -12.45 3.95
CA GLU C 2 10.84 -13.85 3.97
C GLU C 2 11.81 -14.76 4.72
N LEU C 3 11.33 -15.85 5.29
CA LEU C 3 12.13 -16.66 6.22
C LEU C 3 12.83 -17.85 5.54
N ILE C 4 14.13 -18.01 5.81
CA ILE C 4 14.85 -19.20 5.36
C ILE C 4 14.52 -20.41 6.25
N GLY C 5 14.35 -21.57 5.61
CA GLY C 5 14.01 -22.80 6.28
C GLY C 5 15.22 -23.57 6.74
N ILE C 6 15.03 -24.42 7.74
CA ILE C 6 16.11 -25.17 8.34
C ILE C 6 15.78 -26.64 8.34
N LEU C 7 16.78 -27.48 8.15
CA LEU C 7 16.59 -28.88 8.46
C LEU C 7 17.20 -29.16 9.83
N ASN C 8 16.52 -29.97 10.61
CA ASN C 8 17.04 -30.28 11.95
C ASN C 8 18.14 -31.35 11.93
N ALA C 9 19.14 -31.13 12.78
CA ALA C 9 20.16 -32.16 13.04
C ALA C 9 19.57 -33.38 13.73
N ALA C 10 19.70 -34.54 13.13
CA ALA C 10 19.26 -35.81 13.72
C ALA C 10 20.22 -36.29 14.81
N LYS C 11 19.66 -36.69 15.95
CA LYS C 11 20.45 -37.25 17.07
C LYS C 11 20.94 -38.65 16.74
N VAL C 12 22.23 -38.90 16.84
CA VAL C 12 22.76 -40.24 16.64
C VAL C 12 22.35 -41.13 17.81
N PRO C 13 22.27 -42.45 17.60
CA PRO C 13 21.69 -43.30 18.66
C PRO C 13 22.55 -43.31 19.93
N ALA C 14 21.88 -43.26 21.08
CA ALA C 14 22.59 -43.14 22.36
C ALA C 14 23.35 -44.42 22.73
N ASP C 15 24.04 -44.35 23.88
CA ASP C 15 24.94 -45.40 24.43
C ASP C 15 26.15 -45.63 23.50
N ILE D 1 2.73 -19.56 9.23
CA ILE D 1 2.26 -18.37 9.99
C ILE D 1 0.72 -18.25 10.01
N GLN D 2 0.04 -18.45 8.88
CA GLN D 2 -1.43 -18.67 8.91
C GLN D 2 -1.87 -20.08 8.47
N VAL D 3 -2.83 -20.63 9.23
CA VAL D 3 -3.32 -22.00 9.05
C VAL D 3 -4.85 -21.97 9.03
N GLU D 4 -5.47 -22.06 7.84
CA GLU D 4 -6.94 -22.05 7.68
C GLU D 4 -7.54 -23.46 7.63
N GLN D 5 -8.54 -23.76 8.44
CA GLN D 5 -9.26 -25.03 8.33
C GLN D 5 -10.70 -24.84 7.80
N SER D 6 -11.19 -25.79 7.04
CA SER D 6 -12.57 -25.79 6.60
C SER D 6 -13.15 -27.17 6.62
N PRO D 7 -14.51 -27.39 6.90
CA PRO D 7 -15.27 -26.22 7.39
C PRO D 7 -15.10 -25.91 8.86
N PRO D 8 -15.79 -24.94 9.44
CA PRO D 8 -15.55 -24.70 10.88
C PRO D 8 -16.31 -25.72 11.72
N ASP D 9 -17.39 -26.26 11.16
CA ASP D 9 -18.11 -27.36 11.83
C ASP D 9 -19.05 -28.10 10.93
N LEU D 10 -19.46 -29.26 11.39
CA LEU D 10 -19.95 -30.29 10.51
C LEU D 10 -20.75 -31.26 11.31
N ILE D 11 -21.87 -31.69 10.74
CA ILE D 11 -22.72 -32.68 11.39
C ILE D 11 -22.96 -33.79 10.41
N LEU D 12 -22.66 -35.01 10.80
CA LEU D 12 -22.84 -36.12 9.90
C LEU D 12 -23.75 -37.15 10.51
N GLN D 13 -24.32 -37.97 9.65
CA GLN D 13 -24.96 -39.17 10.13
C GLN D 13 -24.01 -40.35 9.95
N GLU D 14 -23.93 -41.17 10.99
CA GLU D 14 -23.11 -42.36 10.97
C GLU D 14 -23.19 -43.09 9.62
N GLY D 15 -22.04 -43.26 8.98
CA GLY D 15 -21.93 -43.96 7.70
C GLY D 15 -21.53 -43.02 6.57
N ALA D 16 -21.70 -41.72 6.79
CA ALA D 16 -21.39 -40.70 5.81
C ALA D 16 -19.89 -40.51 5.72
N ASN D 17 -19.42 -40.06 4.56
CA ASN D 17 -18.02 -39.69 4.34
C ASN D 17 -17.85 -38.18 4.27
N SER D 18 -16.70 -37.67 4.66
CA SER D 18 -16.36 -36.30 4.34
C SER D 18 -14.90 -35.99 4.31
N THR D 19 -14.62 -34.76 3.93
CA THR D 19 -13.30 -34.24 3.75
C THR D 19 -13.13 -32.98 4.59
N LEU D 20 -12.15 -33.01 5.47
CA LEU D 20 -11.75 -31.83 6.20
C LEU D 20 -10.55 -31.30 5.47
N ARG D 21 -10.44 -29.98 5.37
CA ARG D 21 -9.39 -29.35 4.58
C ARG D 21 -8.57 -28.48 5.47
N CYS D 22 -7.35 -28.26 5.06
CA CYS D 22 -6.45 -27.41 5.79
C CYS D 22 -5.60 -26.72 4.75
N ASN D 23 -5.56 -25.40 4.80
CA ASN D 23 -4.71 -24.59 3.93
C ASN D 23 -3.72 -23.77 4.75
N PHE D 24 -2.51 -23.60 4.21
CA PHE D 24 -1.45 -22.96 4.98
C PHE D 24 -0.56 -22.09 4.10
N SER D 25 -0.03 -21.02 4.68
CA SER D 25 0.57 -19.94 3.91
C SER D 25 2.07 -19.98 3.72
N ASP D 26 2.75 -21.02 4.22
CA ASP D 26 4.20 -21.17 4.05
C ASP D 26 4.62 -22.63 3.94
N SER D 27 5.86 -22.87 3.51
CA SER D 27 6.42 -24.22 3.45
C SER D 27 6.52 -24.77 4.85
N VAL D 28 6.25 -26.05 4.93
CA VAL D 28 5.99 -26.69 6.18
C VAL D 28 6.74 -28.02 6.17
N ASN D 29 7.71 -28.15 7.09
CA ASN D 29 8.50 -29.38 7.24
C ASN D 29 7.67 -30.63 7.38
N ASN D 30 6.64 -30.57 8.22
CA ASN D 30 5.67 -31.63 8.31
C ASN D 30 4.37 -31.06 8.79
N LEU D 31 3.33 -31.85 8.58
CA LEU D 31 1.98 -31.47 8.91
C LEU D 31 1.40 -32.62 9.70
N GLN D 32 0.61 -32.31 10.72
CA GLN D 32 0.05 -33.33 11.60
C GLN D 32 -1.45 -33.08 11.85
N TRP D 33 -2.22 -34.16 11.92
CA TRP D 33 -3.65 -34.05 12.14
C TRP D 33 -4.00 -34.58 13.52
N PHE D 34 -4.81 -33.84 14.26
CA PHE D 34 -5.19 -34.29 15.60
C PHE D 34 -6.70 -34.38 15.76
N HIS D 35 -7.12 -35.30 16.62
CA HIS D 35 -8.47 -35.39 17.16
C HIS D 35 -8.42 -34.95 18.62
N GLN D 36 -9.26 -34.01 19.02
CA GLN D 36 -9.39 -33.62 20.41
C GLN D 36 -10.78 -33.94 20.96
N ASN D 37 -10.84 -34.88 21.89
CA ASN D 37 -12.09 -35.26 22.57
C ASN D 37 -12.53 -34.18 23.55
N PRO D 38 -13.82 -34.22 23.99
CA PRO D 38 -14.37 -33.21 24.91
C PRO D 38 -13.60 -32.99 26.22
N TRP D 39 -12.97 -34.05 26.74
CA TRP D 39 -12.13 -33.88 27.93
C TRP D 39 -10.87 -33.03 27.65
N GLY D 40 -10.47 -32.97 26.37
CA GLY D 40 -9.35 -32.13 25.95
C GLY D 40 -8.10 -32.90 25.54
N GLN D 41 -8.21 -34.23 25.51
CA GLN D 41 -7.12 -35.08 25.03
C GLN D 41 -6.94 -35.05 23.50
N LEU D 42 -5.77 -34.58 23.07
CA LEU D 42 -5.38 -34.58 21.66
C LEU D 42 -4.81 -35.92 21.26
N ILE D 43 -5.29 -36.47 20.14
CA ILE D 43 -4.79 -37.75 19.61
C ILE D 43 -4.28 -37.48 18.19
N ASN D 44 -3.04 -37.90 17.91
CA ASN D 44 -2.45 -37.74 16.57
C ASN D 44 -3.06 -38.77 15.65
N LEU D 45 -3.48 -38.31 14.49
CA LEU D 45 -4.03 -39.17 13.46
C LEU D 45 -2.98 -39.44 12.38
N PHE D 46 -2.21 -38.40 12.04
CA PHE D 46 -1.27 -38.49 10.94
C PHE D 46 -0.13 -37.53 11.10
N TYR D 47 1.07 -38.06 10.86
CA TYR D 47 2.24 -37.28 10.56
C TYR D 47 2.38 -37.41 9.04
N ILE D 48 2.16 -36.31 8.30
CA ILE D 48 2.12 -36.40 6.84
C ILE D 48 2.59 -35.10 6.13
N PRO D 49 3.90 -35.02 5.81
CA PRO D 49 4.45 -33.91 5.04
C PRO D 49 4.07 -33.95 3.56
N SER D 50 3.86 -35.15 3.02
CA SER D 50 3.60 -35.29 1.59
C SER D 50 2.95 -36.63 1.30
N GLY D 51 2.26 -36.76 0.17
CA GLY D 51 1.71 -38.03 -0.24
C GLY D 51 0.39 -38.32 0.45
N THR D 52 0.05 -39.60 0.52
CA THR D 52 -1.23 -40.08 0.97
C THR D 52 -0.98 -41.19 1.98
N LYS D 53 -1.66 -41.14 3.12
CA LYS D 53 -1.54 -42.21 4.10
C LYS D 53 -2.92 -42.70 4.49
N GLN D 54 -3.04 -44.01 4.68
CA GLN D 54 -4.27 -44.66 5.14
C GLN D 54 -4.06 -45.24 6.52
N ASN D 55 -5.02 -45.02 7.41
CA ASN D 55 -5.10 -45.84 8.59
C ASN D 55 -6.54 -46.17 8.88
N GLY D 56 -6.99 -47.26 8.29
CA GLY D 56 -8.35 -47.70 8.48
C GLY D 56 -9.32 -46.81 7.74
N ARG D 57 -10.31 -46.30 8.46
CA ARG D 57 -11.35 -45.51 7.86
C ARG D 57 -10.86 -44.09 7.65
N LEU D 58 -9.68 -43.76 8.16
CA LEU D 58 -9.13 -42.43 7.95
C LEU D 58 -8.00 -42.47 6.94
N SER D 59 -7.95 -41.47 6.09
CA SER D 59 -6.81 -41.29 5.23
C SER D 59 -6.56 -39.79 5.06
N ALA D 60 -5.34 -39.46 4.67
CA ALA D 60 -4.95 -38.06 4.52
C ALA D 60 -4.00 -37.89 3.34
N THR D 61 -4.06 -36.72 2.72
CA THR D 61 -3.19 -36.34 1.62
C THR D 61 -2.61 -34.97 1.87
N THR D 62 -1.31 -34.84 1.69
CA THR D 62 -0.66 -33.55 1.75
C THR D 62 0.06 -33.27 0.42
N VAL D 63 -0.23 -32.11 -0.15
CA VAL D 63 0.42 -31.67 -1.37
C VAL D 63 1.26 -30.47 -0.98
N ALA D 64 2.52 -30.73 -0.65
CA ALA D 64 3.47 -29.73 -0.13
C ALA D 64 3.66 -28.46 -0.96
N THR D 65 3.75 -28.62 -2.27
CA THR D 65 3.93 -27.47 -3.16
C THR D 65 2.69 -26.57 -3.18
N GLU D 66 1.51 -27.19 -3.17
CA GLU D 66 0.26 -26.44 -3.17
C GLU D 66 -0.18 -25.97 -1.79
N ARG D 67 0.42 -26.55 -0.75
CA ARG D 67 0.21 -26.08 0.61
C ARG D 67 -1.18 -26.34 1.19
N TYR D 68 -1.68 -27.54 0.95
CA TYR D 68 -2.94 -27.97 1.56
C TYR D 68 -2.86 -29.43 1.95
N SER D 69 -3.80 -29.82 2.81
CA SER D 69 -3.94 -31.19 3.25
C SER D 69 -5.44 -31.45 3.38
N LEU D 70 -5.84 -32.64 2.97
CA LEU D 70 -7.19 -33.09 3.12
C LEU D 70 -7.21 -34.30 4.04
N LEU D 71 -8.24 -34.36 4.89
CA LEU D 71 -8.44 -35.46 5.81
C LEU D 71 -9.75 -36.13 5.51
N TYR D 72 -9.68 -37.41 5.14
CA TYR D 72 -10.84 -38.17 4.68
C TYR D 72 -11.34 -39.08 5.77
N ILE D 73 -12.63 -38.98 6.03
CA ILE D 73 -13.27 -39.84 7.00
C ILE D 73 -14.27 -40.61 6.22
N SER D 74 -13.98 -41.89 6.02
CA SER D 74 -14.90 -42.82 5.39
C SER D 74 -15.80 -43.38 6.46
N SER D 75 -17.03 -43.65 6.07
CA SER D 75 -17.94 -44.44 6.90
C SER D 75 -17.86 -43.91 8.32
N SER D 76 -18.38 -42.70 8.53
CA SER D 76 -18.24 -42.02 9.82
C SER D 76 -18.94 -42.74 10.98
N GLN D 77 -18.57 -42.36 12.20
CA GLN D 77 -18.84 -43.17 13.39
C GLN D 77 -19.00 -42.23 14.60
N THR D 78 -19.93 -42.53 15.50
CA THR D 78 -20.19 -41.61 16.63
C THR D 78 -18.94 -41.27 17.43
N THR D 79 -18.02 -42.23 17.51
CA THR D 79 -16.77 -42.01 18.21
C THR D 79 -15.81 -41.04 17.51
N ASP D 80 -16.06 -40.73 16.22
CA ASP D 80 -15.23 -39.73 15.51
C ASP D 80 -15.53 -38.28 15.94
N SER D 81 -16.67 -38.05 16.62
CA SER D 81 -17.07 -36.73 17.10
C SER D 81 -15.96 -36.09 17.92
N GLY D 82 -15.76 -34.79 17.74
CA GLY D 82 -14.76 -34.04 18.50
C GLY D 82 -14.28 -32.85 17.66
N VAL D 83 -13.10 -32.33 17.96
CA VAL D 83 -12.51 -31.30 17.12
C VAL D 83 -11.22 -31.78 16.41
N TYR D 84 -11.14 -31.52 15.11
CA TYR D 84 -10.02 -31.96 14.24
C TYR D 84 -9.12 -30.79 13.91
N PHE D 85 -7.84 -30.86 14.31
CA PHE D 85 -6.86 -29.81 14.02
C PHE D 85 -5.84 -30.30 13.02
N CYS D 86 -5.52 -29.49 12.02
CA CYS D 86 -4.22 -29.62 11.36
C CYS D 86 -3.30 -28.69 12.10
N ALA D 87 -2.09 -29.18 12.36
CA ALA D 87 -1.03 -28.35 12.90
C ALA D 87 0.22 -28.57 12.06
N VAL D 88 1.11 -27.60 12.10
CA VAL D 88 2.05 -27.40 11.02
C VAL D 88 3.40 -27.08 11.59
N ASP D 89 4.42 -27.80 11.15
CA ASP D 89 5.79 -27.61 11.63
C ASP D 89 6.50 -26.76 10.60
N ARG D 90 6.30 -25.45 10.69
CA ARG D 90 6.86 -24.49 9.75
C ARG D 90 8.34 -24.75 9.51
N GLY D 91 8.72 -24.84 8.24
CA GLY D 91 10.08 -25.19 7.88
C GLY D 91 11.15 -24.25 8.41
N SER D 92 10.79 -22.98 8.59
CA SER D 92 11.74 -21.99 9.10
C SER D 92 11.79 -21.84 10.63
N THR D 93 10.91 -22.51 11.37
CA THR D 93 10.93 -22.50 12.84
C THR D 93 11.09 -23.89 13.46
N LEU D 94 12.18 -24.12 14.18
CA LEU D 94 12.34 -25.38 14.91
C LEU D 94 11.52 -25.42 16.17
N GLY D 95 10.91 -26.59 16.42
CA GLY D 95 10.34 -26.92 17.71
C GLY D 95 9.07 -26.20 18.11
N ARG D 96 8.07 -26.25 17.23
CA ARG D 96 6.88 -25.44 17.40
C ARG D 96 5.85 -25.98 16.43
N LEU D 97 4.62 -26.22 16.89
CA LEU D 97 3.56 -26.43 15.92
C LEU D 97 2.64 -25.21 15.89
N TYR D 98 2.08 -24.91 14.72
CA TYR D 98 1.06 -23.86 14.61
C TYR D 98 -0.21 -24.55 14.25
N PHE D 99 -1.25 -24.25 15.02
CA PHE D 99 -2.54 -24.90 14.91
C PHE D 99 -3.51 -24.05 14.11
N GLY D 100 -4.42 -24.70 13.40
CA GLY D 100 -5.60 -24.01 12.90
C GLY D 100 -6.61 -23.93 14.02
N ARG D 101 -7.80 -23.37 13.74
CA ARG D 101 -8.84 -23.18 14.74
C ARG D 101 -9.64 -24.46 14.98
N GLY D 102 -9.39 -25.48 14.16
CA GLY D 102 -10.12 -26.74 14.26
C GLY D 102 -11.34 -26.79 13.35
N THR D 103 -11.85 -28.00 13.15
CA THR D 103 -13.14 -28.24 12.52
C THR D 103 -13.88 -29.08 13.53
N GLN D 104 -15.00 -28.57 14.04
CA GLN D 104 -15.79 -29.36 14.96
C GLN D 104 -16.69 -30.36 14.23
N LEU D 105 -16.58 -31.63 14.61
CA LEU D 105 -17.38 -32.66 13.99
C LEU D 105 -18.31 -33.31 14.98
N THR D 106 -19.57 -33.46 14.56
CA THR D 106 -20.54 -34.19 15.33
C THR D 106 -21.13 -35.25 14.45
N VAL D 107 -21.09 -36.50 14.92
CA VAL D 107 -21.64 -37.61 14.16
C VAL D 107 -22.74 -38.31 14.96
N TRP D 108 -23.98 -38.21 14.48
CA TRP D 108 -25.10 -38.85 15.15
C TRP D 108 -25.41 -40.21 14.53
N PRO D 109 -26.02 -41.12 15.31
CA PRO D 109 -26.33 -42.47 14.91
C PRO D 109 -27.44 -42.54 13.84
N ASP D 110 -27.45 -43.63 13.09
CA ASP D 110 -28.48 -43.89 12.10
C ASP D 110 -29.51 -44.76 12.80
N ILE D 111 -30.54 -44.13 13.37
CA ILE D 111 -31.54 -44.87 14.11
C ILE D 111 -32.50 -45.52 13.13
N GLN D 112 -32.36 -46.84 12.96
CA GLN D 112 -33.13 -47.53 11.93
C GLN D 112 -34.58 -47.79 12.37
N LYS D 113 -34.75 -48.24 13.61
CA LYS D 113 -36.10 -48.43 14.15
C LYS D 113 -36.44 -47.39 15.22
N PRO D 114 -36.78 -46.14 14.82
CA PRO D 114 -37.08 -45.13 15.83
C PRO D 114 -38.30 -45.50 16.67
N ASP D 115 -38.26 -45.14 17.95
CA ASP D 115 -39.37 -45.37 18.88
C ASP D 115 -39.49 -44.14 19.79
N PRO D 116 -39.68 -42.94 19.19
CA PRO D 116 -39.69 -41.72 20.00
C PRO D 116 -40.70 -41.81 21.13
N ALA D 117 -40.24 -41.52 22.35
CA ALA D 117 -41.06 -41.61 23.55
C ALA D 117 -40.61 -40.58 24.57
N VAL D 118 -41.52 -40.18 25.46
CA VAL D 118 -41.19 -39.25 26.54
C VAL D 118 -41.62 -39.88 27.87
N TYR D 119 -40.69 -39.98 28.81
CA TYR D 119 -40.95 -40.67 30.07
C TYR D 119 -40.73 -39.75 31.26
N GLN D 120 -41.38 -40.04 32.38
CA GLN D 120 -41.15 -39.29 33.60
C GLN D 120 -40.54 -40.21 34.66
N LEU D 121 -39.52 -39.71 35.35
CA LEU D 121 -38.73 -40.55 36.26
C LEU D 121 -38.79 -40.04 37.70
N ARG D 122 -38.51 -40.92 38.67
CA ARG D 122 -38.56 -40.59 40.10
C ARG D 122 -37.20 -40.76 40.77
N ASP D 123 -36.97 -40.00 41.86
CA ASP D 123 -35.71 -40.07 42.62
C ASP D 123 -35.79 -40.93 43.89
N SER D 130 -39.19 -34.89 39.64
CA SER D 130 -38.86 -34.14 38.43
C SER D 130 -38.36 -35.12 37.37
N VAL D 131 -37.79 -34.58 36.29
CA VAL D 131 -37.03 -35.36 35.27
C VAL D 131 -37.87 -36.10 34.22
N CYS D 132 -37.98 -35.47 33.06
CA CYS D 132 -38.54 -36.09 31.86
C CYS D 132 -37.44 -36.49 30.89
N LEU D 133 -37.68 -37.59 30.19
CA LEU D 133 -36.70 -38.14 29.28
C LEU D 133 -37.30 -38.35 27.91
N PHE D 134 -36.85 -37.54 26.95
CA PHE D 134 -37.13 -37.76 25.56
C PHE D 134 -36.04 -38.70 25.05
N THR D 135 -36.44 -39.88 24.60
CA THR D 135 -35.48 -40.87 24.11
C THR D 135 -35.98 -41.62 22.87
N ASP D 136 -35.06 -42.33 22.21
CA ASP D 136 -35.33 -43.20 21.05
C ASP D 136 -35.81 -42.53 19.76
N PHE D 137 -35.75 -41.20 19.74
CA PHE D 137 -36.05 -40.44 18.54
C PHE D 137 -34.86 -40.50 17.57
N ASP D 138 -35.13 -40.45 16.27
CA ASP D 138 -34.07 -40.51 15.26
C ASP D 138 -33.22 -39.22 15.19
N SER D 139 -32.08 -39.29 14.51
CA SER D 139 -31.06 -38.24 14.60
C SER D 139 -31.36 -36.89 13.93
N GLN D 140 -32.43 -36.81 13.13
CA GLN D 140 -32.83 -35.54 12.52
C GLN D 140 -33.60 -34.59 13.47
N THR D 141 -34.02 -35.07 14.64
CA THR D 141 -34.75 -34.25 15.61
C THR D 141 -33.87 -33.19 16.33
N ASN D 142 -34.29 -31.92 16.29
CA ASN D 142 -33.63 -30.85 17.06
C ASN D 142 -34.29 -30.71 18.43
N VAL D 143 -33.49 -30.44 19.45
CA VAL D 143 -34.07 -30.21 20.78
C VAL D 143 -33.91 -28.75 21.21
N SER D 144 -35.03 -28.15 21.59
CA SER D 144 -35.09 -26.72 21.88
C SER D 144 -34.66 -26.43 23.31
N GLN D 145 -33.81 -25.40 23.47
CA GLN D 145 -33.21 -25.02 24.76
C GLN D 145 -34.11 -24.02 25.51
N TYR D 152 -35.51 -26.30 32.59
CA TYR D 152 -34.20 -26.78 32.14
C TYR D 152 -34.26 -27.96 31.16
N ILE D 153 -33.80 -27.74 29.92
CA ILE D 153 -33.78 -28.78 28.90
C ILE D 153 -32.36 -28.95 28.32
N THR D 154 -31.82 -30.17 28.39
CA THR D 154 -30.51 -30.47 27.79
C THR D 154 -30.62 -30.79 26.33
N ASP D 155 -29.51 -30.63 25.61
CA ASP D 155 -29.41 -31.08 24.25
C ASP D 155 -29.38 -32.61 24.15
N LYS D 156 -29.54 -33.12 22.93
CA LYS D 156 -29.49 -34.55 22.67
C LYS D 156 -28.09 -35.14 22.87
N CYS D 157 -28.03 -36.46 23.10
CA CYS D 157 -26.77 -37.16 23.03
C CYS D 157 -26.94 -38.66 22.87
N VAL D 158 -25.99 -39.25 22.14
CA VAL D 158 -26.03 -40.66 21.78
C VAL D 158 -25.51 -41.49 22.94
N LEU D 159 -26.08 -42.66 23.11
CA LEU D 159 -25.49 -43.64 23.99
C LEU D 159 -25.39 -44.98 23.25
N ASP D 160 -24.35 -45.74 23.57
CA ASP D 160 -23.99 -46.92 22.81
C ASP D 160 -24.03 -48.04 23.83
N MET D 161 -24.98 -48.95 23.67
CA MET D 161 -24.90 -50.21 24.40
C MET D 161 -24.09 -51.16 23.53
N ARG D 162 -22.78 -50.88 23.52
CA ARG D 162 -21.80 -51.41 22.57
C ARG D 162 -21.96 -52.91 22.29
N SER D 163 -22.31 -53.68 23.33
CA SER D 163 -22.35 -55.14 23.25
C SER D 163 -23.63 -55.76 22.68
N MET D 164 -24.66 -54.95 22.47
CA MET D 164 -25.86 -55.43 21.80
C MET D 164 -26.11 -54.64 20.54
N ASP D 165 -25.05 -53.99 20.06
CA ASP D 165 -25.09 -53.15 18.85
C ASP D 165 -26.33 -52.28 18.85
N PHE D 166 -26.48 -51.50 19.91
CA PHE D 166 -27.63 -50.62 20.06
C PHE D 166 -27.22 -49.21 20.47
N LYS D 167 -27.63 -48.23 19.68
CA LYS D 167 -27.42 -46.82 19.99
C LYS D 167 -28.74 -46.07 20.06
N SER D 168 -28.83 -45.05 20.91
CA SER D 168 -30.04 -44.26 21.02
C SER D 168 -29.78 -42.81 21.43
N ASN D 169 -30.63 -41.89 20.95
CA ASN D 169 -30.56 -40.49 21.34
C ASN D 169 -31.51 -40.24 22.48
N SER D 170 -31.20 -39.24 23.29
CA SER D 170 -32.00 -38.87 24.44
C SER D 170 -31.73 -37.41 24.81
N ALA D 171 -32.67 -36.80 25.51
CA ALA D 171 -32.45 -35.50 26.15
C ALA D 171 -33.21 -35.51 27.45
N VAL D 172 -32.90 -34.56 28.32
CA VAL D 172 -33.49 -34.49 29.64
C VAL D 172 -34.06 -33.10 29.93
N ALA D 173 -35.23 -33.07 30.58
CA ALA D 173 -35.84 -31.83 31.03
C ALA D 173 -36.28 -31.95 32.47
N TRP D 174 -36.12 -30.88 33.23
CA TRP D 174 -36.65 -30.79 34.61
C TRP D 174 -36.97 -29.34 34.99
N SER D 175 -37.85 -29.16 36.00
CA SER D 175 -38.39 -27.86 36.47
C SER D 175 -38.57 -26.75 35.41
N ALA D 181 -44.92 -30.83 34.50
CA ALA D 181 -45.13 -32.09 33.77
C ALA D 181 -44.47 -32.10 32.38
N CYS D 182 -44.27 -33.32 31.87
CA CYS D 182 -43.52 -33.54 30.64
C CYS D 182 -44.13 -32.91 29.41
N ALA D 183 -45.41 -33.19 29.18
CA ALA D 183 -46.10 -32.85 27.93
C ALA D 183 -45.82 -31.41 27.46
N ASN D 184 -45.60 -30.52 28.42
CA ASN D 184 -45.19 -29.15 28.16
C ASN D 184 -43.75 -29.09 27.66
N ALA D 185 -42.84 -29.61 28.49
CA ALA D 185 -41.39 -29.56 28.29
C ALA D 185 -40.97 -29.72 26.82
N PHE D 186 -41.47 -30.78 26.19
CA PHE D 186 -41.25 -31.01 24.77
C PHE D 186 -42.60 -30.88 24.04
N ASN D 188 -44.17 -28.81 22.50
CA ASN D 188 -43.27 -27.70 22.24
C ASN D 188 -42.43 -27.95 20.99
N SER D 189 -41.10 -27.94 21.18
CA SER D 189 -40.09 -28.42 20.23
C SER D 189 -40.59 -29.57 19.36
N ILE D 190 -40.60 -29.35 18.04
CA ILE D 190 -41.02 -30.36 17.08
C ILE D 190 -40.56 -31.78 17.51
N ILE D 191 -41.41 -32.44 18.29
CA ILE D 191 -41.24 -33.86 18.58
C ILE D 191 -41.96 -34.64 17.47
N PRO D 192 -41.46 -35.84 17.12
CA PRO D 192 -42.04 -36.60 16.01
C PRO D 192 -43.57 -36.68 16.03
N GLU D 193 -44.15 -36.79 14.85
CA GLU D 193 -45.61 -36.81 14.66
C GLU D 193 -46.33 -37.96 15.39
N ASP D 194 -45.57 -38.82 16.07
CA ASP D 194 -46.13 -39.97 16.80
C ASP D 194 -45.22 -40.50 17.95
N THR D 195 -44.79 -39.60 18.81
CA THR D 195 -44.05 -39.94 20.01
C THR D 195 -44.95 -40.71 20.98
N PHE D 196 -44.38 -41.61 21.77
CA PHE D 196 -45.14 -42.40 22.74
C PHE D 196 -45.16 -41.75 24.15
N PHE D 197 -46.34 -41.29 24.56
CA PHE D 197 -46.53 -40.48 25.76
C PHE D 197 -47.43 -41.18 26.76
N PRO D 198 -46.87 -41.75 27.85
CA PRO D 198 -47.69 -42.32 28.91
C PRO D 198 -47.86 -41.39 30.10
N SER D 199 -48.76 -41.75 31.02
CA SER D 199 -49.01 -41.05 32.28
C SER D 199 -48.96 -39.52 32.17
N GLY E 1 2.68 -42.82 28.19
CA GLY E 1 2.06 -41.54 27.73
C GLY E 1 2.60 -40.34 28.48
N VAL E 2 2.44 -39.16 27.91
CA VAL E 2 2.73 -37.90 28.60
C VAL E 2 1.76 -37.74 29.78
N THR E 3 2.28 -37.31 30.92
CA THR E 3 1.45 -37.01 32.07
C THR E 3 1.58 -35.54 32.50
N GLN E 4 0.55 -35.04 33.16
CA GLN E 4 0.56 -33.66 33.65
C GLN E 4 -0.07 -33.60 35.03
N SER E 5 0.37 -32.69 35.88
CA SER E 5 -0.34 -32.38 37.11
C SER E 5 -0.39 -30.90 37.20
N PRO E 6 -1.39 -30.24 37.94
CA PRO E 6 -2.57 -31.02 38.22
C PRO E 6 -3.56 -31.00 37.10
N THR E 7 -4.63 -31.76 37.23
CA THR E 7 -5.64 -31.88 36.21
C THR E 7 -6.43 -30.56 36.08
N HIS E 8 -6.80 -29.98 37.23
CA HIS E 8 -7.53 -28.69 37.31
C HIS E 8 -6.86 -27.78 38.34
N LEU E 9 -7.06 -26.45 38.22
CA LEU E 9 -6.56 -25.49 39.21
C LEU E 9 -7.38 -24.20 39.15
N ILE E 10 -7.87 -23.74 40.29
CA ILE E 10 -8.50 -22.44 40.37
C ILE E 10 -7.55 -21.50 41.09
N LYS E 11 -7.47 -20.27 40.60
CA LYS E 11 -6.57 -19.25 41.15
C LYS E 11 -7.20 -17.87 41.09
N THR E 12 -6.91 -17.06 42.11
CA THR E 12 -7.45 -15.72 42.16
C THR E 12 -6.46 -14.77 41.48
N ARG E 13 -6.98 -13.74 40.83
CA ARG E 13 -6.18 -12.71 40.18
C ARG E 13 -4.97 -12.33 41.03
N GLY E 14 -3.79 -12.31 40.42
CA GLY E 14 -2.57 -11.94 41.14
C GLY E 14 -1.79 -13.06 41.81
N GLN E 15 -2.39 -14.22 42.00
CA GLN E 15 -1.67 -15.41 42.52
C GLN E 15 -0.66 -16.03 41.52
N GLN E 16 -0.08 -17.18 41.86
CA GLN E 16 0.85 -17.88 40.96
C GLN E 16 0.60 -19.39 40.88
N ALA E 17 0.82 -19.94 39.69
CA ALA E 17 0.60 -21.36 39.39
C ALA E 17 1.86 -22.07 38.94
N THR E 18 1.95 -23.34 39.32
CA THR E 18 3.03 -24.22 38.90
C THR E 18 2.40 -25.46 38.28
N LEU E 19 2.70 -25.71 37.01
CA LEU E 19 2.16 -26.87 36.30
C LEU E 19 3.28 -27.85 36.04
N ARG E 20 2.97 -29.14 36.17
CA ARG E 20 3.99 -30.16 35.99
C ARG E 20 3.75 -30.96 34.73
N CYS E 21 4.83 -31.49 34.16
CA CYS E 21 4.75 -32.37 33.01
C CYS E 21 5.86 -33.41 32.99
N SER E 22 5.51 -34.61 32.55
CA SER E 22 6.49 -35.65 32.25
C SER E 22 6.32 -36.10 30.80
N PRO E 23 7.43 -36.17 30.05
CA PRO E 23 7.39 -36.59 28.66
C PRO E 23 7.31 -38.11 28.60
N ILE E 24 7.06 -38.66 27.43
CA ILE E 24 7.12 -40.10 27.23
C ILE E 24 8.58 -40.51 27.48
N SER E 25 8.81 -41.63 28.18
CA SER E 25 10.17 -42.12 28.35
C SER E 25 10.83 -42.32 26.98
N GLY E 26 12.02 -41.74 26.83
CA GLY E 26 12.71 -41.78 25.55
C GLY E 26 12.71 -40.39 24.94
N HIS E 27 11.62 -39.66 25.15
CA HIS E 27 11.54 -38.30 24.64
C HIS E 27 12.32 -37.36 25.54
N THR E 28 13.00 -36.42 24.92
CA THR E 28 13.95 -35.59 25.65
C THR E 28 13.54 -34.12 25.51
N SER E 29 12.58 -33.89 24.60
CA SER E 29 11.97 -32.59 24.30
C SER E 29 10.59 -32.42 24.96
N VAL E 30 10.32 -31.20 25.44
CA VAL E 30 9.03 -30.88 26.06
C VAL E 30 8.52 -29.56 25.49
N TYR E 31 7.21 -29.52 25.21
CA TYR E 31 6.57 -28.35 24.64
C TYR E 31 5.42 -27.97 25.54
N TRP E 32 5.30 -26.68 25.82
CA TRP E 32 4.09 -26.17 26.48
C TRP E 32 3.29 -25.36 25.49
N TYR E 33 1.97 -25.55 25.51
CA TYR E 33 1.01 -24.80 24.69
C TYR E 33 -0.13 -24.29 25.59
N GLN E 34 -0.67 -23.14 25.22
CA GLN E 34 -1.88 -22.61 25.82
C GLN E 34 -3.04 -22.67 24.85
N GLN E 35 -4.13 -23.30 25.29
CA GLN E 35 -5.40 -23.34 24.55
C GLN E 35 -6.48 -22.54 25.30
N ALA E 36 -6.85 -21.39 24.74
CA ALA E 36 -7.86 -20.48 25.31
C ALA E 36 -9.09 -20.44 24.42
N LEU E 37 -10.00 -19.50 24.73
CA LEU E 37 -11.20 -19.13 23.93
C LEU E 37 -11.23 -19.74 22.53
N GLY E 40 -8.02 -23.37 19.58
CA GLY E 40 -6.69 -23.44 18.92
C GLY E 40 -5.52 -23.13 19.86
N LEU E 41 -4.50 -23.99 19.85
CA LEU E 41 -3.39 -23.84 20.80
C LEU E 41 -2.38 -22.80 20.38
N GLN E 42 -1.82 -22.11 21.37
CA GLN E 42 -0.69 -21.22 21.15
C GLN E 42 0.58 -21.75 21.83
N PHE E 43 1.70 -21.65 21.12
CA PHE E 43 2.98 -22.14 21.62
C PHE E 43 3.60 -21.28 22.69
N LEU E 44 4.00 -21.92 23.79
CA LEU E 44 4.66 -21.26 24.92
C LEU E 44 6.18 -21.43 24.96
N LEU E 45 6.64 -22.66 25.22
CA LEU E 45 8.06 -22.91 25.44
C LEU E 45 8.49 -24.28 24.93
N TRP E 46 9.77 -24.36 24.53
CA TRP E 46 10.37 -25.65 24.13
C TRP E 46 11.67 -25.93 24.88
N TYR E 47 11.72 -27.10 25.52
CA TYR E 47 12.94 -27.58 26.19
C TYR E 47 13.43 -28.88 25.60
N ASP E 48 14.75 -29.00 25.50
CA ASP E 48 15.42 -30.23 25.15
C ASP E 48 16.69 -30.31 25.99
N GLU E 49 16.97 -31.50 26.53
CA GLU E 49 18.15 -31.76 27.36
C GLU E 49 18.36 -30.65 28.41
N GLY E 50 17.31 -30.33 29.15
CA GLY E 50 17.39 -29.36 30.25
C GLY E 50 17.38 -27.89 29.88
N GLU E 51 17.43 -27.57 28.59
CA GLU E 51 17.64 -26.19 28.13
C GLU E 51 16.47 -25.56 27.34
N GLU E 52 16.13 -24.31 27.67
CA GLU E 52 15.14 -23.56 26.92
C GLU E 52 15.68 -23.32 25.53
N ARG E 53 15.11 -24.03 24.56
CA ARG E 53 15.54 -23.92 23.17
C ARG E 53 14.81 -22.78 22.48
N ASN E 54 13.56 -22.56 22.89
CA ASN E 54 12.70 -21.58 22.24
C ASN E 54 11.50 -21.18 23.10
N ARG E 55 10.85 -20.09 22.70
CA ARG E 55 9.81 -19.45 23.50
C ARG E 55 8.86 -18.65 22.60
N GLY E 56 7.55 -18.80 22.81
CA GLY E 56 6.53 -18.05 22.07
C GLY E 56 6.35 -16.61 22.52
N ASN E 57 5.20 -16.02 22.21
CA ASN E 57 4.97 -14.57 22.43
C ASN E 57 4.25 -14.20 23.74
N PHE E 58 4.89 -14.52 24.85
CA PHE E 58 4.29 -14.41 26.17
C PHE E 58 5.19 -13.59 27.09
N PRO E 59 4.58 -12.76 27.97
CA PRO E 59 5.33 -11.95 28.94
C PRO E 59 6.24 -12.81 29.82
N PRO E 60 7.28 -12.21 30.42
CA PRO E 60 8.21 -12.85 31.38
C PRO E 60 7.52 -13.42 32.63
N ARG E 61 6.30 -12.94 32.94
CA ARG E 61 5.40 -13.55 33.93
C ARG E 61 5.28 -15.07 33.73
N PHE E 62 5.09 -15.49 32.48
CA PHE E 62 5.21 -16.88 32.03
C PHE E 62 6.69 -17.28 31.96
N SER E 63 7.05 -18.34 32.69
CA SER E 63 8.42 -18.86 32.75
C SER E 63 8.40 -20.33 33.14
N GLY E 64 9.50 -21.04 32.89
CA GLY E 64 9.57 -22.47 33.21
C GLY E 64 10.99 -23.03 33.22
N ARG E 65 11.09 -24.36 33.16
CA ARG E 65 12.39 -25.03 33.15
C ARG E 65 12.16 -26.52 32.96
N GLN E 66 13.23 -27.24 32.62
CA GLN E 66 13.18 -28.69 32.50
C GLN E 66 14.26 -29.28 33.39
N PHE E 67 13.93 -30.37 34.08
CA PHE E 67 14.84 -30.99 35.03
C PHE E 67 15.64 -32.08 34.31
N PRO E 68 16.74 -32.55 34.93
CA PRO E 68 17.66 -33.54 34.36
C PRO E 68 17.01 -34.87 33.98
N ASN E 69 15.89 -35.21 34.60
CA ASN E 69 15.14 -36.40 34.23
C ASN E 69 14.07 -36.09 33.19
N TYR E 70 14.08 -34.86 32.69
CA TYR E 70 13.28 -34.45 31.52
C TYR E 70 11.84 -34.06 31.79
N SER E 71 11.39 -34.26 33.03
CA SER E 71 10.11 -33.70 33.45
C SER E 71 10.29 -32.18 33.50
N SER E 72 9.20 -31.43 33.35
CA SER E 72 9.32 -29.96 33.42
C SER E 72 8.21 -29.24 34.18
N GLU E 73 8.46 -27.97 34.45
CA GLU E 73 7.55 -27.14 35.20
C GLU E 73 7.31 -25.85 34.48
N LEU E 74 6.04 -25.54 34.32
CA LEU E 74 5.61 -24.26 33.80
C LEU E 74 5.09 -23.48 35.00
N ASN E 75 5.56 -22.25 35.12
CA ASN E 75 5.22 -21.40 36.27
C ASN E 75 4.76 -20.03 35.82
N VAL E 76 3.52 -19.67 36.17
CA VAL E 76 2.94 -18.37 35.79
C VAL E 76 2.68 -17.53 37.04
N ASN E 77 2.91 -16.22 36.97
CA ASN E 77 3.19 -15.48 38.20
C ASN E 77 2.25 -14.37 38.69
N ALA E 78 1.86 -13.46 37.83
CA ALA E 78 0.96 -12.39 38.22
C ALA E 78 -0.36 -12.59 37.47
N LEU E 79 -1.00 -13.73 37.77
CA LEU E 79 -2.12 -14.24 36.97
C LEU E 79 -3.20 -13.23 36.66
N GLU E 80 -3.72 -13.33 35.43
CA GLU E 80 -4.81 -12.47 34.96
C GLU E 80 -5.99 -13.32 34.52
N LEU E 81 -7.14 -12.69 34.37
CA LEU E 81 -8.34 -13.40 33.95
C LEU E 81 -8.10 -14.07 32.60
N GLU E 82 -7.33 -13.40 31.74
CA GLU E 82 -7.00 -13.89 30.40
C GLU E 82 -6.14 -15.16 30.38
N ASP E 83 -5.44 -15.43 31.49
CA ASP E 83 -4.57 -16.59 31.59
C ASP E 83 -5.37 -17.88 31.72
N SER E 84 -6.70 -17.76 31.83
CA SER E 84 -7.58 -18.93 31.95
C SER E 84 -7.57 -19.71 30.65
N ALA E 85 -7.19 -20.99 30.73
CA ALA E 85 -6.97 -21.81 29.55
C ALA E 85 -6.67 -23.27 29.93
N LEU E 86 -6.73 -24.14 28.93
CA LEU E 86 -6.17 -25.50 29.03
C LEU E 86 -4.69 -25.38 28.65
N TYR E 87 -3.81 -25.79 29.54
CA TYR E 87 -2.38 -25.71 29.28
C TYR E 87 -1.93 -27.11 28.96
N LEU E 88 -1.41 -27.29 27.75
CA LEU E 88 -1.13 -28.61 27.25
C LEU E 88 0.37 -28.84 27.17
N CYS E 89 0.76 -30.06 27.47
CA CYS E 89 2.13 -30.43 27.42
C CYS E 89 2.31 -31.52 26.38
N ALA E 90 3.43 -31.45 25.66
CA ALA E 90 3.72 -32.43 24.63
C ALA E 90 5.17 -32.82 24.65
N SER E 91 5.45 -34.08 24.32
CA SER E 91 6.81 -34.48 24.06
C SER E 91 6.97 -35.06 22.64
N SER E 92 8.21 -35.04 22.15
CA SER E 92 8.57 -35.64 20.86
C SER E 92 10.05 -35.67 20.61
N GLN E 93 10.47 -36.52 19.67
CA GLN E 93 11.72 -36.32 18.96
C GLN E 93 11.58 -35.03 18.13
N ILE E 94 12.64 -34.23 18.05
CA ILE E 94 12.57 -32.96 17.33
C ILE E 94 12.07 -33.14 15.90
N ARG E 95 11.06 -32.34 15.56
CA ARG E 95 10.46 -32.28 14.23
C ARG E 95 9.79 -33.57 13.82
N GLU E 96 9.49 -34.42 14.80
CA GLU E 96 8.68 -35.62 14.55
C GLU E 96 7.32 -35.49 15.23
N THR E 97 6.53 -36.54 15.29
CA THR E 97 5.15 -36.51 15.81
C THR E 97 5.09 -35.99 17.26
N GLN E 98 4.09 -35.09 17.57
CA GLN E 98 3.98 -34.62 18.96
C GLN E 98 2.89 -35.37 19.72
N TYR E 99 3.19 -35.73 20.95
CA TYR E 99 2.25 -36.47 21.77
C TYR E 99 1.90 -35.58 22.93
N PHE E 100 0.62 -35.50 23.25
CA PHE E 100 0.11 -34.53 24.19
C PHE E 100 -0.38 -35.19 25.47
N GLY E 101 -0.24 -34.49 26.58
CA GLY E 101 -0.76 -34.96 27.85
C GLY E 101 -2.20 -34.51 28.00
N PRO E 102 -2.83 -34.83 29.15
CA PRO E 102 -4.27 -34.57 29.30
C PRO E 102 -4.59 -33.11 29.64
N GLY E 103 -3.58 -32.33 30.03
CA GLY E 103 -3.75 -30.90 30.22
C GLY E 103 -3.96 -30.47 31.66
N THR E 104 -3.67 -29.20 31.93
CA THR E 104 -4.04 -28.58 33.20
C THR E 104 -5.05 -27.52 32.85
N ARG E 105 -6.25 -27.68 33.40
CA ARG E 105 -7.37 -26.78 33.18
C ARG E 105 -7.36 -25.70 34.26
N LEU E 106 -6.87 -24.51 33.91
CA LEU E 106 -6.57 -23.47 34.88
C LEU E 106 -7.54 -22.29 34.77
N LEU E 107 -8.27 -22.02 35.85
CA LEU E 107 -9.24 -20.94 35.86
C LEU E 107 -8.82 -19.79 36.77
N VAL E 108 -8.73 -18.58 36.21
CA VAL E 108 -8.41 -17.38 37.02
C VAL E 108 -9.58 -16.43 37.20
N LEU E 109 -10.04 -16.34 38.44
CA LEU E 109 -11.21 -15.54 38.80
C LEU E 109 -10.83 -14.31 39.60
N GLU E 110 -11.76 -13.34 39.69
CA GLU E 110 -11.56 -12.14 40.50
C GLU E 110 -11.55 -12.54 41.97
N ASP E 111 -12.49 -13.40 42.35
CA ASP E 111 -12.48 -14.06 43.67
C ASP E 111 -13.20 -15.41 43.67
N LEU E 112 -13.28 -16.05 44.82
CA LEU E 112 -13.82 -17.38 44.91
C LEU E 112 -15.22 -17.48 45.37
N LYS E 113 -15.87 -16.37 45.58
CA LYS E 113 -17.16 -16.34 46.25
C LYS E 113 -18.24 -17.00 45.47
N ASN E 114 -17.98 -17.31 44.22
CA ASN E 114 -18.99 -17.88 43.38
C ASN E 114 -18.71 -19.31 43.09
N VAL E 115 -17.91 -19.94 43.92
CA VAL E 115 -17.50 -21.30 43.71
C VAL E 115 -18.36 -22.20 44.54
N PHE E 116 -19.07 -23.09 43.87
CA PHE E 116 -19.99 -24.04 44.53
C PHE E 116 -19.80 -25.47 44.02
N PRO E 117 -19.80 -26.46 44.92
CA PRO E 117 -19.77 -27.88 44.51
C PRO E 117 -21.13 -28.25 43.93
N PRO E 118 -21.26 -29.43 43.30
CA PRO E 118 -22.59 -29.82 42.87
C PRO E 118 -23.46 -30.49 43.93
N GLU E 119 -24.76 -30.45 43.69
CA GLU E 119 -25.72 -31.35 44.31
C GLU E 119 -25.96 -32.44 43.28
N VAL E 120 -26.00 -33.69 43.72
CA VAL E 120 -26.17 -34.82 42.82
C VAL E 120 -27.35 -35.70 43.22
N ALA E 121 -28.18 -36.06 42.25
CA ALA E 121 -29.33 -36.94 42.49
C ALA E 121 -29.53 -37.95 41.35
N VAL E 122 -30.02 -39.14 41.69
CA VAL E 122 -30.33 -40.16 40.69
C VAL E 122 -31.82 -40.47 40.52
N PHE E 123 -32.23 -40.62 39.27
CA PHE E 123 -33.63 -40.85 38.92
C PHE E 123 -33.81 -42.21 38.27
N GLU E 124 -34.61 -43.07 38.92
CA GLU E 124 -34.84 -44.45 38.51
C GLU E 124 -35.71 -44.49 37.26
N PRO E 125 -35.50 -45.51 36.40
CA PRO E 125 -36.28 -45.64 35.16
C PRO E 125 -37.77 -45.76 35.40
N SER E 126 -38.55 -45.21 34.48
CA SER E 126 -40.00 -45.35 34.53
C SER E 126 -40.42 -46.80 34.24
N GLU E 127 -41.57 -47.19 34.79
CA GLU E 127 -42.17 -48.49 34.50
C GLU E 127 -42.65 -48.52 33.05
N ALA E 128 -43.01 -47.34 32.54
CA ALA E 128 -43.49 -47.19 31.19
C ALA E 128 -42.42 -47.51 30.15
N GLU E 129 -41.18 -47.11 30.40
CA GLU E 129 -40.05 -47.43 29.51
C GLU E 129 -39.82 -48.94 29.42
N ILE E 130 -39.65 -49.59 30.57
CA ILE E 130 -39.38 -51.02 30.67
C ILE E 130 -40.40 -51.88 29.91
N SER E 131 -41.69 -51.61 30.12
CA SER E 131 -42.76 -52.34 29.43
C SER E 131 -42.67 -52.14 27.93
N HIS E 132 -42.30 -50.92 27.54
CA HIS E 132 -42.25 -50.53 26.14
C HIS E 132 -41.04 -51.08 25.35
N THR E 133 -39.84 -50.96 25.93
CA THR E 133 -38.59 -51.21 25.19
C THR E 133 -37.75 -52.34 25.75
N GLN E 134 -38.03 -52.72 27.00
CA GLN E 134 -37.25 -53.72 27.75
C GLN E 134 -35.86 -53.20 28.10
N LYS E 135 -35.80 -51.88 28.26
CA LYS E 135 -34.58 -51.16 28.56
C LYS E 135 -34.90 -50.15 29.65
N ALA E 136 -33.90 -49.86 30.48
CA ALA E 136 -34.07 -48.97 31.62
C ALA E 136 -32.99 -47.91 31.63
N THR E 137 -33.42 -46.65 31.68
CA THR E 137 -32.52 -45.53 31.62
C THR E 137 -32.53 -44.84 32.96
N LEU E 138 -31.40 -44.87 33.66
CA LEU E 138 -31.20 -44.06 34.84
C LEU E 138 -30.69 -42.69 34.42
N VAL E 139 -31.12 -41.64 35.11
CA VAL E 139 -30.66 -40.30 34.82
C VAL E 139 -30.02 -39.75 36.07
N CYS E 140 -28.87 -39.15 35.90
CA CYS E 140 -28.20 -38.47 36.98
C CYS E 140 -28.21 -36.96 36.72
N LEU E 141 -28.39 -36.20 37.79
CA LEU E 141 -28.39 -34.74 37.67
C LEU E 141 -27.40 -34.13 38.60
N ALA E 142 -26.56 -33.28 38.06
CA ALA E 142 -25.60 -32.57 38.85
C ALA E 142 -25.91 -31.11 38.61
N THR E 143 -26.21 -30.40 39.69
CA THR E 143 -26.77 -29.05 39.59
C THR E 143 -26.06 -28.14 40.56
N GLY E 144 -26.06 -26.87 40.24
CA GLY E 144 -25.59 -25.82 41.09
C GLY E 144 -24.11 -25.73 41.31
N PHE E 145 -23.32 -26.22 40.39
CA PHE E 145 -21.90 -26.15 40.57
C PHE E 145 -21.27 -25.05 39.82
N TYR E 146 -20.16 -24.62 40.34
CA TYR E 146 -19.34 -23.70 39.64
C TYR E 146 -17.99 -23.91 40.21
N PRO E 147 -16.83 -23.80 39.42
CA PRO E 147 -17.04 -23.74 37.98
C PRO E 147 -17.26 -25.07 37.34
N ASP E 148 -17.15 -25.06 36.03
CA ASP E 148 -17.48 -26.15 35.14
C ASP E 148 -16.47 -27.26 35.19
N HIS E 149 -15.83 -27.40 36.33
CA HIS E 149 -14.75 -28.37 36.48
C HIS E 149 -15.25 -29.63 37.15
N VAL E 150 -15.87 -30.50 36.36
CA VAL E 150 -16.47 -31.74 36.86
C VAL E 150 -16.21 -32.97 35.98
N GLU E 151 -16.22 -34.16 36.59
CA GLU E 151 -16.16 -35.43 35.86
C GLU E 151 -17.23 -36.34 36.41
N LEU E 152 -18.08 -36.85 35.52
CA LEU E 152 -19.20 -37.69 35.92
C LEU E 152 -18.98 -39.14 35.48
N SER E 153 -19.27 -40.07 36.38
CA SER E 153 -19.13 -41.49 36.08
C SER E 153 -20.19 -42.34 36.75
N TRP E 154 -20.55 -43.41 36.08
CA TRP E 154 -21.45 -44.39 36.62
C TRP E 154 -20.65 -45.59 37.12
N TRP E 155 -21.16 -46.18 38.19
CA TRP E 155 -20.55 -47.36 38.76
C TRP E 155 -21.67 -48.34 38.93
N VAL E 156 -21.41 -49.58 38.54
CA VAL E 156 -22.39 -50.64 38.70
C VAL E 156 -21.68 -51.77 39.44
N ASN E 157 -22.20 -52.10 40.63
CA ASN E 157 -21.57 -53.05 41.55
C ASN E 157 -20.08 -52.75 41.76
N GLY E 158 -19.79 -51.48 42.10
CA GLY E 158 -18.42 -51.03 42.45
C GLY E 158 -17.37 -51.02 41.34
N LYS E 159 -17.82 -51.04 40.09
CA LYS E 159 -16.92 -51.02 38.93
C LYS E 159 -17.36 -50.03 37.85
N GLU E 160 -16.42 -49.21 37.36
CA GLU E 160 -16.72 -48.14 36.39
C GLU E 160 -17.21 -48.65 35.06
N VAL E 161 -18.12 -47.89 34.45
CA VAL E 161 -18.89 -48.33 33.29
C VAL E 161 -18.91 -47.23 32.21
N HIS E 162 -18.76 -47.64 30.94
CA HIS E 162 -18.86 -46.69 29.81
C HIS E 162 -19.87 -47.12 28.77
N SER E 163 -20.06 -48.43 28.62
CA SER E 163 -21.08 -48.94 27.71
C SER E 163 -22.44 -48.56 28.28
N GLY E 164 -23.35 -48.12 27.41
CA GLY E 164 -24.68 -47.66 27.79
C GLY E 164 -24.77 -46.30 28.46
N VAL E 165 -23.71 -45.50 28.37
CA VAL E 165 -23.65 -44.22 29.05
C VAL E 165 -23.59 -43.04 28.08
N CYS E 166 -24.39 -42.01 28.37
CA CYS E 166 -24.21 -40.70 27.76
C CYS E 166 -24.22 -39.61 28.81
N THR E 167 -23.24 -38.72 28.74
CA THR E 167 -23.19 -37.52 29.54
C THR E 167 -23.21 -36.37 28.56
N ASP E 168 -23.70 -35.21 28.99
CA ASP E 168 -23.81 -34.05 28.10
C ASP E 168 -22.45 -33.54 27.60
N PRO E 169 -22.32 -33.35 26.26
CA PRO E 169 -21.09 -32.87 25.63
C PRO E 169 -20.40 -31.78 26.47
N GLN E 170 -21.12 -30.71 26.77
CA GLN E 170 -20.70 -29.75 27.80
C GLN E 170 -21.96 -29.09 28.37
N PRO E 171 -21.88 -28.51 29.59
CA PRO E 171 -23.02 -28.25 30.45
C PRO E 171 -23.80 -26.96 30.18
N LEU E 172 -25.00 -26.85 30.75
CA LEU E 172 -25.81 -25.63 30.61
C LEU E 172 -25.88 -24.80 31.89
N LYS E 173 -26.04 -23.49 31.70
CA LYS E 173 -26.10 -22.51 32.78
C LYS E 173 -27.49 -22.44 33.41
N GLU E 174 -27.55 -22.48 34.74
CA GLU E 174 -28.82 -22.40 35.47
C GLU E 174 -29.56 -21.08 35.21
N GLN E 175 -28.80 -20.03 34.94
CA GLN E 175 -29.36 -18.72 34.59
C GLN E 175 -28.62 -18.13 33.38
N PRO E 176 -29.07 -18.50 32.18
CA PRO E 176 -28.43 -18.26 30.89
C PRO E 176 -27.88 -16.84 30.69
N ALA E 177 -28.65 -15.81 31.05
CA ALA E 177 -28.19 -14.44 30.86
C ALA E 177 -27.51 -13.92 32.12
N LEU E 178 -26.24 -14.29 32.29
CA LEU E 178 -25.50 -13.94 33.50
C LEU E 178 -24.02 -14.30 33.36
N ASN E 179 -23.19 -13.25 33.25
CA ASN E 179 -21.73 -13.42 33.22
C ASN E 179 -21.19 -13.93 34.55
N ASP E 180 -21.61 -15.14 34.96
CA ASP E 180 -21.16 -15.82 36.20
C ASP E 180 -22.11 -16.92 36.74
N SER E 181 -23.06 -17.37 35.91
CA SER E 181 -24.07 -18.34 36.34
C SER E 181 -23.49 -19.65 36.89
N ARG E 182 -24.31 -20.39 37.63
CA ARG E 182 -23.96 -21.76 38.04
C ARG E 182 -24.35 -22.74 36.94
N TYR E 183 -24.01 -24.02 37.14
CA TYR E 183 -24.05 -25.00 36.06
C TYR E 183 -24.83 -26.24 36.39
N ALA E 184 -25.40 -26.85 35.34
CA ALA E 184 -26.03 -28.14 35.46
C ALA E 184 -25.48 -29.11 34.40
N LEU E 185 -25.65 -30.40 34.66
CA LEU E 185 -25.21 -31.45 33.76
C LEU E 185 -26.02 -32.72 34.01
N SER E 186 -26.44 -33.36 32.93
CA SER E 186 -27.14 -34.63 33.02
C SER E 186 -26.38 -35.73 32.31
N SER E 187 -26.69 -36.97 32.68
CA SER E 187 -26.09 -38.15 32.10
C SER E 187 -27.11 -39.25 32.26
N ARG E 188 -27.16 -40.14 31.28
CA ARG E 188 -28.04 -41.28 31.33
C ARG E 188 -27.21 -42.54 31.31
N LEU E 189 -27.75 -43.60 31.89
CA LEU E 189 -27.19 -44.93 31.80
C LEU E 189 -28.30 -45.89 31.45
N ARG E 190 -28.16 -46.57 30.33
CA ARG E 190 -29.19 -47.50 29.89
C ARG E 190 -28.68 -48.93 30.01
N VAL E 191 -29.47 -49.76 30.70
CA VAL E 191 -29.22 -51.19 30.79
C VAL E 191 -30.51 -51.87 30.36
N SER E 192 -30.51 -53.19 30.24
CA SER E 192 -31.73 -53.90 29.87
C SER E 192 -32.74 -53.92 31.01
N ALA E 193 -33.97 -54.29 30.68
CA ALA E 193 -35.06 -54.45 31.65
C ALA E 193 -34.65 -55.36 32.78
N THR E 194 -34.35 -56.62 32.44
CA THR E 194 -34.06 -57.65 33.42
C THR E 194 -32.94 -57.23 34.36
N PHE E 195 -31.96 -56.51 33.82
CA PHE E 195 -30.78 -56.10 34.61
C PHE E 195 -31.15 -55.16 35.77
N TRP E 196 -31.95 -54.13 35.45
CA TRP E 196 -32.42 -53.19 36.48
C TRP E 196 -33.39 -53.85 37.45
N GLN E 197 -34.13 -54.84 36.97
CA GLN E 197 -35.07 -55.59 37.80
C GLN E 197 -34.38 -56.78 38.47
N ASN E 198 -33.55 -56.47 39.46
CA ASN E 198 -32.70 -57.47 40.11
C ASN E 198 -32.07 -56.80 41.33
N PRO E 199 -32.63 -57.07 42.52
CA PRO E 199 -32.38 -56.24 43.73
C PRO E 199 -30.92 -56.22 44.20
N ARG E 200 -30.14 -57.21 43.77
CA ARG E 200 -28.73 -57.31 44.12
C ARG E 200 -27.85 -56.18 43.54
N ASN E 201 -28.22 -55.71 42.34
CA ASN E 201 -27.44 -54.72 41.58
C ASN E 201 -27.37 -53.29 42.16
N HIS E 202 -26.16 -52.76 42.28
CA HIS E 202 -25.97 -51.42 42.82
C HIS E 202 -25.54 -50.42 41.74
N PHE E 203 -26.32 -49.36 41.58
CA PHE E 203 -26.04 -48.34 40.60
C PHE E 203 -25.66 -47.03 41.31
N ARG E 204 -24.46 -46.54 41.01
CA ARG E 204 -23.99 -45.29 41.56
C ARG E 204 -23.66 -44.30 40.46
N CYS E 205 -24.23 -43.10 40.57
CA CYS E 205 -23.79 -41.97 39.78
C CYS E 205 -22.86 -41.16 40.66
N GLN E 206 -21.73 -40.69 40.12
CA GLN E 206 -20.87 -39.77 40.88
C GLN E 206 -20.24 -38.65 40.09
N VAL E 207 -19.99 -37.55 40.79
CA VAL E 207 -19.36 -36.39 40.22
C VAL E 207 -18.12 -36.00 41.03
N GLN E 208 -17.00 -35.92 40.33
CA GLN E 208 -15.76 -35.46 40.89
C GLN E 208 -15.77 -33.96 40.64
N PHE E 209 -15.84 -33.19 41.71
CA PHE E 209 -15.79 -31.73 41.62
C PHE E 209 -14.37 -31.27 41.93
N TYR E 210 -13.87 -30.34 41.13
CA TYR E 210 -12.54 -29.79 41.33
C TYR E 210 -12.64 -28.37 41.82
N GLY E 211 -12.34 -28.17 43.09
CA GLY E 211 -12.67 -26.91 43.72
C GLY E 211 -11.50 -26.18 44.29
N LEU E 212 -11.73 -25.59 45.46
CA LEU E 212 -10.67 -24.95 46.22
C LEU E 212 -9.87 -26.03 46.91
N SER E 213 -8.58 -25.76 47.11
CA SER E 213 -7.73 -26.65 47.90
C SER E 213 -7.70 -26.17 49.35
N GLU E 214 -7.44 -27.10 50.27
CA GLU E 214 -7.22 -26.80 51.70
C GLU E 214 -6.58 -25.44 52.01
N ASN E 215 -5.67 -25.00 51.17
CA ASN E 215 -4.87 -23.81 51.43
C ASN E 215 -5.44 -22.54 50.83
N ASP E 216 -6.61 -22.64 50.21
CA ASP E 216 -7.26 -21.46 49.66
C ASP E 216 -7.92 -20.64 50.77
N GLU E 217 -7.83 -19.32 50.64
CA GLU E 217 -8.41 -18.38 51.58
C GLU E 217 -9.92 -18.35 51.39
N TRP E 218 -10.67 -18.61 52.46
CA TRP E 218 -12.14 -18.64 52.41
C TRP E 218 -12.81 -17.50 53.20
N THR E 219 -13.59 -16.67 52.49
CA THR E 219 -14.15 -15.38 52.96
C THR E 219 -15.59 -15.47 53.50
N GLN E 220 -16.22 -16.63 53.32
CA GLN E 220 -17.67 -16.70 53.38
C GLN E 220 -18.14 -17.61 54.50
N ASP E 221 -19.43 -17.50 54.81
CA ASP E 221 -20.02 -18.19 55.95
C ASP E 221 -20.26 -19.66 55.66
N ARG E 222 -20.84 -19.96 54.50
CA ARG E 222 -21.16 -21.33 54.06
C ARG E 222 -19.98 -22.31 54.02
N ALA E 223 -20.30 -23.60 53.83
CA ALA E 223 -19.30 -24.64 53.64
C ALA E 223 -18.21 -24.21 52.66
N LYS E 224 -16.96 -24.56 52.98
CA LYS E 224 -15.83 -24.34 52.08
C LYS E 224 -15.91 -25.34 50.92
N PRO E 225 -16.04 -24.82 49.67
CA PRO E 225 -16.31 -25.58 48.45
C PRO E 225 -15.06 -26.27 47.92
N VAL E 226 -14.50 -27.16 48.74
CA VAL E 226 -13.27 -27.85 48.42
C VAL E 226 -13.47 -28.89 47.32
N THR E 227 -12.35 -29.36 46.76
CA THR E 227 -12.37 -30.52 45.85
C THR E 227 -12.94 -31.73 46.56
N GLN E 228 -13.89 -32.40 45.92
CA GLN E 228 -14.65 -33.46 46.56
C GLN E 228 -15.43 -34.31 45.57
N ILE E 229 -16.07 -35.35 46.10
CA ILE E 229 -16.95 -36.22 45.33
C ILE E 229 -18.38 -36.25 45.91
N VAL E 230 -19.34 -35.77 45.13
CA VAL E 230 -20.75 -35.84 45.50
C VAL E 230 -21.38 -36.94 44.64
N SER E 231 -22.17 -37.80 45.26
CA SER E 231 -22.78 -38.92 44.56
C SER E 231 -24.16 -39.30 45.08
N ALA E 232 -24.87 -40.06 44.26
CA ALA E 232 -26.19 -40.59 44.56
C ALA E 232 -26.21 -42.02 44.08
N GLU E 233 -27.01 -42.84 44.74
CA GLU E 233 -27.09 -44.26 44.41
C GLU E 233 -28.54 -44.75 44.34
N ALA E 234 -28.71 -45.97 43.84
CA ALA E 234 -30.02 -46.58 43.71
C ALA E 234 -29.89 -48.06 43.44
N TRP E 235 -30.50 -48.88 44.31
CA TRP E 235 -30.56 -50.32 44.12
C TRP E 235 -31.66 -50.67 43.12
N GLY E 236 -31.44 -51.72 42.35
CA GLY E 236 -32.42 -52.17 41.37
C GLY E 236 -33.69 -52.66 42.04
N ARG E 237 -34.82 -52.06 41.67
CA ARG E 237 -36.12 -52.46 42.20
C ARG E 237 -36.75 -53.54 41.31
N ALA E 238 -36.87 -54.74 41.88
CA ALA E 238 -37.52 -55.87 41.20
C ALA E 238 -38.97 -55.57 40.84
N GLU F 3 25.06 30.72 -11.56
CA GLU F 3 23.82 30.00 -12.01
C GLU F 3 23.97 28.49 -11.91
N GLU F 4 22.87 27.78 -11.73
CA GLU F 4 22.94 26.34 -11.57
C GLU F 4 21.99 25.57 -12.46
N HIS F 5 20.76 26.05 -12.62
CA HIS F 5 19.76 25.29 -13.36
C HIS F 5 18.69 26.14 -14.04
N VAL F 6 18.28 25.69 -15.22
CA VAL F 6 17.30 26.38 -16.05
C VAL F 6 16.30 25.40 -16.60
N ILE F 7 15.07 25.51 -16.16
CA ILE F 7 13.94 24.87 -16.81
C ILE F 7 13.29 25.86 -17.80
N ILE F 8 13.06 25.43 -19.03
CA ILE F 8 12.39 26.31 -20.00
C ILE F 8 11.19 25.65 -20.61
N GLN F 9 10.04 26.32 -20.56
CA GLN F 9 8.87 25.87 -21.30
C GLN F 9 8.90 26.71 -22.56
N ALA F 10 9.14 26.04 -23.69
CA ALA F 10 9.35 26.73 -24.95
C ALA F 10 8.29 26.34 -25.96
N GLU F 11 7.77 27.34 -26.64
CA GLU F 11 6.73 27.10 -27.61
C GLU F 11 7.11 27.87 -28.85
N PHE F 12 6.72 27.36 -30.01
CA PHE F 12 6.81 28.14 -31.23
C PHE F 12 5.71 27.82 -32.22
N TYR F 13 5.44 28.79 -33.08
CA TYR F 13 4.53 28.63 -34.20
C TYR F 13 5.15 29.30 -35.44
N LEU F 14 5.18 28.55 -36.55
CA LEU F 14 5.71 29.06 -37.81
C LEU F 14 4.64 29.16 -38.90
N ASN F 15 4.57 30.25 -39.61
CA ASN F 15 3.69 30.34 -40.75
C ASN F 15 4.49 30.47 -42.04
N PRO F 16 4.00 30.00 -43.26
CA PRO F 16 2.62 29.50 -43.26
C PRO F 16 2.43 28.01 -43.21
N ASP F 17 3.48 27.32 -42.88
CA ASP F 17 3.56 25.89 -42.58
C ASP F 17 2.54 25.42 -41.53
N GLN F 18 2.19 26.32 -40.62
CA GLN F 18 1.30 25.99 -39.51
C GLN F 18 1.87 24.89 -38.64
N SER F 19 3.19 24.88 -38.46
CA SER F 19 3.78 23.88 -37.58
C SER F 19 4.11 24.49 -36.21
N GLY F 20 3.66 23.85 -35.15
CA GLY F 20 3.91 24.33 -33.81
C GLY F 20 4.64 23.32 -32.95
N GLU F 21 5.34 23.83 -31.94
CA GLU F 21 5.98 22.92 -31.00
C GLU F 21 5.77 23.39 -29.57
N PHE F 22 5.63 22.42 -28.67
CA PHE F 22 5.56 22.66 -27.23
C PHE F 22 6.44 21.65 -26.50
N MET F 23 7.48 22.15 -25.84
CA MET F 23 8.39 21.29 -25.15
C MET F 23 8.90 21.90 -23.85
N PHE F 24 9.36 21.04 -22.92
CA PHE F 24 10.13 21.51 -21.74
C PHE F 24 11.58 21.12 -21.89
N ASP F 25 12.47 22.04 -21.60
CA ASP F 25 13.92 21.91 -21.75
C ASP F 25 14.55 22.01 -20.34
N PHE F 26 15.42 21.07 -19.98
CA PHE F 26 16.18 21.20 -18.73
C PHE F 26 17.70 21.29 -19.01
N ASP F 27 18.31 22.42 -18.66
CA ASP F 27 19.72 22.65 -18.98
C ASP F 27 20.09 22.25 -20.41
N GLY F 28 19.21 22.51 -21.37
CA GLY F 28 19.51 22.19 -22.75
C GLY F 28 19.07 20.82 -23.26
N ASP F 29 18.45 20.00 -22.40
CA ASP F 29 17.91 18.72 -22.84
C ASP F 29 16.41 18.76 -22.77
N GLU F 30 15.76 17.97 -23.63
CA GLU F 30 14.31 17.89 -23.64
C GLU F 30 13.82 17.02 -22.49
N ILE F 31 12.85 17.51 -21.71
CA ILE F 31 12.17 16.63 -20.75
C ILE F 31 10.99 15.92 -21.43
N PHE F 32 10.29 16.64 -22.30
CA PHE F 32 9.19 16.09 -23.10
C PHE F 32 8.74 17.12 -24.13
N HIS F 33 7.99 16.66 -25.11
CA HIS F 33 7.26 17.56 -25.98
C HIS F 33 5.84 17.02 -26.14
N VAL F 34 4.94 17.84 -26.68
CA VAL F 34 3.59 17.41 -26.95
C VAL F 34 3.44 17.10 -28.43
N ASP F 35 3.00 15.87 -28.71
CA ASP F 35 2.54 15.50 -30.04
C ASP F 35 1.20 16.21 -30.25
N MET F 36 1.25 17.27 -31.05
CA MET F 36 0.08 18.05 -31.43
C MET F 36 -0.95 17.15 -32.11
N ALA F 37 -0.50 16.39 -33.11
CA ALA F 37 -1.33 15.50 -33.89
C ALA F 37 -2.07 14.45 -33.03
N LYS F 38 -1.33 13.72 -32.21
CA LYS F 38 -1.95 12.70 -31.34
C LYS F 38 -2.52 13.26 -30.03
N LYS F 39 -2.20 14.50 -29.71
CA LYS F 39 -2.64 15.16 -28.46
C LYS F 39 -2.13 14.46 -27.20
N GLU F 40 -0.82 14.17 -27.18
CA GLU F 40 -0.23 13.61 -25.97
C GLU F 40 1.22 14.03 -25.66
N THR F 41 1.55 13.94 -24.38
CA THR F 41 2.88 14.12 -23.86
C THR F 41 3.78 12.98 -24.32
N VAL F 42 4.89 13.31 -24.97
CA VAL F 42 5.91 12.34 -25.37
C VAL F 42 7.16 12.62 -24.55
N TRP F 43 7.59 11.65 -23.77
CA TRP F 43 8.73 11.80 -22.87
C TRP F 43 10.04 11.43 -23.56
N ARG F 44 11.04 12.31 -23.46
CA ARG F 44 12.28 12.10 -24.17
C ARG F 44 12.98 10.83 -23.68
N LEU F 45 12.94 10.60 -22.38
CA LEU F 45 13.25 9.28 -21.85
C LEU F 45 11.97 8.67 -21.27
N GLU F 46 11.62 7.49 -21.77
CA GLU F 46 10.44 6.73 -21.35
C GLU F 46 10.19 6.79 -19.85
N GLU F 47 11.26 6.69 -19.08
CA GLU F 47 11.18 6.55 -17.63
C GLU F 47 10.77 7.84 -16.89
N PHE F 48 10.91 8.98 -17.55
CA PHE F 48 10.40 10.24 -17.02
C PHE F 48 8.90 10.13 -16.73
N GLY F 49 8.17 9.45 -17.62
CA GLY F 49 6.72 9.30 -17.51
C GLY F 49 6.26 8.44 -16.34
N ARG F 50 7.21 7.84 -15.64
CA ARG F 50 6.91 7.08 -14.45
C ARG F 50 7.10 7.94 -13.20
N PHE F 51 7.65 9.14 -13.36
CA PHE F 51 7.86 10.05 -12.22
C PHE F 51 7.09 11.36 -12.30
N ALA F 52 6.53 11.65 -13.48
CA ALA F 52 5.79 12.88 -13.70
C ALA F 52 4.74 12.68 -14.78
N SER F 53 3.75 13.58 -14.82
CA SER F 53 2.83 13.66 -15.93
C SER F 53 2.69 15.09 -16.39
N PHE F 54 2.18 15.25 -17.60
CA PHE F 54 1.79 16.55 -18.15
C PHE F 54 0.48 16.42 -18.90
N GLU F 55 -0.39 17.41 -18.71
CA GLU F 55 -1.68 17.37 -19.36
C GLU F 55 -1.57 18.08 -20.72
N ALA F 56 -1.61 17.28 -21.79
CA ALA F 56 -1.39 17.76 -23.16
C ALA F 56 -2.25 18.97 -23.61
N GLN F 57 -3.53 19.00 -23.21
CA GLN F 57 -4.46 20.06 -23.66
C GLN F 57 -4.01 21.48 -23.29
N GLY F 58 -3.26 21.61 -22.20
CA GLY F 58 -2.69 22.89 -21.83
C GLY F 58 -1.86 23.43 -22.97
N ALA F 59 -0.94 22.60 -23.46
CA ALA F 59 -0.08 22.94 -24.61
C ALA F 59 -0.87 23.31 -25.84
N LEU F 60 -1.91 22.55 -26.17
CA LEU F 60 -2.78 22.91 -27.29
C LEU F 60 -3.38 24.31 -27.12
N ALA F 61 -3.93 24.58 -25.94
CA ALA F 61 -4.50 25.90 -25.64
C ALA F 61 -3.49 26.96 -25.98
N ASN F 62 -2.28 26.82 -25.43
CA ASN F 62 -1.19 27.79 -25.65
C ASN F 62 -0.81 27.95 -27.12
N ILE F 63 -0.83 26.86 -27.88
CA ILE F 63 -0.46 26.93 -29.29
C ILE F 63 -1.51 27.68 -30.08
N ALA F 64 -2.79 27.49 -29.75
CA ALA F 64 -3.85 28.33 -30.33
C ALA F 64 -3.60 29.85 -30.08
N VAL F 65 -3.12 30.21 -28.90
CA VAL F 65 -2.83 31.61 -28.57
C VAL F 65 -1.61 32.09 -29.31
N ASP F 66 -0.54 31.29 -29.28
CA ASP F 66 0.68 31.56 -30.03
C ASP F 66 0.39 31.83 -31.50
N LYS F 67 -0.52 31.06 -32.05
CA LYS F 67 -0.91 31.24 -33.43
C LYS F 67 -1.62 32.58 -33.70
N ALA F 68 -2.60 32.91 -32.84
CA ALA F 68 -3.30 34.19 -32.97
C ALA F 68 -2.29 35.34 -32.82
N ASN F 69 -1.41 35.20 -31.82
CA ASN F 69 -0.37 36.18 -31.56
C ASN F 69 0.55 36.44 -32.75
N LEU F 70 0.98 35.38 -33.43
CA LEU F 70 1.85 35.52 -34.58
C LEU F 70 1.15 36.36 -35.65
N GLU F 71 -0.13 36.10 -35.86
CA GLU F 71 -0.85 36.75 -36.94
C GLU F 71 -1.08 38.24 -36.72
N ILE F 72 -1.37 38.62 -35.48
CA ILE F 72 -1.36 40.01 -35.12
C ILE F 72 0.04 40.60 -35.31
N MET F 73 1.07 39.86 -34.92
CA MET F 73 2.44 40.39 -34.91
C MET F 73 3.02 40.52 -36.30
N THR F 74 2.82 39.48 -37.12
CA THR F 74 3.12 39.53 -38.57
C THR F 74 2.62 40.85 -39.19
N LYS F 75 1.33 41.13 -39.00
CA LYS F 75 0.74 42.36 -39.55
C LYS F 75 1.39 43.62 -38.94
N ARG F 76 1.63 43.60 -37.63
CA ARG F 76 2.22 44.76 -36.96
C ARG F 76 3.62 45.11 -37.48
N SER F 77 4.43 44.09 -37.80
CA SER F 77 5.76 44.31 -38.38
C SER F 77 5.67 44.63 -39.87
N ASN F 78 4.44 44.79 -40.36
CA ASN F 78 4.17 44.87 -41.79
C ASN F 78 4.87 43.76 -42.60
N TYR F 79 4.64 42.51 -42.16
CA TYR F 79 5.06 41.30 -42.88
C TYR F 79 6.56 41.17 -43.11
N THR F 80 7.36 41.69 -42.18
CA THR F 80 8.79 41.41 -42.14
C THR F 80 8.94 39.89 -41.98
N PRO F 81 9.49 39.23 -43.01
CA PRO F 81 9.72 37.80 -42.88
C PRO F 81 11.01 37.53 -42.14
N ILE F 82 11.18 36.28 -41.74
CA ILE F 82 12.37 35.88 -41.02
C ILE F 82 13.56 35.71 -41.97
N THR F 83 14.72 36.22 -41.55
CA THR F 83 15.98 35.97 -42.24
C THR F 83 16.44 34.54 -41.94
N ASN F 84 16.55 33.70 -42.97
CA ASN F 84 16.98 32.31 -42.80
C ASN F 84 18.40 32.26 -42.28
N VAL F 85 18.63 31.47 -41.24
CA VAL F 85 19.99 31.31 -40.75
C VAL F 85 20.36 29.85 -40.93
N PRO F 86 21.28 29.56 -41.86
CA PRO F 86 21.57 28.17 -42.13
C PRO F 86 22.41 27.58 -41.00
N PRO F 87 22.33 26.26 -40.81
CA PRO F 87 22.94 25.59 -39.65
C PRO F 87 24.42 25.26 -39.77
N GLU F 88 25.06 25.10 -38.60
CA GLU F 88 26.33 24.41 -38.48
C GLU F 88 26.03 22.93 -38.25
N VAL F 89 26.47 22.08 -39.16
CA VAL F 89 26.23 20.66 -39.02
C VAL F 89 27.51 20.01 -38.56
N THR F 90 27.41 19.11 -37.58
CA THR F 90 28.55 18.28 -37.28
C THR F 90 28.11 16.86 -36.99
N VAL F 91 28.98 15.91 -37.34
CA VAL F 91 28.67 14.50 -37.28
C VAL F 91 29.70 13.86 -36.37
N LEU F 92 29.22 13.02 -35.45
CA LEU F 92 30.10 12.31 -34.52
C LEU F 92 29.45 11.05 -33.98
N THR F 93 30.26 10.20 -33.35
CA THR F 93 29.76 8.99 -32.73
C THR F 93 29.58 9.31 -31.28
N ASN F 94 28.60 8.65 -30.67
CA ASN F 94 28.35 8.86 -29.25
C ASN F 94 29.27 8.00 -28.37
N SER F 95 30.18 7.28 -29.00
CA SER F 95 31.14 6.44 -28.30
C SER F 95 32.36 6.32 -29.20
N PRO F 96 33.57 6.21 -28.60
CA PRO F 96 34.76 5.85 -29.37
C PRO F 96 34.55 4.59 -30.20
N VAL F 97 34.90 4.65 -31.48
CA VAL F 97 34.64 3.58 -32.45
C VAL F 97 35.58 2.36 -32.35
N GLU F 98 34.96 1.19 -32.24
CA GLU F 98 35.64 -0.09 -32.33
C GLU F 98 34.95 -0.89 -33.44
N LEU F 99 35.73 -1.44 -34.37
CA LEU F 99 35.18 -2.21 -35.52
C LEU F 99 34.26 -3.36 -35.10
N ARG F 100 33.23 -3.61 -35.91
CA ARG F 100 32.32 -4.76 -35.70
C ARG F 100 31.77 -4.75 -34.25
N GLU F 101 31.16 -3.63 -33.86
CA GLU F 101 30.69 -3.38 -32.48
C GLU F 101 29.77 -2.13 -32.46
N PRO F 102 28.54 -2.25 -31.90
CA PRO F 102 27.47 -1.27 -32.23
C PRO F 102 27.72 0.15 -31.71
N ASN F 103 27.39 1.14 -32.53
CA ASN F 103 27.58 2.56 -32.20
C ASN F 103 26.44 3.41 -32.79
N VAL F 104 26.45 4.72 -32.50
CA VAL F 104 25.45 5.64 -33.04
C VAL F 104 26.11 6.86 -33.65
N LEU F 105 25.75 7.16 -34.89
CA LEU F 105 26.16 8.39 -35.51
C LEU F 105 25.15 9.46 -35.15
N ILE F 106 25.66 10.56 -34.63
CA ILE F 106 24.84 11.72 -34.30
C ILE F 106 25.13 12.82 -35.28
N CYS F 107 24.05 13.37 -35.84
CA CYS F 107 24.15 14.53 -36.66
C CYS F 107 23.61 15.71 -35.87
N PHE F 108 24.51 16.58 -35.42
CA PHE F 108 24.14 17.76 -34.63
C PHE F 108 23.91 18.96 -35.54
N ILE F 109 22.64 19.31 -35.74
CA ILE F 109 22.29 20.48 -36.52
C ILE F 109 22.03 21.64 -35.54
N ASP F 110 22.72 22.75 -35.74
CA ASP F 110 22.78 23.83 -34.75
C ASP F 110 22.76 25.23 -35.37
N LYS F 111 22.29 26.21 -34.57
CA LYS F 111 22.35 27.64 -34.89
C LYS F 111 21.64 27.99 -36.19
N PHE F 112 20.40 27.53 -36.30
CA PHE F 112 19.61 27.81 -37.49
C PHE F 112 18.21 28.34 -37.14
N THR F 113 17.59 28.95 -38.11
CA THR F 113 16.21 29.31 -38.02
C THR F 113 15.77 29.51 -39.46
N PRO F 114 14.44 29.33 -39.85
CA PRO F 114 13.55 28.74 -38.86
C PRO F 114 13.58 27.22 -38.58
N PRO F 115 12.71 26.73 -37.71
CA PRO F 115 12.79 25.35 -37.29
C PRO F 115 12.10 24.43 -38.32
N VAL F 116 12.69 24.33 -39.51
CA VAL F 116 12.34 23.30 -40.48
C VAL F 116 13.64 22.86 -41.12
N VAL F 117 13.90 21.56 -41.10
CA VAL F 117 15.03 20.99 -41.83
C VAL F 117 14.67 19.63 -42.38
N ASN F 118 15.27 19.29 -43.51
CA ASN F 118 15.21 17.90 -43.99
C ASN F 118 16.57 17.24 -43.92
N VAL F 119 16.57 16.04 -43.36
CA VAL F 119 17.80 15.34 -43.02
C VAL F 119 17.66 13.90 -43.45
N THR F 120 18.65 13.43 -44.20
CA THR F 120 18.75 12.05 -44.68
C THR F 120 20.14 11.56 -44.33
N TRP F 121 20.26 10.25 -44.11
CA TRP F 121 21.55 9.63 -43.87
C TRP F 121 21.98 8.80 -45.07
N LEU F 122 23.21 8.98 -45.55
CA LEU F 122 23.67 8.20 -46.70
C LEU F 122 24.82 7.25 -46.37
N ARG F 123 24.65 5.97 -46.69
CA ARG F 123 25.74 5.00 -46.61
C ARG F 123 26.31 4.83 -48.01
N ASN F 124 27.55 5.27 -48.18
CA ASN F 124 28.24 5.30 -49.48
C ASN F 124 27.36 5.85 -50.60
N GLY F 125 27.04 7.15 -50.51
CA GLY F 125 26.25 7.82 -51.53
C GLY F 125 24.78 7.46 -51.60
N LYS F 126 24.42 6.30 -51.05
CA LYS F 126 23.08 5.74 -51.18
C LYS F 126 22.27 5.82 -49.86
N PRO F 127 21.00 6.29 -49.93
CA PRO F 127 20.12 6.45 -48.74
C PRO F 127 20.05 5.21 -47.86
N VAL F 128 19.84 5.40 -46.57
CA VAL F 128 20.13 4.42 -45.55
C VAL F 128 19.37 3.08 -45.47
N THR F 129 18.06 3.10 -45.34
CA THR F 129 17.27 1.83 -45.25
C THR F 129 17.11 1.27 -43.82
N THR F 130 18.06 1.60 -42.95
CA THR F 130 18.05 1.19 -41.53
C THR F 130 17.17 2.09 -40.64
N GLY F 131 17.00 1.73 -39.37
CA GLY F 131 16.24 2.53 -38.42
C GLY F 131 16.95 3.80 -38.03
N VAL F 132 16.20 4.89 -38.00
CA VAL F 132 16.72 6.22 -37.65
C VAL F 132 15.79 6.93 -36.69
N SER F 133 16.38 7.74 -35.82
CA SER F 133 15.61 8.58 -34.90
C SER F 133 16.06 10.03 -34.90
N GLU F 134 15.23 10.89 -34.30
CA GLU F 134 15.47 12.33 -34.25
C GLU F 134 14.79 12.99 -33.08
N THR F 135 15.38 14.07 -32.58
CA THR F 135 14.71 14.87 -31.57
C THR F 135 13.88 15.94 -32.26
N VAL F 136 12.98 16.55 -31.50
CA VAL F 136 12.33 17.77 -31.93
C VAL F 136 13.34 18.94 -31.91
N PHE F 137 12.85 20.13 -32.26
CA PHE F 137 13.68 21.31 -32.28
C PHE F 137 13.92 21.83 -30.88
N LEU F 138 15.17 22.16 -30.54
CA LEU F 138 15.48 22.65 -29.19
C LEU F 138 15.88 24.13 -29.20
N PRO F 139 15.47 24.92 -28.19
CA PRO F 139 15.77 26.36 -28.17
C PRO F 139 17.21 26.65 -27.80
N ARG F 140 17.66 27.86 -28.11
CA ARG F 140 18.96 28.35 -27.67
C ARG F 140 18.78 29.73 -27.08
N GLU F 141 19.78 30.21 -26.34
CA GLU F 141 19.71 31.55 -25.74
C GLU F 141 19.56 32.64 -26.81
N ASP F 142 20.12 32.41 -28.00
CA ASP F 142 20.04 33.38 -29.12
C ASP F 142 18.79 33.23 -30.00
N HIS F 143 17.90 32.32 -29.60
CA HIS F 143 16.59 32.12 -30.22
C HIS F 143 16.65 31.43 -31.57
N LEU F 144 17.82 30.84 -31.87
CA LEU F 144 17.97 29.92 -32.99
C LEU F 144 17.66 28.52 -32.46
N PHE F 145 17.98 27.48 -33.24
CA PHE F 145 17.57 26.12 -32.88
C PHE F 145 18.66 25.11 -33.01
N ARG F 146 18.42 23.95 -32.42
CA ARG F 146 19.31 22.80 -32.44
C ARG F 146 18.44 21.62 -32.74
N LYS F 147 19.04 20.56 -33.27
CA LYS F 147 18.31 19.33 -33.58
C LYS F 147 19.29 18.21 -33.63
N PHE F 148 18.89 17.04 -33.14
CA PHE F 148 19.74 15.85 -33.25
C PHE F 148 19.07 14.79 -34.12
N HIS F 149 19.89 14.15 -34.98
CA HIS F 149 19.48 13.01 -35.79
C HIS F 149 20.43 11.86 -35.50
N TYR F 150 19.90 10.65 -35.43
CA TYR F 150 20.66 9.50 -34.92
C TYR F 150 20.65 8.33 -35.87
N LEU F 151 21.83 7.75 -36.11
CA LEU F 151 21.92 6.56 -36.92
C LEU F 151 22.70 5.45 -36.24
N PRO F 152 21.99 4.45 -35.67
CA PRO F 152 22.62 3.21 -35.22
C PRO F 152 23.39 2.55 -36.37
N PHE F 153 24.61 2.07 -36.10
CA PHE F 153 25.43 1.45 -37.14
C PHE F 153 26.49 0.51 -36.59
N LEU F 154 26.99 -0.36 -37.47
CA LEU F 154 28.16 -1.20 -37.20
C LEU F 154 29.35 -0.62 -37.95
N PRO F 155 30.36 -0.17 -37.21
CA PRO F 155 31.52 0.48 -37.83
C PRO F 155 32.22 -0.51 -38.73
N SER F 156 32.66 -0.02 -39.87
CA SER F 156 33.37 -0.83 -40.82
C SER F 156 34.32 0.09 -41.54
N THR F 157 35.44 -0.48 -41.97
CA THR F 157 36.51 0.27 -42.64
C THR F 157 36.20 0.57 -44.12
N GLU F 158 35.05 0.09 -44.59
CA GLU F 158 34.65 0.19 -46.01
C GLU F 158 33.75 1.39 -46.26
N ASP F 159 32.79 1.57 -45.35
CA ASP F 159 31.71 2.56 -45.48
C ASP F 159 32.11 4.01 -45.27
N VAL F 160 31.42 4.88 -46.00
CA VAL F 160 31.56 6.32 -45.89
C VAL F 160 30.15 6.91 -45.78
N TYR F 161 29.93 7.65 -44.70
CA TYR F 161 28.61 8.17 -44.34
C TYR F 161 28.46 9.65 -44.58
N ASP F 162 27.25 10.05 -44.96
CA ASP F 162 26.92 11.47 -45.04
C ASP F 162 25.65 11.80 -44.24
N CYS F 163 25.70 12.94 -43.54
CA CYS F 163 24.50 13.59 -43.05
C CYS F 163 24.12 14.71 -44.03
N ARG F 164 23.00 14.55 -44.71
CA ARG F 164 22.53 15.53 -45.69
C ARG F 164 21.44 16.40 -45.07
N VAL F 165 21.67 17.71 -45.07
CA VAL F 165 20.74 18.65 -44.44
C VAL F 165 20.14 19.63 -45.44
N GLU F 166 18.82 19.60 -45.59
CA GLU F 166 18.12 20.58 -46.41
C GLU F 166 17.58 21.66 -45.50
N HIS F 167 17.75 22.91 -45.90
CA HIS F 167 17.32 24.07 -45.13
C HIS F 167 17.25 25.27 -46.05
N TRP F 168 16.28 26.14 -45.81
CA TRP F 168 16.09 27.30 -46.67
C TRP F 168 17.22 28.35 -46.65
N GLY F 169 18.14 28.26 -45.69
CA GLY F 169 19.28 29.17 -45.62
C GLY F 169 20.45 28.64 -46.42
N LEU F 170 20.24 27.50 -47.07
CA LEU F 170 21.29 26.81 -47.82
C LEU F 170 21.04 26.82 -49.32
N ASP F 171 21.98 27.38 -50.08
CA ASP F 171 21.88 27.32 -51.55
C ASP F 171 21.94 25.87 -52.03
N GLU F 172 22.96 25.14 -51.58
CA GLU F 172 23.09 23.71 -51.86
C GLU F 172 22.79 22.89 -50.60
N PRO F 173 22.17 21.71 -50.76
CA PRO F 173 22.07 20.82 -49.61
C PRO F 173 23.48 20.50 -49.08
N LEU F 174 23.65 20.49 -47.77
CA LEU F 174 24.96 20.26 -47.17
C LEU F 174 25.18 18.79 -46.76
N LEU F 175 26.35 18.25 -47.13
CA LEU F 175 26.72 16.89 -46.76
C LEU F 175 27.91 16.92 -45.83
N LYS F 176 27.72 16.46 -44.60
CA LYS F 176 28.85 16.37 -43.70
C LYS F 176 29.31 14.91 -43.55
N HIS F 177 30.60 14.72 -43.82
CA HIS F 177 31.27 13.44 -44.04
C HIS F 177 31.66 12.75 -42.73
N TRP F 178 31.53 11.43 -42.71
CA TRP F 178 32.13 10.63 -41.65
C TRP F 178 32.65 9.32 -42.20
N GLU F 179 33.84 8.94 -41.79
CA GLU F 179 34.39 7.60 -42.09
C GLU F 179 35.34 7.09 -41.03
N PHE F 180 35.31 5.78 -40.81
CA PHE F 180 36.40 5.12 -40.14
C PHE F 180 37.43 4.91 -41.24
N ASP F 181 38.53 5.66 -41.20
CA ASP F 181 39.52 5.57 -42.28
C ASP F 181 40.80 4.83 -41.85
N ARG G 4 10.84 32.94 -50.25
CA ARG G 4 9.40 32.76 -49.87
C ARG G 4 9.24 33.07 -48.36
N PRO G 5 8.30 33.97 -48.01
CA PRO G 5 8.40 34.62 -46.70
C PRO G 5 7.86 33.76 -45.56
N ARG G 6 8.57 33.80 -44.44
CA ARG G 6 8.18 33.03 -43.26
C ARG G 6 8.18 33.87 -42.00
N PHE G 7 7.21 33.56 -41.14
CA PHE G 7 6.94 34.33 -39.95
C PHE G 7 6.94 33.40 -38.74
N LEU G 8 7.79 33.73 -37.76
CA LEU G 8 7.98 32.90 -36.57
C LEU G 8 7.73 33.65 -35.26
N TRP G 9 7.01 32.96 -34.38
CA TRP G 9 6.76 33.45 -33.03
C TRP G 9 7.22 32.43 -31.99
N GLN G 10 7.95 32.91 -31.00
CA GLN G 10 8.40 32.05 -29.92
C GLN G 10 8.01 32.61 -28.57
N LEU G 11 7.52 31.72 -27.72
CA LEU G 11 7.23 32.04 -26.33
C LEU G 11 8.10 31.17 -25.43
N LYS G 12 8.82 31.78 -24.50
CA LYS G 12 9.64 31.01 -23.57
C LYS G 12 9.37 31.40 -22.12
N PHE G 13 9.06 30.44 -21.27
CA PHE G 13 9.07 30.71 -19.84
C PHE G 13 10.31 30.10 -19.23
N GLU G 14 11.27 30.92 -18.82
CA GLU G 14 12.49 30.38 -18.21
C GLU G 14 12.48 30.51 -16.72
N CYS G 15 12.62 29.37 -16.03
CA CYS G 15 12.92 29.40 -14.61
C CYS G 15 14.40 29.18 -14.35
N HIS G 16 15.05 30.20 -13.78
CA HIS G 16 16.47 30.21 -13.43
C HIS G 16 16.65 30.00 -11.94
N PHE G 17 17.29 28.89 -11.57
CA PHE G 17 17.46 28.53 -10.17
C PHE G 17 18.90 28.71 -9.75
N PHE G 18 19.09 29.50 -8.71
CA PHE G 18 20.39 29.70 -8.07
C PHE G 18 20.40 29.01 -6.70
N ASN G 19 21.50 28.34 -6.38
CA ASN G 19 21.67 27.56 -5.14
C ASN G 19 20.42 26.87 -4.58
N GLY G 20 20.03 25.76 -5.19
CA GLY G 20 18.77 25.12 -4.85
C GLY G 20 17.64 25.98 -5.38
N THR G 21 16.56 26.10 -4.60
CA THR G 21 15.46 27.00 -4.94
C THR G 21 15.51 28.30 -4.14
N GLU G 22 16.64 28.56 -3.47
CA GLU G 22 16.72 29.70 -2.59
C GLU G 22 16.50 30.99 -3.35
N ARG G 23 17.17 31.15 -4.48
CA ARG G 23 16.89 32.27 -5.35
C ARG G 23 16.37 31.76 -6.70
N VAL G 24 15.27 32.36 -7.15
CA VAL G 24 14.60 31.94 -8.35
C VAL G 24 14.22 33.18 -9.15
N ARG G 25 14.43 33.11 -10.46
CA ARG G 25 14.08 34.18 -11.37
C ARG G 25 13.20 33.62 -12.48
N LEU G 26 12.05 34.25 -12.72
CA LEU G 26 11.22 33.87 -13.87
C LEU G 26 11.45 34.86 -14.98
N LEU G 27 11.68 34.35 -16.18
CA LEU G 27 11.84 35.22 -17.33
C LEU G 27 10.92 34.73 -18.43
N GLU G 28 9.89 35.51 -18.73
CA GLU G 28 8.95 35.14 -19.76
C GLU G 28 9.24 35.97 -21.01
N ARG G 29 9.58 35.30 -22.11
CA ARG G 29 10.01 36.00 -23.33
C ARG G 29 9.18 35.69 -24.59
N CYS G 30 8.98 36.73 -25.39
CA CYS G 30 8.35 36.65 -26.71
C CYS G 30 9.34 37.05 -27.76
N ILE G 31 9.44 36.22 -28.79
CA ILE G 31 10.37 36.44 -29.89
C ILE G 31 9.65 36.39 -31.23
N TYR G 32 9.73 37.49 -31.97
CA TYR G 32 9.29 37.51 -33.35
C TYR G 32 10.52 37.35 -34.23
N ASN G 33 10.47 36.33 -35.10
CA ASN G 33 11.55 36.03 -36.03
C ASN G 33 12.92 36.32 -35.45
N GLN G 34 13.39 35.53 -34.50
CA GLN G 34 14.73 35.81 -33.92
C GLN G 34 14.95 37.16 -33.16
N GLU G 35 13.92 38.00 -33.03
CA GLU G 35 14.06 39.21 -32.22
C GLU G 35 13.10 39.27 -31.02
N GLU G 36 13.68 39.18 -29.82
CA GLU G 36 12.92 39.24 -28.59
C GLU G 36 12.32 40.63 -28.54
N SER G 37 11.03 40.68 -28.24
CA SER G 37 10.32 41.94 -28.41
C SER G 37 9.70 42.40 -27.09
N VAL G 38 9.20 41.45 -26.30
CA VAL G 38 8.71 41.79 -24.97
C VAL G 38 9.01 40.67 -23.95
N ARG G 39 9.23 41.06 -22.69
CA ARG G 39 9.50 40.10 -21.61
C ARG G 39 8.95 40.50 -20.23
N PHE G 40 8.48 39.49 -19.47
CA PHE G 40 8.25 39.63 -18.04
C PHE G 40 9.44 39.05 -17.27
N ASP G 41 10.01 39.85 -16.39
CA ASP G 41 11.15 39.43 -15.59
C ASP G 41 10.79 39.62 -14.14
N SER G 42 10.70 38.53 -13.38
CA SER G 42 10.23 38.62 -11.98
C SER G 42 11.04 39.59 -11.09
N ASP G 43 12.30 39.86 -11.42
CA ASP G 43 13.11 40.82 -10.67
C ASP G 43 12.62 42.24 -10.89
N VAL G 44 11.97 42.47 -12.04
CA VAL G 44 11.38 43.76 -12.34
C VAL G 44 9.95 43.76 -11.80
N GLY G 45 9.19 42.69 -12.03
CA GLY G 45 7.83 42.57 -11.53
C GLY G 45 6.77 43.06 -12.49
N GLU G 46 7.19 43.51 -13.68
CA GLU G 46 6.26 43.83 -14.77
C GLU G 46 6.84 43.62 -16.18
N TYR G 47 6.01 43.78 -17.22
CA TYR G 47 6.42 43.54 -18.60
C TYR G 47 7.21 44.76 -19.11
N ARG G 48 8.29 44.49 -19.84
CA ARG G 48 9.03 45.57 -20.50
C ARG G 48 9.22 45.25 -21.96
N ALA G 49 9.15 46.26 -22.81
CA ALA G 49 9.51 46.09 -24.21
C ALA G 49 11.02 45.92 -24.39
N VAL G 50 11.40 44.94 -25.18
CA VAL G 50 12.81 44.71 -25.47
C VAL G 50 13.18 45.40 -26.79
N THR G 51 12.23 45.46 -27.71
CA THR G 51 12.32 46.35 -28.85
C THR G 51 10.99 47.08 -28.96
N GLU G 52 10.94 48.10 -29.81
CA GLU G 52 9.71 48.84 -30.12
C GLU G 52 8.53 47.97 -30.59
N LEU G 53 8.83 46.90 -31.33
CA LEU G 53 7.79 45.99 -31.79
C LEU G 53 6.95 45.47 -30.62
N GLY G 54 7.55 45.42 -29.44
CA GLY G 54 6.94 44.83 -28.27
C GLY G 54 6.28 45.80 -27.32
N ARG G 55 6.41 47.09 -27.62
CA ARG G 55 5.81 48.15 -26.80
C ARG G 55 4.30 47.99 -26.47
N PRO G 56 3.44 47.85 -27.50
CA PRO G 56 1.99 47.76 -27.28
C PRO G 56 1.60 46.58 -26.41
N ASP G 57 2.41 45.54 -26.42
CA ASP G 57 2.16 44.36 -25.60
C ASP G 57 2.50 44.59 -24.12
N ALA G 58 3.67 45.17 -23.84
CA ALA G 58 4.03 45.52 -22.49
C ALA G 58 2.95 46.42 -21.86
N GLU G 59 2.58 47.48 -22.61
CA GLU G 59 1.63 48.50 -22.12
C GLU G 59 0.30 47.90 -21.77
N TYR G 60 -0.22 47.09 -22.68
CA TYR G 60 -1.48 46.40 -22.49
C TYR G 60 -1.43 45.44 -21.32
N TRP G 61 -0.45 44.54 -21.37
CA TRP G 61 -0.30 43.53 -20.34
C TRP G 61 -0.09 44.14 -18.94
N ASN G 62 0.63 45.26 -18.85
CA ASN G 62 0.88 45.89 -17.56
C ASN G 62 -0.37 46.54 -16.98
N SER G 63 -1.47 46.48 -17.74
CA SER G 63 -2.75 47.01 -17.30
C SER G 63 -3.71 45.90 -16.90
N GLN G 64 -3.32 44.65 -17.12
CA GLN G 64 -4.11 43.50 -16.68
C GLN G 64 -3.55 43.05 -15.34
N LYS G 65 -4.28 43.36 -14.27
CA LYS G 65 -3.77 43.15 -12.95
C LYS G 65 -3.74 41.70 -12.50
N ASP G 66 -4.71 40.89 -12.93
CA ASP G 66 -4.65 39.48 -12.60
C ASP G 66 -3.40 38.88 -13.27
N LEU G 67 -3.16 39.23 -14.55
CA LEU G 67 -1.98 38.75 -15.27
C LEU G 67 -0.73 39.02 -14.47
N LEU G 68 -0.54 40.26 -14.06
CA LEU G 68 0.59 40.63 -13.22
C LEU G 68 0.69 39.85 -11.89
N GLU G 69 -0.42 39.77 -11.16
CA GLU G 69 -0.47 39.14 -9.83
C GLU G 69 -0.04 37.69 -9.87
N GLN G 70 -0.65 36.99 -10.81
CA GLN G 70 -0.39 35.61 -11.20
C GLN G 70 1.08 35.35 -11.60
N ARG G 71 1.65 36.20 -12.47
CA ARG G 71 3.04 36.05 -12.88
C ARG G 71 4.01 36.35 -11.71
N ARG G 72 3.66 37.33 -10.88
CA ARG G 72 4.46 37.66 -9.71
C ARG G 72 4.54 36.51 -8.69
N ALA G 73 3.52 35.66 -8.64
CA ALA G 73 3.54 34.52 -7.74
C ALA G 73 4.15 33.28 -8.39
N ALA G 74 4.32 33.33 -9.71
CA ALA G 74 4.76 32.19 -10.51
C ALA G 74 6.08 31.58 -10.01
N VAL G 75 7.00 32.45 -9.63
CA VAL G 75 8.27 32.05 -9.04
C VAL G 75 8.10 30.95 -7.96
N ASP G 76 7.00 30.99 -7.19
CA ASP G 76 6.65 29.93 -6.23
C ASP G 76 5.72 28.88 -6.79
N THR G 77 4.73 29.33 -7.57
CA THR G 77 3.62 28.46 -7.99
C THR G 77 3.98 27.62 -9.21
N TYR G 78 5.01 28.05 -9.92
CA TYR G 78 5.34 27.47 -11.20
C TYR G 78 6.78 26.99 -11.19
N CYS G 79 7.73 27.91 -11.06
CA CYS G 79 9.14 27.55 -11.04
C CYS G 79 9.49 26.53 -9.95
N ARG G 80 9.42 26.93 -8.67
CA ARG G 80 9.68 25.99 -7.55
C ARG G 80 8.89 24.69 -7.60
N HIS G 81 7.64 24.76 -8.07
CA HIS G 81 6.82 23.57 -8.18
C HIS G 81 7.45 22.56 -9.14
N ASN G 82 7.77 23.00 -10.35
CA ASN G 82 8.42 22.17 -11.37
C ASN G 82 9.78 21.60 -10.94
N TYR G 83 10.55 22.38 -10.21
CA TYR G 83 11.81 21.90 -9.68
C TYR G 83 11.55 20.69 -8.76
N GLY G 84 10.61 20.81 -7.84
CA GLY G 84 10.22 19.70 -6.98
C GLY G 84 9.82 18.46 -7.76
N VAL G 85 8.96 18.63 -8.75
CA VAL G 85 8.48 17.53 -9.54
C VAL G 85 9.63 16.89 -10.32
N GLY G 86 10.53 17.71 -10.84
CA GLY G 86 11.55 17.21 -11.75
C GLY G 86 12.83 16.76 -11.09
N GLU G 87 12.99 17.18 -9.84
CA GLU G 87 14.24 17.08 -9.10
C GLU G 87 14.96 15.75 -9.16
N SER G 88 14.23 14.67 -8.90
CA SER G 88 14.85 13.37 -8.68
C SER G 88 15.40 12.79 -9.96
N PHE G 89 14.79 13.14 -11.09
CA PHE G 89 15.27 12.66 -12.39
C PHE G 89 15.95 13.68 -13.30
N THR G 90 16.21 14.90 -12.79
CA THR G 90 16.87 15.93 -13.56
C THR G 90 18.06 16.50 -12.83
N VAL G 91 17.80 17.12 -11.69
CA VAL G 91 18.88 17.69 -10.91
C VAL G 91 19.76 16.59 -10.32
N GLN G 92 19.15 15.46 -9.96
CA GLN G 92 19.87 14.38 -9.31
C GLN G 92 20.10 13.15 -10.18
N ARG G 93 19.93 13.31 -11.49
CA ARG G 93 20.30 12.28 -12.43
C ARG G 93 21.83 12.17 -12.44
N ARG G 94 22.33 10.95 -12.29
CA ARG G 94 23.76 10.71 -12.22
C ARG G 94 24.13 9.51 -13.08
N VAL G 95 24.87 9.76 -14.15
CA VAL G 95 25.33 8.67 -14.99
C VAL G 95 26.87 8.63 -15.08
N GLU G 96 27.44 7.47 -14.77
CA GLU G 96 28.89 7.26 -14.76
C GLU G 96 29.46 7.41 -16.17
N PRO G 97 30.56 8.13 -16.32
CA PRO G 97 31.18 8.14 -17.64
C PRO G 97 31.89 6.81 -17.93
N LYS G 98 32.05 6.48 -19.20
CA LYS G 98 32.94 5.40 -19.62
C LYS G 98 34.19 6.02 -20.19
N VAL G 99 35.35 5.56 -19.72
CA VAL G 99 36.61 6.19 -20.09
C VAL G 99 37.52 5.24 -20.86
N THR G 100 37.95 5.67 -22.06
CA THR G 100 38.97 4.93 -22.80
C THR G 100 40.10 5.87 -23.19
N VAL G 101 41.28 5.29 -23.36
CA VAL G 101 42.47 6.04 -23.73
C VAL G 101 43.12 5.35 -24.92
N TYR G 102 43.48 6.13 -25.94
CA TYR G 102 44.08 5.57 -27.14
C TYR G 102 44.96 6.61 -27.85
N PRO G 103 46.00 6.15 -28.59
CA PRO G 103 46.80 7.01 -29.47
C PRO G 103 46.08 7.30 -30.78
N SER G 104 46.30 8.49 -31.35
CA SER G 104 45.52 8.97 -32.50
C SER G 104 46.01 8.42 -33.83
N ASN G 113 53.07 11.50 -32.28
CA ASN G 113 52.11 10.89 -31.38
C ASN G 113 51.26 11.88 -30.59
N LEU G 114 50.15 11.34 -30.06
CA LEU G 114 49.05 12.09 -29.47
C LEU G 114 48.16 11.11 -28.74
N LEU G 115 47.94 11.37 -27.45
CA LEU G 115 47.06 10.54 -26.62
C LEU G 115 45.67 11.16 -26.45
N VAL G 116 44.64 10.42 -26.89
CA VAL G 116 43.25 10.84 -26.71
C VAL G 116 42.67 10.19 -25.46
N CYS G 117 42.10 11.00 -24.58
CA CYS G 117 41.25 10.47 -23.52
C CYS G 117 39.77 10.66 -23.84
N SER G 118 39.05 9.55 -24.00
CA SER G 118 37.65 9.59 -24.40
C SER G 118 36.72 9.38 -23.22
N VAL G 119 35.97 10.43 -22.88
CA VAL G 119 35.02 10.38 -21.77
C VAL G 119 33.60 10.55 -22.30
N SER G 120 32.78 9.52 -22.16
CA SER G 120 31.49 9.50 -22.85
C SER G 120 30.30 8.95 -22.04
N GLY G 121 29.12 9.44 -22.41
CA GLY G 121 27.85 8.98 -21.88
C GLY G 121 27.58 9.28 -20.43
N PHE G 122 28.14 10.39 -19.93
CA PHE G 122 27.96 10.79 -18.52
C PHE G 122 26.89 11.86 -18.31
N TYR G 123 26.32 11.94 -17.12
CA TYR G 123 25.47 13.05 -16.71
C TYR G 123 25.67 13.32 -15.23
N PRO G 124 25.91 14.62 -14.74
CA PRO G 124 25.60 15.74 -15.62
C PRO G 124 26.76 16.56 -16.23
N GLY G 125 26.63 17.86 -16.54
CA GLY G 125 27.62 18.39 -17.46
C GLY G 125 29.04 18.52 -16.94
N SER G 126 29.18 18.90 -15.67
CA SER G 126 30.51 19.26 -15.15
C SER G 126 31.36 18.05 -14.82
N ILE G 127 32.62 18.15 -15.24
CA ILE G 127 33.53 17.04 -15.24
C ILE G 127 34.95 17.60 -15.29
N GLU G 128 35.85 16.97 -14.54
CA GLU G 128 37.27 17.37 -14.55
C GLU G 128 38.09 16.26 -15.15
N VAL G 129 38.93 16.59 -16.13
CA VAL G 129 39.79 15.60 -16.75
C VAL G 129 41.24 16.08 -16.75
N ARG G 130 42.11 15.30 -16.11
CA ARG G 130 43.53 15.62 -16.00
C ARG G 130 44.41 14.47 -16.47
N TRP G 131 45.51 14.79 -17.14
CA TRP G 131 46.53 13.81 -17.52
C TRP G 131 47.64 13.68 -16.46
N PHE G 132 48.39 12.57 -16.50
CA PHE G 132 49.55 12.35 -15.63
C PHE G 132 50.64 11.58 -16.34
N ARG G 133 51.89 11.82 -15.93
CA ARG G 133 53.01 10.99 -16.34
C ARG G 133 53.68 10.43 -15.10
N ASN G 134 53.42 9.15 -14.84
CA ASN G 134 54.00 8.41 -13.72
C ASN G 134 53.51 8.88 -12.34
N GLY G 135 52.57 9.83 -12.34
CA GLY G 135 52.04 10.41 -11.12
C GLY G 135 52.21 11.91 -11.13
N GLN G 136 53.03 12.41 -12.06
CA GLN G 136 53.27 13.83 -12.20
C GLN G 136 52.24 14.46 -13.14
N GLU G 137 51.48 15.43 -12.61
CA GLU G 137 50.42 16.12 -13.35
C GLU G 137 50.91 16.62 -14.71
N GLU G 138 49.97 16.93 -15.62
CA GLU G 138 50.35 17.37 -16.98
C GLU G 138 49.51 18.58 -17.47
N LYS G 139 49.95 19.78 -17.11
CA LYS G 139 49.28 21.01 -17.53
C LYS G 139 49.65 21.34 -18.99
N ALA G 140 50.80 20.83 -19.42
CA ALA G 140 51.36 21.17 -20.73
C ALA G 140 50.65 20.47 -21.90
N GLY G 141 50.58 21.16 -23.04
CA GLY G 141 50.15 20.59 -24.33
C GLY G 141 48.81 19.88 -24.37
N VAL G 142 47.87 20.35 -23.54
CA VAL G 142 46.55 19.75 -23.37
C VAL G 142 45.47 20.48 -24.19
N VAL G 143 44.85 19.76 -25.13
CA VAL G 143 43.69 20.27 -25.88
C VAL G 143 42.46 19.39 -25.60
N SER G 144 41.32 20.02 -25.34
CA SER G 144 40.04 19.31 -25.17
C SER G 144 39.00 19.79 -26.19
N THR G 145 38.01 18.96 -26.51
CA THR G 145 36.93 19.40 -27.42
C THR G 145 36.00 20.37 -26.71
N GLY G 146 35.99 20.30 -25.38
CA GLY G 146 34.97 20.95 -24.58
C GLY G 146 33.80 20.00 -24.45
N LEU G 147 32.82 20.40 -23.65
CA LEU G 147 31.62 19.60 -23.42
C LEU G 147 30.80 19.40 -24.70
N ILE G 148 30.41 18.17 -24.98
CA ILE G 148 29.46 17.91 -26.05
C ILE G 148 28.19 17.23 -25.54
N GLN G 149 27.05 17.87 -25.79
CA GLN G 149 25.73 17.36 -25.41
C GLN G 149 25.17 16.47 -26.52
N ASN G 150 25.00 15.18 -26.23
CA ASN G 150 24.58 14.17 -27.21
C ASN G 150 23.10 14.25 -27.64
N GLY G 151 22.32 15.03 -26.90
CA GLY G 151 20.91 15.20 -27.17
C GLY G 151 20.06 14.22 -26.40
N ASP G 152 20.67 13.26 -25.73
CA ASP G 152 19.91 12.17 -25.11
C ASP G 152 20.17 12.05 -23.63
N TRP G 153 20.48 13.17 -22.99
CA TRP G 153 20.74 13.22 -21.55
C TRP G 153 22.10 12.63 -21.17
N THR G 154 23.00 12.56 -22.14
CA THR G 154 24.38 12.19 -21.86
C THR G 154 25.28 13.22 -22.50
N PHE G 155 26.49 13.30 -21.99
CA PHE G 155 27.52 14.16 -22.53
C PHE G 155 28.70 13.30 -22.96
N GLN G 156 29.62 13.92 -23.70
CA GLN G 156 30.88 13.29 -24.00
C GLN G 156 31.90 14.39 -24.19
N THR G 157 33.18 14.03 -24.07
CA THR G 157 34.24 14.96 -24.37
C THR G 157 35.55 14.23 -24.59
N LEU G 158 36.43 14.84 -25.35
CA LEU G 158 37.71 14.25 -25.66
C LEU G 158 38.83 15.21 -25.28
N VAL G 159 39.71 14.77 -24.39
CA VAL G 159 40.87 15.55 -23.97
C VAL G 159 42.15 14.90 -24.52
N MET G 160 42.82 15.63 -25.40
CA MET G 160 44.02 15.14 -26.05
C MET G 160 45.29 15.68 -25.39
N LEU G 161 46.29 14.81 -25.24
CA LEU G 161 47.63 15.18 -24.78
C LEU G 161 48.61 15.02 -25.93
N GLU G 162 49.65 15.84 -25.96
CA GLU G 162 50.65 15.76 -27.04
C GLU G 162 52.01 15.30 -26.51
N THR G 163 52.42 14.07 -26.88
CA THR G 163 53.71 13.49 -26.46
C THR G 163 54.20 12.41 -27.40
N VAL G 164 55.24 11.70 -26.96
CA VAL G 164 55.84 10.58 -27.69
C VAL G 164 54.99 9.30 -27.57
N SER G 167 57.70 6.05 -24.36
CA SER G 167 57.46 4.61 -24.32
C SER G 167 58.10 3.92 -23.11
N GLY G 168 57.26 3.32 -22.27
CA GLY G 168 57.69 2.74 -21.00
C GLY G 168 57.16 3.57 -19.85
N GLU G 169 56.70 4.78 -20.17
CA GLU G 169 56.03 5.67 -19.22
C GLU G 169 54.64 5.11 -18.81
N VAL G 170 54.11 5.63 -17.70
CA VAL G 170 52.79 5.25 -17.22
C VAL G 170 51.83 6.46 -17.28
N TYR G 171 51.22 6.70 -18.45
CA TYR G 171 50.23 7.76 -18.59
C TYR G 171 48.90 7.40 -17.92
N THR G 172 48.33 8.36 -17.20
CA THR G 172 47.04 8.18 -16.57
C THR G 172 46.10 9.31 -17.01
N CYS G 173 44.91 8.93 -17.46
CA CYS G 173 43.79 9.88 -17.61
C CYS G 173 42.91 9.78 -16.38
N GLN G 174 42.83 10.87 -15.61
CA GLN G 174 42.00 10.93 -14.42
C GLN G 174 40.75 11.80 -14.63
N VAL G 175 39.61 11.29 -14.17
CA VAL G 175 38.33 11.94 -14.40
C VAL G 175 37.56 12.03 -13.11
N GLU G 176 37.21 13.26 -12.70
CA GLU G 176 36.37 13.51 -11.52
C GLU G 176 34.94 13.91 -11.94
N HIS G 177 33.94 13.25 -11.36
CA HIS G 177 32.55 13.40 -11.77
C HIS G 177 31.55 13.03 -10.66
N PRO G 178 30.50 13.84 -10.46
CA PRO G 178 29.53 13.62 -9.38
C PRO G 178 28.98 12.19 -9.24
N SER G 179 29.12 11.37 -10.28
CA SER G 179 28.55 10.01 -10.25
C SER G 179 29.45 8.99 -9.54
N VAL G 180 30.62 9.45 -9.10
CA VAL G 180 31.59 8.64 -8.37
C VAL G 180 32.23 9.49 -7.26
N THR G 181 32.38 8.92 -6.06
CA THR G 181 33.08 9.62 -4.99
C THR G 181 34.58 9.69 -5.31
N SER G 182 35.24 8.55 -5.33
CA SER G 182 36.66 8.47 -5.69
C SER G 182 36.81 8.58 -7.21
N PRO G 183 37.89 9.21 -7.70
CA PRO G 183 38.00 9.49 -9.13
C PRO G 183 38.25 8.22 -9.95
N LEU G 184 38.02 8.31 -11.26
CA LEU G 184 38.32 7.22 -12.17
C LEU G 184 39.61 7.50 -12.96
N THR G 185 40.42 6.46 -13.13
CA THR G 185 41.76 6.55 -13.70
C THR G 185 41.95 5.45 -14.73
N VAL G 186 42.29 5.83 -15.95
CA VAL G 186 42.64 4.87 -16.97
C VAL G 186 44.12 5.06 -17.25
N GLU G 187 44.82 3.94 -17.33
CA GLU G 187 46.26 3.85 -17.49
C GLU G 187 46.57 3.47 -18.92
N TRP G 188 47.67 3.96 -19.45
CA TRP G 188 48.15 3.54 -20.77
C TRP G 188 49.68 3.56 -20.83
N ARG G 189 50.26 2.48 -21.36
CA ARG G 189 51.71 2.27 -21.40
C ARG G 189 52.06 1.79 -22.80
N ALA G 190 52.98 2.50 -23.46
CA ALA G 190 53.39 2.15 -24.85
C ALA G 190 54.29 0.93 -24.89
N GLY H 1 3.57 10.17 -11.95
CA GLY H 1 3.70 10.91 -10.66
C GLY H 1 3.01 12.26 -10.66
N GLU H 2 3.54 13.20 -9.87
CA GLU H 2 3.10 14.60 -9.84
C GLU H 2 2.94 15.22 -11.23
N LEU H 3 2.02 16.16 -11.36
CA LEU H 3 1.81 16.86 -12.64
C LEU H 3 2.74 18.06 -12.80
N ILE H 4 3.39 18.18 -13.97
CA ILE H 4 4.21 19.36 -14.24
C ILE H 4 3.31 20.56 -14.49
N GLY H 5 3.72 21.73 -14.01
CA GLY H 5 2.90 22.93 -14.12
C GLY H 5 3.04 23.68 -15.43
N ILE H 6 1.98 24.38 -15.83
CA ILE H 6 2.01 25.18 -17.05
C ILE H 6 1.70 26.65 -16.80
N LEU H 7 2.35 27.51 -17.56
CA LEU H 7 2.09 28.92 -17.52
C LEU H 7 1.40 29.31 -18.84
N ASN H 8 0.26 29.96 -18.75
CA ASN H 8 -0.54 30.23 -19.93
C ASN H 8 0.00 31.35 -20.82
N ALA H 9 -0.12 31.13 -22.12
CA ALA H 9 0.27 32.13 -23.12
C ALA H 9 -0.68 33.33 -23.10
N ALA H 10 -0.11 34.51 -22.90
CA ALA H 10 -0.85 35.77 -22.91
C ALA H 10 -1.22 36.21 -24.33
N LYS H 11 -2.49 36.58 -24.51
CA LYS H 11 -2.99 37.16 -25.76
C LYS H 11 -2.48 38.56 -25.95
N VAL H 12 -1.84 38.82 -27.10
CA VAL H 12 -1.43 40.16 -27.46
C VAL H 12 -2.68 40.98 -27.79
N PRO H 13 -2.61 42.31 -27.62
CA PRO H 13 -3.77 43.15 -27.83
C PRO H 13 -4.22 43.15 -29.30
N ALA H 14 -5.54 43.16 -29.47
CA ALA H 14 -6.17 43.07 -30.76
C ALA H 14 -5.81 44.25 -31.65
N ASP H 15 -5.89 44.00 -32.97
CA ASP H 15 -5.82 44.99 -34.08
C ASP H 15 -4.69 44.72 -35.08
N ILE I 1 -6.58 16.99 -7.11
CA ILE I 1 -6.39 18.08 -6.10
C ILE I 1 -7.51 18.10 -5.06
N GLN I 2 -7.15 18.36 -3.80
CA GLN I 2 -8.13 18.53 -2.73
C GLN I 2 -8.23 19.99 -2.32
N VAL I 3 -9.45 20.45 -2.10
CA VAL I 3 -9.71 21.81 -1.62
C VAL I 3 -10.69 21.71 -0.46
N GLU I 4 -10.14 21.77 0.76
CA GLU I 4 -10.94 21.69 1.99
C GLU I 4 -11.11 23.08 2.56
N GLN I 5 -12.34 23.38 2.98
CA GLN I 5 -12.67 24.68 3.54
C GLN I 5 -13.12 24.48 4.95
N SER I 6 -13.00 25.50 5.78
CA SER I 6 -13.49 25.40 7.13
C SER I 6 -13.69 26.78 7.66
N PRO I 7 -14.75 27.05 8.56
CA PRO I 7 -15.47 25.90 9.11
C PRO I 7 -16.66 25.51 8.28
N PRO I 8 -17.29 24.34 8.45
CA PRO I 8 -18.30 24.02 7.43
C PRO I 8 -19.43 25.06 7.32
N ASP I 9 -19.73 25.71 8.44
CA ASP I 9 -20.85 26.61 8.55
C ASP I 9 -20.70 27.45 9.83
N LEU I 10 -21.35 28.61 9.87
CA LEU I 10 -21.01 29.65 10.85
C LEU I 10 -22.14 30.67 10.99
N ILE I 11 -22.40 31.09 12.22
CA ILE I 11 -23.53 31.99 12.53
C ILE I 11 -23.04 33.24 13.29
N LEU I 12 -23.09 34.41 12.67
CA LEU I 12 -22.60 35.61 13.35
C LEU I 12 -23.71 36.59 13.64
N GLN I 13 -23.49 37.45 14.63
CA GLN I 13 -24.41 38.55 14.86
C GLN I 13 -23.70 39.73 14.23
N GLU I 14 -24.46 40.63 13.60
CA GLU I 14 -23.86 41.74 12.86
C GLU I 14 -22.92 42.53 13.76
N GLY I 15 -21.77 42.93 13.22
CA GLY I 15 -20.71 43.54 14.02
C GLY I 15 -19.49 42.65 14.21
N ALA I 16 -19.71 41.34 14.35
CA ALA I 16 -18.64 40.39 14.69
C ALA I 16 -17.64 40.21 13.54
N ASN I 17 -16.45 39.73 13.89
CA ASN I 17 -15.45 39.33 12.92
C ASN I 17 -15.35 37.82 12.85
N SER I 18 -14.58 37.34 11.88
CA SER I 18 -14.17 35.93 11.80
C SER I 18 -13.32 35.65 10.55
N THR I 19 -12.81 34.42 10.53
CA THR I 19 -11.83 34.00 9.57
C THR I 19 -12.35 32.72 8.95
N LEU I 20 -12.38 32.69 7.62
CA LEU I 20 -12.70 31.49 6.87
C LEU I 20 -11.40 30.94 6.33
N ARG I 21 -11.29 29.63 6.26
CA ARG I 21 -10.04 29.00 5.90
C ARG I 21 -10.22 28.06 4.70
N CYS I 22 -9.19 28.01 3.86
CA CYS I 22 -9.18 27.14 2.72
C CYS I 22 -7.80 26.51 2.66
N ASN I 23 -7.75 25.18 2.61
CA ASN I 23 -6.50 24.41 2.42
C ASN I 23 -6.53 23.60 1.13
N PHE I 24 -5.42 23.58 0.41
CA PHE I 24 -5.39 22.92 -0.89
C PHE I 24 -4.13 22.11 -1.07
N SER I 25 -4.20 21.06 -1.87
CA SER I 25 -3.19 20.02 -1.83
C SER I 25 -2.12 20.08 -2.93
N ASP I 26 -2.11 21.14 -3.72
CA ASP I 26 -1.17 21.26 -4.82
C ASP I 26 -0.88 22.73 -5.11
N SER I 27 0.18 22.97 -5.89
CA SER I 27 0.52 24.32 -6.35
C SER I 27 -0.57 24.91 -7.23
N VAL I 28 -0.85 26.18 -6.96
CA VAL I 28 -2.01 26.79 -7.53
C VAL I 28 -1.64 28.12 -8.20
N ASN I 29 -1.93 28.23 -9.51
CA ASN I 29 -1.60 29.46 -10.22
C ASN I 29 -2.26 30.68 -9.61
N ASN I 30 -3.53 30.51 -9.25
CA ASN I 30 -4.25 31.55 -8.54
C ASN I 30 -5.33 30.95 -7.68
N LEU I 31 -5.79 31.76 -6.75
CA LEU I 31 -6.89 31.38 -5.85
C LEU I 31 -7.96 32.47 -5.83
N GLN I 32 -9.21 32.03 -5.87
CA GLN I 32 -10.34 32.95 -5.97
C GLN I 32 -11.36 32.66 -4.87
N TRP I 33 -11.71 33.70 -4.12
CA TRP I 33 -12.80 33.61 -3.16
C TRP I 33 -14.10 34.11 -3.81
N PHE I 34 -15.20 33.40 -3.60
CA PHE I 34 -16.49 33.86 -4.09
C PHE I 34 -17.51 33.82 -2.95
N HIS I 35 -18.55 34.63 -3.10
CA HIS I 35 -19.71 34.63 -2.24
C HIS I 35 -20.86 34.17 -3.15
N GLN I 36 -21.70 33.24 -2.68
CA GLN I 36 -22.90 32.87 -3.43
C GLN I 36 -24.14 33.17 -2.59
N ASN I 37 -24.98 34.07 -3.10
CA ASN I 37 -26.23 34.45 -2.45
C ASN I 37 -27.27 33.35 -2.61
N PRO I 38 -28.34 33.38 -1.79
CA PRO I 38 -29.31 32.27 -1.83
C PRO I 38 -29.92 32.01 -3.21
N TRP I 39 -29.87 33.00 -4.10
CA TRP I 39 -30.35 32.83 -5.47
C TRP I 39 -29.35 32.11 -6.35
N GLY I 40 -28.10 32.04 -5.91
CA GLY I 40 -27.10 31.22 -6.57
C GLY I 40 -26.21 32.04 -7.49
N GLN I 41 -26.26 33.35 -7.34
CA GLN I 41 -25.35 34.29 -7.98
C GLN I 41 -23.99 34.28 -7.26
N LEU I 42 -22.94 33.86 -7.99
CA LEU I 42 -21.58 33.92 -7.47
C LEU I 42 -20.93 35.29 -7.73
N ILE I 43 -20.43 35.93 -6.68
CA ILE I 43 -19.72 37.19 -6.80
C ILE I 43 -18.26 36.94 -6.41
N ASN I 44 -17.32 37.38 -7.25
CA ASN I 44 -15.91 37.29 -6.89
C ASN I 44 -15.53 38.32 -5.84
N LEU I 45 -14.85 37.86 -4.80
CA LEU I 45 -14.42 38.72 -3.73
C LEU I 45 -12.96 39.07 -3.91
N PHE I 46 -12.16 38.07 -4.25
CA PHE I 46 -10.73 38.26 -4.39
C PHE I 46 -10.17 37.37 -5.45
N TYR I 47 -9.20 37.90 -6.17
CA TYR I 47 -8.26 37.12 -6.97
C TYR I 47 -6.91 37.24 -6.28
N ILE I 48 -6.45 36.17 -5.63
CA ILE I 48 -5.29 36.31 -4.74
C ILE I 48 -4.32 35.12 -4.75
N PRO I 49 -3.36 35.14 -5.69
CA PRO I 49 -2.37 34.09 -5.78
C PRO I 49 -1.39 34.10 -4.61
N SER I 50 -1.21 35.26 -3.98
CA SER I 50 -0.28 35.38 -2.85
C SER I 50 -0.24 36.74 -2.16
N GLY I 51 0.13 36.75 -0.89
CA GLY I 51 0.18 37.99 -0.17
C GLY I 51 -1.16 38.31 0.42
N THR I 52 -1.36 39.57 0.74
CA THR I 52 -2.55 40.01 1.41
C THR I 52 -3.24 41.05 0.55
N LYS I 53 -4.56 40.99 0.54
CA LYS I 53 -5.35 42.01 -0.13
C LYS I 53 -6.49 42.43 0.79
N GLN I 54 -6.92 43.67 0.61
CA GLN I 54 -7.95 44.27 1.43
C GLN I 54 -8.95 44.94 0.48
N ASN I 55 -10.21 44.98 0.88
CA ASN I 55 -11.24 45.63 0.12
C ASN I 55 -12.45 45.85 1.00
N GLY I 56 -12.44 46.97 1.72
CA GLY I 56 -13.47 47.28 2.68
C GLY I 56 -13.33 46.47 3.93
N ARG I 57 -14.46 45.94 4.40
CA ARG I 57 -14.50 45.09 5.57
C ARG I 57 -13.91 43.70 5.26
N LEU I 58 -13.62 43.43 3.99
CA LEU I 58 -13.06 42.16 3.56
C LEU I 58 -11.56 42.23 3.34
N SER I 59 -10.85 41.19 3.77
CA SER I 59 -9.47 41.01 3.40
C SER I 59 -9.09 39.53 3.34
N ALA I 60 -8.14 39.20 2.49
CA ALA I 60 -7.66 37.81 2.35
C ALA I 60 -6.12 37.74 2.34
N THR I 61 -5.59 36.57 2.70
CA THR I 61 -4.15 36.29 2.61
C THR I 61 -4.01 34.91 2.02
N THR I 62 -3.10 34.77 1.06
CA THR I 62 -2.76 33.46 0.52
C THR I 62 -1.26 33.19 0.68
N VAL I 63 -0.93 32.10 1.35
CA VAL I 63 0.47 31.69 1.43
C VAL I 63 0.65 30.54 0.44
N ALA I 64 1.18 30.89 -0.73
CA ALA I 64 1.36 29.96 -1.84
C ALA I 64 2.13 28.73 -1.49
N THR I 65 3.33 28.90 -0.97
CA THR I 65 4.12 27.73 -0.62
C THR I 65 3.48 26.85 0.48
N GLU I 66 2.77 27.45 1.45
CA GLU I 66 2.07 26.61 2.48
C GLU I 66 0.69 26.12 2.06
N ARG I 67 0.27 26.50 0.87
CA ARG I 67 -0.94 25.98 0.24
C ARG I 67 -2.23 26.19 1.05
N TYR I 68 -2.37 27.38 1.62
CA TYR I 68 -3.63 27.79 2.25
C TYR I 68 -3.97 29.29 2.05
N SER I 69 -5.24 29.62 2.30
CA SER I 69 -5.73 30.98 2.19
C SER I 69 -6.74 31.26 3.30
N LEU I 70 -6.73 32.51 3.77
CA LEU I 70 -7.64 32.95 4.82
C LEU I 70 -8.42 34.15 4.34
N LEU I 71 -9.73 34.12 4.57
CA LEU I 71 -10.59 35.26 4.29
C LEU I 71 -11.07 35.85 5.60
N TYR I 72 -10.80 37.14 5.79
CA TYR I 72 -11.16 37.85 7.02
C TYR I 72 -12.38 38.68 6.75
N ILE I 73 -13.44 38.41 7.50
CA ILE I 73 -14.62 39.26 7.44
C ILE I 73 -14.70 40.10 8.70
N SER I 74 -14.52 41.40 8.51
CA SER I 74 -14.65 42.36 9.59
C SER I 74 -16.07 42.89 9.62
N SER I 75 -16.55 43.18 10.83
CA SER I 75 -17.75 43.96 11.01
C SER I 75 -18.89 43.43 10.13
N SER I 76 -19.24 42.16 10.31
CA SER I 76 -20.20 41.51 9.42
C SER I 76 -21.58 42.20 9.37
N GLN I 77 -22.26 42.00 8.25
CA GLN I 77 -23.52 42.64 7.91
C GLN I 77 -24.46 41.54 7.44
N THR I 78 -25.76 41.75 7.62
CA THR I 78 -26.72 40.72 7.20
C THR I 78 -26.57 40.37 5.72
N THR I 79 -26.15 41.34 4.90
CA THR I 79 -25.90 41.06 3.48
C THR I 79 -24.69 40.17 3.16
N ASP I 80 -23.82 39.90 4.15
CA ASP I 80 -22.74 38.92 3.98
C ASP I 80 -23.23 37.49 3.93
N SER I 81 -24.48 37.27 4.34
CA SER I 81 -25.04 35.92 4.41
C SER I 81 -24.96 35.17 3.07
N GLY I 82 -24.74 33.87 3.16
CA GLY I 82 -24.70 32.98 1.99
C GLY I 82 -23.59 31.96 2.14
N VAL I 83 -23.09 31.48 1.01
CA VAL I 83 -22.00 30.48 1.00
C VAL I 83 -20.71 31.07 0.41
N TYR I 84 -19.60 30.87 1.12
CA TYR I 84 -18.31 31.43 0.72
C TYR I 84 -17.46 30.33 0.12
N PHE I 85 -17.14 30.48 -1.16
CA PHE I 85 -16.34 29.49 -1.85
C PHE I 85 -14.89 29.91 -2.04
N CYS I 86 -14.02 28.94 -1.88
CA CYS I 86 -12.64 29.07 -2.28
C CYS I 86 -12.45 28.21 -3.53
N ALA I 87 -11.88 28.78 -4.59
CA ALA I 87 -11.68 28.04 -5.84
C ALA I 87 -10.26 28.21 -6.32
N VAL I 88 -9.65 27.13 -6.82
CA VAL I 88 -8.26 27.23 -7.27
C VAL I 88 -8.07 26.83 -8.71
N ASP I 89 -7.15 27.52 -9.37
CA ASP I 89 -6.68 27.27 -10.73
C ASP I 89 -5.42 26.43 -10.56
N ARG I 90 -5.57 25.11 -10.42
CA ARG I 90 -4.42 24.22 -10.25
C ARG I 90 -3.39 24.50 -11.36
N GLY I 91 -2.13 24.71 -10.95
CA GLY I 91 -1.09 25.24 -11.85
C GLY I 91 -0.79 24.34 -13.04
N SER I 92 -1.14 23.08 -12.91
CA SER I 92 -0.85 22.07 -13.93
C SER I 92 -2.04 21.85 -14.87
N THR I 93 -3.07 22.68 -14.73
CA THR I 93 -4.38 22.42 -15.31
C THR I 93 -5.05 23.72 -15.78
N LEU I 94 -4.97 23.97 -17.09
CA LEU I 94 -5.55 25.20 -17.66
C LEU I 94 -7.03 25.05 -17.81
N GLY I 95 -7.73 26.13 -17.43
CA GLY I 95 -9.12 26.34 -17.82
C GLY I 95 -10.17 25.66 -16.99
N ARG I 96 -9.94 25.60 -15.69
CA ARG I 96 -11.02 25.20 -14.76
C ARG I 96 -10.68 25.64 -13.33
N LEU I 97 -11.70 25.97 -12.56
CA LEU I 97 -11.49 26.16 -11.14
C LEU I 97 -11.91 24.90 -10.43
N TYR I 98 -11.19 24.57 -9.37
CA TYR I 98 -11.56 23.50 -8.45
C TYR I 98 -12.07 24.17 -7.20
N PHE I 99 -13.31 23.82 -6.86
CA PHE I 99 -14.07 24.47 -5.80
C PHE I 99 -14.00 23.65 -4.53
N GLY I 100 -14.02 24.33 -3.39
CA GLY I 100 -14.23 23.67 -2.13
C GLY I 100 -15.72 23.46 -1.98
N ARG I 101 -16.13 22.85 -0.87
CA ARG I 101 -17.53 22.64 -0.55
C ARG I 101 -18.19 23.91 -0.05
N GLY I 102 -17.38 24.87 0.39
CA GLY I 102 -17.91 26.15 0.87
C GLY I 102 -18.19 26.21 2.36
N THR I 103 -18.39 27.43 2.86
CA THR I 103 -18.73 27.70 4.24
C THR I 103 -20.05 28.45 4.21
N GLN I 104 -21.07 27.94 4.89
CA GLN I 104 -22.35 28.63 5.00
C GLN I 104 -22.24 29.66 6.10
N LEU I 105 -22.53 30.91 5.76
CA LEU I 105 -22.55 32.00 6.73
C LEU I 105 -23.94 32.62 6.85
N THR I 106 -24.45 32.75 8.06
CA THR I 106 -25.67 33.51 8.31
C THR I 106 -25.29 34.62 9.29
N VAL I 107 -25.75 35.83 8.99
CA VAL I 107 -25.51 36.95 9.86
C VAL I 107 -26.84 37.55 10.34
N TRP I 108 -27.05 37.48 11.66
CA TRP I 108 -28.27 37.98 12.25
C TRP I 108 -28.08 39.43 12.70
N PRO I 109 -29.16 40.19 12.77
CA PRO I 109 -29.05 41.56 13.25
C PRO I 109 -28.78 41.64 14.75
N ASP I 110 -28.23 42.77 15.17
CA ASP I 110 -28.07 43.08 16.57
C ASP I 110 -29.26 43.93 16.96
N ILE I 111 -30.26 43.30 17.57
CA ILE I 111 -31.51 43.99 17.88
C ILE I 111 -31.36 44.78 19.17
N GLN I 112 -31.26 46.10 19.03
CA GLN I 112 -30.92 46.93 20.18
C GLN I 112 -32.09 47.22 21.10
N LYS I 113 -33.26 47.42 20.52
CA LYS I 113 -34.47 47.50 21.34
C LYS I 113 -35.47 46.40 20.95
N PRO I 114 -35.26 45.18 21.49
CA PRO I 114 -36.12 44.05 21.15
C PRO I 114 -37.53 44.24 21.71
N ASP I 115 -38.54 43.86 20.94
CA ASP I 115 -39.92 44.02 21.36
C ASP I 115 -40.79 42.89 20.82
N PRO I 116 -40.56 41.66 21.33
CA PRO I 116 -41.22 40.48 20.79
C PRO I 116 -42.73 40.57 20.92
N ALA I 117 -43.43 40.07 19.91
CA ALA I 117 -44.88 40.16 19.83
C ALA I 117 -45.42 39.18 18.80
N VAL I 118 -46.56 38.56 19.10
CA VAL I 118 -47.23 37.68 18.14
C VAL I 118 -48.55 38.30 17.66
N TYR I 119 -48.74 38.39 16.35
CA TYR I 119 -49.90 39.08 15.81
C TYR I 119 -50.77 38.18 14.94
N GLN I 120 -52.05 38.51 14.88
CA GLN I 120 -52.96 37.90 13.91
C GLN I 120 -53.15 38.81 12.71
N LEU I 121 -53.07 38.18 11.55
CA LEU I 121 -53.37 38.84 10.29
C LEU I 121 -54.58 38.15 9.67
N ARG I 122 -55.47 38.93 9.07
CA ARG I 122 -56.56 38.32 8.32
C ARG I 122 -56.38 38.51 6.82
N ASP I 123 -56.85 37.51 6.06
CA ASP I 123 -56.86 37.55 4.59
C ASP I 123 -57.59 38.79 4.08
N SER I 124 -57.30 39.17 2.85
CA SER I 124 -58.23 39.98 2.07
C SER I 124 -59.15 39.05 1.21
N LYS I 125 -59.78 38.09 1.88
CA LYS I 125 -60.84 37.24 1.30
C LYS I 125 -61.95 37.06 2.34
N SER I 130 -56.26 32.22 8.14
CA SER I 130 -55.56 33.29 8.88
C SER I 130 -54.14 32.91 9.32
N VAL I 131 -53.31 33.95 9.47
CA VAL I 131 -51.88 33.82 9.67
C VAL I 131 -51.46 34.49 10.98
N CYS I 132 -50.48 33.90 11.67
CA CYS I 132 -49.84 34.51 12.82
C CYS I 132 -48.38 34.90 12.54
N LEU I 133 -48.00 36.09 13.01
CA LEU I 133 -46.68 36.65 12.82
C LEU I 133 -45.95 36.89 14.13
N PHE I 134 -44.80 36.25 14.30
CA PHE I 134 -43.92 36.45 15.45
C PHE I 134 -42.78 37.35 15.00
N THR I 135 -42.68 38.54 15.58
CA THR I 135 -41.79 39.56 15.04
C THR I 135 -41.10 40.38 16.14
N ASP I 136 -39.95 40.97 15.81
CA ASP I 136 -39.21 41.89 16.68
C ASP I 136 -38.54 41.22 17.89
N PHE I 137 -38.40 39.90 17.81
CA PHE I 137 -37.57 39.20 18.76
C PHE I 137 -36.10 39.40 18.40
N ASP I 138 -35.22 39.26 19.38
CA ASP I 138 -33.81 39.45 19.13
C ASP I 138 -33.22 38.16 18.55
N SER I 139 -32.04 38.27 17.94
CA SER I 139 -31.53 37.22 17.07
C SER I 139 -31.23 35.90 17.74
N GLN I 140 -30.99 35.93 19.05
CA GLN I 140 -30.65 34.71 19.78
C GLN I 140 -31.85 33.82 20.09
N THR I 141 -33.04 34.21 19.64
CA THR I 141 -34.22 33.36 19.67
C THR I 141 -34.29 32.42 18.46
N ASN I 142 -34.57 31.15 18.75
CA ASN I 142 -34.74 30.13 17.73
C ASN I 142 -36.21 29.72 17.58
N VAL I 143 -36.61 29.48 16.34
CA VAL I 143 -38.01 29.19 16.03
C VAL I 143 -38.17 27.73 15.68
N SER I 144 -38.81 26.99 16.58
CA SER I 144 -39.05 25.56 16.42
C SER I 144 -39.99 25.37 15.25
N GLN I 145 -39.63 24.44 14.35
CA GLN I 145 -40.54 24.05 13.28
C GLN I 145 -41.76 23.36 13.92
N SER I 146 -42.88 23.38 13.20
CA SER I 146 -44.15 22.86 13.71
C SER I 146 -44.08 21.40 14.17
N LYS I 147 -44.90 21.08 15.17
CA LYS I 147 -45.14 19.69 15.55
C LYS I 147 -46.63 19.34 15.49
N ASP I 148 -47.25 19.73 14.38
CA ASP I 148 -48.65 19.49 14.09
C ASP I 148 -48.81 19.63 12.57
N SER I 149 -49.30 18.58 11.90
CA SER I 149 -49.25 18.51 10.43
C SER I 149 -50.28 19.38 9.68
N ASP I 150 -51.08 20.10 10.45
CA ASP I 150 -52.07 21.02 9.90
C ASP I 150 -51.70 22.46 10.28
N VAL I 151 -50.54 22.59 10.93
CA VAL I 151 -49.94 23.88 11.32
C VAL I 151 -48.55 24.04 10.71
N TYR I 152 -48.33 25.13 9.96
CA TYR I 152 -47.03 25.37 9.30
C TYR I 152 -46.32 26.56 9.93
N ILE I 153 -45.06 26.37 10.31
CA ILE I 153 -44.23 27.46 10.84
C ILE I 153 -42.94 27.63 10.02
N THR I 154 -42.65 28.87 9.64
CA THR I 154 -41.40 29.19 8.93
C THR I 154 -40.33 29.66 9.90
N ASP I 155 -39.09 29.47 9.50
CA ASP I 155 -37.95 29.97 10.22
C ASP I 155 -37.94 31.51 10.22
N LYS I 156 -37.13 32.12 11.09
CA LYS I 156 -36.95 33.56 11.13
C LYS I 156 -36.13 34.00 9.94
N CYS I 157 -36.45 35.18 9.44
CA CYS I 157 -35.57 35.84 8.50
C CYS I 157 -35.56 37.35 8.82
N VAL I 158 -34.50 38.05 8.43
CA VAL I 158 -34.44 39.49 8.69
C VAL I 158 -34.87 40.33 7.53
N LEU I 159 -35.72 41.30 7.80
CA LEU I 159 -35.93 42.36 6.84
C LEU I 159 -35.14 43.60 7.27
N ASP I 160 -34.91 44.46 6.30
CA ASP I 160 -34.09 45.63 6.48
C ASP I 160 -34.92 46.75 5.91
N MET I 161 -35.44 47.61 6.77
CA MET I 161 -36.07 48.85 6.30
C MET I 161 -35.00 49.90 6.15
N ARG I 162 -34.30 49.84 5.02
CA ARG I 162 -33.08 50.62 4.77
C ARG I 162 -33.20 52.13 5.06
N SER I 163 -34.31 52.72 4.63
CA SER I 163 -34.55 54.15 4.84
C SER I 163 -34.70 54.53 6.33
N MET I 164 -35.00 53.56 7.18
CA MET I 164 -35.22 53.81 8.60
C MET I 164 -34.02 53.46 9.45
N ASP I 165 -33.03 52.81 8.84
CA ASP I 165 -31.93 52.21 9.61
C ASP I 165 -32.45 51.17 10.60
N PHE I 166 -33.42 50.39 10.16
CA PHE I 166 -34.16 49.51 11.06
C PHE I 166 -34.22 48.09 10.52
N LYS I 167 -33.78 47.13 11.32
CA LYS I 167 -33.88 45.71 10.98
C LYS I 167 -34.74 44.98 12.02
N SER I 168 -35.49 43.96 11.59
CA SER I 168 -36.20 43.09 12.52
C SER I 168 -36.35 41.66 12.03
N ASN I 169 -36.36 40.71 12.96
CA ASN I 169 -36.60 39.30 12.63
C ASN I 169 -38.08 38.99 12.66
N SER I 170 -38.53 38.04 11.85
CA SER I 170 -39.88 37.53 12.01
C SER I 170 -39.98 36.07 11.66
N ALA I 171 -41.02 35.43 12.16
CA ALA I 171 -41.40 34.08 11.74
C ALA I 171 -42.88 34.13 11.45
N VAL I 172 -43.33 33.14 10.68
CA VAL I 172 -44.73 33.04 10.30
C VAL I 172 -45.25 31.64 10.58
N ALA I 173 -46.42 31.58 11.23
CA ALA I 173 -47.16 30.32 11.41
C ALA I 173 -48.58 30.46 10.90
N TRP I 174 -49.11 29.41 10.27
CA TRP I 174 -50.51 29.41 9.83
C TRP I 174 -51.11 28.01 9.82
N SER I 175 -52.43 27.96 9.63
CA SER I 175 -53.20 26.72 9.66
C SER I 175 -54.58 26.95 9.02
N ASN I 176 -55.35 25.89 8.79
CA ASN I 176 -56.79 26.06 8.54
C ASN I 176 -57.68 25.05 9.26
N ALA I 181 -55.65 29.75 16.63
CA ALA I 181 -55.36 30.79 17.62
C ALA I 181 -53.86 31.10 17.70
N CYS I 182 -53.53 32.40 17.67
CA CYS I 182 -52.14 32.88 17.71
C CYS I 182 -51.45 32.67 19.05
N ALA I 183 -52.22 32.75 20.14
CA ALA I 183 -51.71 32.58 21.49
C ALA I 183 -50.96 31.27 21.72
N ASN I 184 -51.12 30.33 20.80
CA ASN I 184 -50.49 29.01 20.94
C ASN I 184 -49.63 28.61 19.75
N ALA I 185 -49.65 29.42 18.71
CA ALA I 185 -48.91 29.14 17.47
C ALA I 185 -47.44 28.77 17.72
N PHE I 186 -46.75 29.56 18.54
CA PHE I 186 -45.30 29.44 18.68
C PHE I 186 -44.83 28.85 19.99
N ASN I 187 -45.75 28.42 20.85
CA ASN I 187 -45.35 28.00 22.19
C ASN I 187 -44.51 26.71 22.27
N ASN I 188 -44.44 25.98 21.15
CA ASN I 188 -43.46 24.89 20.97
C ASN I 188 -42.05 25.43 20.67
N SER I 189 -41.93 26.77 20.69
CA SER I 189 -40.67 27.52 20.71
C SER I 189 -40.50 28.15 22.07
N ILE I 190 -39.26 28.28 22.54
CA ILE I 190 -39.03 29.08 23.74
C ILE I 190 -38.94 30.57 23.40
N ILE I 191 -39.95 31.31 23.84
CA ILE I 191 -40.12 32.70 23.48
C ILE I 191 -39.85 33.61 24.69
N PRO I 192 -39.34 34.84 24.46
CA PRO I 192 -38.91 35.70 25.58
C PRO I 192 -40.03 36.03 26.55
N GLU I 193 -39.73 35.96 27.85
CA GLU I 193 -40.68 36.23 28.95
C GLU I 193 -41.73 37.29 28.61
N ASP I 194 -41.29 38.28 27.86
CA ASP I 194 -42.00 39.53 27.66
C ASP I 194 -42.69 39.65 26.28
N THR I 195 -42.83 38.53 25.59
CA THR I 195 -43.57 38.51 24.32
C THR I 195 -45.01 38.97 24.53
N PHE I 196 -45.46 39.87 23.66
CA PHE I 196 -46.75 40.56 23.74
C PHE I 196 -47.80 39.83 22.91
N PHE I 197 -48.99 39.62 23.48
CA PHE I 197 -50.04 38.82 22.82
C PHE I 197 -51.38 39.55 22.74
N PRO I 198 -51.57 40.41 21.73
CA PRO I 198 -52.85 41.12 21.59
C PRO I 198 -53.94 40.23 20.97
N GLY J 1 -22.71 41.83 -17.82
CA GLY J 1 -22.59 40.55 -17.06
C GLY J 1 -22.83 39.33 -17.94
N VAL J 2 -22.55 38.14 -17.41
CA VAL J 2 -22.75 36.87 -18.11
C VAL J 2 -24.24 36.60 -18.02
N THR J 3 -24.84 36.15 -19.12
CA THR J 3 -26.25 35.82 -19.10
C THR J 3 -26.49 34.36 -19.41
N GLN J 4 -27.57 33.82 -18.87
CA GLN J 4 -27.93 32.45 -19.12
C GLN J 4 -29.43 32.36 -19.40
N SER J 5 -29.78 31.42 -20.24
CA SER J 5 -31.16 31.10 -20.37
C SER J 5 -31.18 29.63 -20.53
N PRO J 6 -32.34 28.89 -20.28
CA PRO J 6 -33.34 29.53 -19.46
C PRO J 6 -32.92 29.41 -18.04
N THR J 7 -33.80 29.83 -17.15
CA THR J 7 -33.49 30.01 -15.75
C THR J 7 -33.84 28.73 -15.04
N HIS J 8 -34.91 28.11 -15.54
CA HIS J 8 -35.48 26.90 -14.96
C HIS J 8 -35.88 25.91 -16.06
N LEU J 9 -35.73 24.63 -15.76
CA LEU J 9 -36.17 23.59 -16.65
C LEU J 9 -36.65 22.41 -15.84
N ILE J 10 -37.82 21.90 -16.20
CA ILE J 10 -38.26 20.60 -15.72
C ILE J 10 -38.19 19.68 -16.90
N LYS J 11 -37.63 18.50 -16.67
CA LYS J 11 -37.42 17.54 -17.74
C LYS J 11 -37.64 16.13 -17.20
N THR J 12 -37.81 15.15 -18.10
CA THR J 12 -38.14 13.77 -17.71
C THR J 12 -37.05 12.78 -18.15
N ARG J 13 -36.96 11.65 -17.46
CA ARG J 13 -35.95 10.62 -17.76
C ARG J 13 -35.80 10.36 -19.26
N GLY J 14 -34.57 10.29 -19.73
CA GLY J 14 -34.29 9.99 -21.15
C GLY J 14 -34.52 11.14 -22.10
N GLN J 15 -35.09 12.24 -21.60
CA GLN J 15 -35.25 13.46 -22.37
C GLN J 15 -33.92 14.21 -22.62
N GLN J 16 -34.03 15.37 -23.27
CA GLN J 16 -32.88 16.14 -23.74
C GLN J 16 -33.02 17.60 -23.26
N ALA J 17 -31.89 18.25 -22.93
CA ALA J 17 -31.91 19.66 -22.53
C ALA J 17 -30.87 20.50 -23.23
N THR J 18 -31.21 21.77 -23.46
CA THR J 18 -30.30 22.72 -24.09
C THR J 18 -30.26 24.02 -23.28
N LEU J 19 -29.08 24.33 -22.74
CA LEU J 19 -28.90 25.54 -21.94
C LEU J 19 -27.96 26.45 -22.68
N ARG J 20 -28.21 27.77 -22.59
CA ARG J 20 -27.46 28.77 -23.36
C ARG J 20 -26.75 29.80 -22.48
N CYS J 21 -25.61 30.28 -22.97
CA CYS J 21 -24.80 31.22 -22.22
C CYS J 21 -24.15 32.27 -23.09
N SER J 22 -24.20 33.53 -22.68
CA SER J 22 -23.41 34.58 -23.31
C SER J 22 -22.36 35.07 -22.34
N PRO J 23 -21.10 35.15 -22.78
CA PRO J 23 -20.02 35.68 -21.96
C PRO J 23 -20.13 37.21 -21.84
N ILE J 24 -19.30 37.81 -21.00
CA ILE J 24 -19.15 39.27 -20.93
C ILE J 24 -18.49 39.72 -22.22
N SER J 25 -18.96 40.83 -22.77
CA SER J 25 -18.38 41.32 -24.00
C SER J 25 -16.94 41.71 -23.78
N GLY J 26 -16.07 41.09 -24.56
CA GLY J 26 -14.64 41.25 -24.40
C GLY J 26 -14.08 39.87 -24.12
N HIS J 27 -14.80 39.11 -23.29
CA HIS J 27 -14.37 37.77 -22.94
C HIS J 27 -14.57 36.83 -24.10
N THR J 28 -13.61 35.95 -24.29
CA THR J 28 -13.62 35.06 -25.41
C THR J 28 -13.64 33.61 -24.95
N SER J 29 -13.55 33.39 -23.63
CA SER J 29 -13.61 32.06 -22.99
C SER J 29 -14.92 31.83 -22.22
N VAL J 30 -15.48 30.63 -22.35
CA VAL J 30 -16.68 30.22 -21.64
C VAL J 30 -16.41 28.95 -20.83
N TYR J 31 -16.93 28.91 -19.61
CA TYR J 31 -16.79 27.73 -18.78
C TYR J 31 -18.15 27.31 -18.27
N TRP J 32 -18.35 26.00 -18.20
CA TRP J 32 -19.56 25.47 -17.64
C TRP J 32 -19.22 24.68 -16.40
N TYR J 33 -20.05 24.84 -15.37
CA TYR J 33 -19.92 24.08 -14.14
C TYR J 33 -21.27 23.51 -13.72
N GLN J 34 -21.24 22.39 -13.02
CA GLN J 34 -22.42 21.80 -12.43
C GLN J 34 -22.36 21.92 -10.91
N GLN J 35 -23.43 22.45 -10.32
CA GLN J 35 -23.54 22.54 -8.89
C GLN J 35 -24.78 21.79 -8.43
N ALA J 36 -24.57 20.65 -7.80
CA ALA J 36 -25.66 19.88 -7.21
C ALA J 36 -25.64 20.08 -5.70
N LEU J 37 -26.81 19.91 -5.06
CA LEU J 37 -26.95 19.91 -3.60
C LEU J 37 -26.29 21.15 -2.98
N GLY J 38 -25.69 20.97 -1.79
CA GLY J 38 -24.88 22.04 -1.19
C GLY J 38 -23.57 22.26 -1.93
N LEU J 39 -22.96 21.15 -2.35
CA LEU J 39 -21.65 21.04 -3.03
C LEU J 39 -21.03 22.29 -3.69
N GLY J 40 -19.70 22.24 -3.85
CA GLY J 40 -18.98 23.14 -4.75
C GLY J 40 -19.34 22.83 -6.21
N LEU J 41 -18.83 23.65 -7.12
CA LEU J 41 -19.10 23.43 -8.53
C LEU J 41 -18.17 22.34 -9.05
N GLN J 42 -18.58 21.68 -10.13
CA GLN J 42 -17.77 20.66 -10.82
C GLN J 42 -17.60 21.07 -12.29
N PHE J 43 -16.36 21.12 -12.75
CA PHE J 43 -16.06 21.62 -14.08
C PHE J 43 -16.61 20.75 -15.22
N LEU J 44 -17.32 21.39 -16.13
CA LEU J 44 -17.89 20.67 -17.27
C LEU J 44 -17.05 20.77 -18.55
N LEU J 45 -17.11 21.93 -19.20
CA LEU J 45 -16.43 22.19 -20.47
C LEU J 45 -15.81 23.58 -20.47
N TRP J 46 -14.70 23.73 -21.17
CA TRP J 46 -14.16 25.05 -21.43
C TRP J 46 -14.01 25.29 -22.93
N TYR J 47 -14.74 26.28 -23.43
CA TYR J 47 -14.55 26.78 -24.80
C TYR J 47 -13.81 28.12 -24.80
N ASP J 48 -12.80 28.23 -25.65
CA ASP J 48 -12.21 29.53 -26.03
C ASP J 48 -12.20 29.63 -27.54
N GLU J 49 -12.52 30.83 -28.04
CA GLU J 49 -12.41 31.15 -29.46
C GLU J 49 -13.05 30.14 -30.42
N GLY J 50 -14.19 29.59 -30.04
CA GLY J 50 -14.90 28.62 -30.87
C GLY J 50 -14.58 27.15 -30.63
N GLU J 51 -13.42 26.86 -30.04
CA GLU J 51 -12.96 25.47 -29.87
C GLU J 51 -13.08 24.93 -28.45
N GLU J 52 -13.52 23.67 -28.36
CA GLU J 52 -13.53 22.96 -27.09
C GLU J 52 -12.11 22.81 -26.60
N ARG J 53 -11.77 23.51 -25.53
CA ARG J 53 -10.40 23.47 -25.08
C ARG J 53 -10.11 22.43 -24.00
N ASN J 54 -11.08 22.19 -23.12
CA ASN J 54 -10.95 21.12 -22.17
C ASN J 54 -12.31 20.66 -21.69
N ARG J 55 -12.34 19.41 -21.27
CA ARG J 55 -13.53 18.80 -20.73
C ARG J 55 -13.17 18.19 -19.37
N GLY J 56 -14.15 18.09 -18.48
CA GLY J 56 -13.96 17.44 -17.19
C GLY J 56 -14.38 15.97 -17.17
N ASN J 57 -14.80 15.52 -16.00
CA ASN J 57 -15.08 14.10 -15.69
C ASN J 57 -16.55 13.69 -16.02
N PHE J 58 -17.03 14.06 -17.22
CA PHE J 58 -18.44 13.87 -17.60
C PHE J 58 -18.65 13.06 -18.88
N PRO J 59 -19.54 12.04 -18.83
CA PRO J 59 -19.78 11.12 -19.94
C PRO J 59 -20.30 11.85 -21.18
N PRO J 60 -20.15 11.22 -22.37
CA PRO J 60 -20.55 11.75 -23.70
C PRO J 60 -21.96 12.32 -23.72
N ARG J 61 -22.80 11.86 -22.78
CA ARG J 61 -24.14 12.37 -22.54
C ARG J 61 -24.19 13.91 -22.60
N PHE J 62 -23.10 14.52 -22.14
CA PHE J 62 -22.89 15.98 -22.11
C PHE J 62 -22.03 16.44 -23.27
N SER J 63 -22.46 17.52 -23.93
CA SER J 63 -21.72 18.08 -25.05
C SER J 63 -22.04 19.56 -25.15
N GLY J 64 -21.40 20.24 -26.10
CA GLY J 64 -21.67 21.65 -26.32
C GLY J 64 -21.09 22.20 -27.60
N ARG J 65 -21.09 23.52 -27.71
CA ARG J 65 -20.65 24.20 -28.90
C ARG J 65 -20.45 25.64 -28.44
N GLN J 66 -19.42 26.31 -28.93
CA GLN J 66 -19.32 27.75 -28.77
C GLN J 66 -19.43 28.34 -30.16
N PHE J 67 -20.18 29.44 -30.27
CA PHE J 67 -20.46 30.06 -31.56
C PHE J 67 -19.45 31.15 -31.90
N PRO J 68 -19.33 31.50 -33.19
CA PRO J 68 -18.47 32.62 -33.63
C PRO J 68 -18.69 33.91 -32.86
N ASN J 69 -19.92 34.18 -32.43
CA ASN J 69 -20.18 35.40 -31.67
C ASN J 69 -19.65 35.31 -30.24
N TYR J 70 -19.08 34.15 -29.90
CA TYR J 70 -18.80 33.75 -28.52
C TYR J 70 -20.12 33.70 -27.75
N SER J 71 -20.40 32.51 -27.26
CA SER J 71 -21.64 32.18 -26.57
C SER J 71 -21.82 30.73 -26.87
N SER J 72 -22.50 30.04 -25.99
CA SER J 72 -22.35 28.61 -25.94
C SER J 72 -23.65 27.90 -25.62
N GLU J 73 -23.71 26.63 -26.02
CA GLU J 73 -24.79 25.74 -25.65
C GLU J 73 -24.24 24.59 -24.86
N LEU J 74 -25.01 24.14 -23.87
CA LEU J 74 -24.75 22.89 -23.20
C LEU J 74 -25.89 21.98 -23.64
N ASN J 75 -25.57 20.72 -23.91
CA ASN J 75 -26.59 19.75 -24.25
C ASN J 75 -26.43 18.51 -23.41
N VAL J 76 -27.52 18.08 -22.77
CA VAL J 76 -27.50 16.84 -22.02
C VAL J 76 -28.56 15.93 -22.61
N ASN J 77 -28.12 14.74 -23.00
CA ASN J 77 -28.83 13.91 -23.97
C ASN J 77 -29.69 12.78 -23.41
N ALA J 78 -29.21 12.12 -22.38
CA ALA J 78 -29.89 10.95 -21.85
C ALA J 78 -30.24 11.26 -20.41
N LEU J 79 -31.04 12.30 -20.22
CA LEU J 79 -31.24 12.88 -18.89
C LEU J 79 -31.62 11.85 -17.83
N GLU J 80 -30.85 11.86 -16.74
CA GLU J 80 -31.08 11.02 -15.59
C GLU J 80 -31.32 11.88 -14.33
N LEU J 81 -31.90 11.29 -13.29
CA LEU J 81 -32.30 12.03 -12.07
C LEU J 81 -31.14 12.75 -11.40
N GLU J 82 -29.98 12.12 -11.43
CA GLU J 82 -28.78 12.70 -10.82
C GLU J 82 -28.18 13.82 -11.67
N ASP J 83 -28.88 14.23 -12.73
CA ASP J 83 -28.49 15.40 -13.53
C ASP J 83 -29.14 16.70 -13.02
N SER J 84 -30.01 16.57 -12.01
CA SER J 84 -30.68 17.71 -11.39
C SER J 84 -29.68 18.57 -10.64
N ALA J 85 -29.51 19.81 -11.08
CA ALA J 85 -28.50 20.68 -10.51
C ALA J 85 -28.64 22.07 -11.08
N LEU J 86 -27.98 23.02 -10.44
CA LEU J 86 -27.77 24.34 -10.99
C LEU J 86 -26.59 24.25 -11.93
N TYR J 87 -26.80 24.72 -13.16
CA TYR J 87 -25.78 24.68 -14.19
C TYR J 87 -25.28 26.07 -14.42
N LEU J 88 -23.99 26.25 -14.16
CA LEU J 88 -23.42 27.58 -14.09
C LEU J 88 -22.44 27.82 -15.23
N CYS J 89 -22.59 29.00 -15.82
CA CYS J 89 -21.73 29.45 -16.89
C CYS J 89 -20.85 30.61 -16.42
N ALA J 90 -19.64 30.69 -16.96
CA ALA J 90 -18.71 31.77 -16.60
C ALA J 90 -17.82 32.17 -17.75
N SER J 91 -17.36 33.42 -17.74
CA SER J 91 -16.39 33.86 -18.72
C SER J 91 -15.19 34.50 -18.02
N SER J 92 -14.06 34.53 -18.73
CA SER J 92 -12.83 35.11 -18.19
C SER J 92 -11.76 35.24 -19.26
N GLN J 93 -10.74 36.04 -18.99
CA GLN J 93 -9.46 35.90 -19.70
C GLN J 93 -8.80 34.67 -19.11
N ILE J 94 -8.10 33.91 -19.94
CA ILE J 94 -7.56 32.64 -19.49
C ILE J 94 -6.77 32.89 -18.21
N ARG J 95 -7.04 32.07 -17.19
CA ARG J 95 -6.32 32.11 -15.92
C ARG J 95 -6.48 33.42 -15.14
N GLU J 96 -7.63 34.07 -15.27
CA GLU J 96 -7.90 35.29 -14.50
C GLU J 96 -9.22 35.15 -13.76
N THR J 97 -9.71 36.20 -13.06
CA THR J 97 -10.97 36.20 -12.34
C THR J 97 -12.06 35.64 -13.23
N GLN J 98 -12.86 34.67 -12.67
CA GLN J 98 -14.04 34.22 -13.40
C GLN J 98 -15.29 34.94 -12.92
N TYR J 99 -16.14 35.29 -13.88
CA TYR J 99 -17.39 35.98 -13.63
C TYR J 99 -18.52 35.05 -14.06
N PHE J 100 -19.53 34.93 -13.22
CA PHE J 100 -20.55 33.92 -13.42
C PHE J 100 -21.89 34.50 -13.85
N GLY J 101 -22.65 33.67 -14.57
CA GLY J 101 -24.03 33.99 -14.92
C GLY J 101 -24.94 33.59 -13.77
N PRO J 102 -26.26 33.82 -13.90
CA PRO J 102 -27.12 33.53 -12.75
C PRO J 102 -27.41 32.03 -12.66
N GLY J 103 -27.21 31.32 -13.77
CA GLY J 103 -27.35 29.87 -13.82
C GLY J 103 -28.73 29.38 -14.16
N THR J 104 -28.78 28.24 -14.83
CA THR J 104 -30.02 27.51 -15.12
C THR J 104 -30.27 26.46 -14.06
N ARG J 105 -31.46 26.50 -13.47
CA ARG J 105 -31.88 25.44 -12.58
C ARG J 105 -32.61 24.31 -13.34
N LEU J 106 -31.92 23.17 -13.47
CA LEU J 106 -32.44 21.99 -14.14
C LEU J 106 -32.95 20.94 -13.17
N LEU J 107 -34.22 20.58 -13.29
CA LEU J 107 -34.80 19.48 -12.51
C LEU J 107 -35.19 18.34 -13.43
N VAL J 108 -34.71 17.14 -13.11
CA VAL J 108 -35.10 15.92 -13.81
C VAL J 108 -35.96 15.04 -12.88
N LEU J 109 -37.13 14.66 -13.38
CA LEU J 109 -38.11 13.88 -12.61
C LEU J 109 -38.53 12.58 -13.32
N GLU J 110 -39.00 11.62 -12.53
CA GLU J 110 -39.55 10.36 -13.03
C GLU J 110 -40.70 10.62 -14.03
N ASP J 111 -41.59 11.54 -13.66
CA ASP J 111 -42.73 11.96 -14.49
C ASP J 111 -43.23 13.34 -13.99
N LEU J 112 -44.08 13.99 -14.79
CA LEU J 112 -44.54 15.35 -14.50
C LEU J 112 -45.80 15.42 -13.66
N LYS J 113 -46.38 14.29 -13.33
CA LYS J 113 -47.73 14.29 -12.76
C LYS J 113 -47.87 14.78 -11.31
N ASN J 114 -46.77 15.23 -10.71
CA ASN J 114 -46.82 15.78 -9.36
C ASN J 114 -46.55 17.29 -9.36
N VAL J 115 -46.44 17.85 -10.56
CA VAL J 115 -46.20 19.28 -10.75
C VAL J 115 -47.47 20.13 -10.49
N PHE J 116 -47.40 21.03 -9.51
CA PHE J 116 -48.51 21.96 -9.23
C PHE J 116 -48.05 23.42 -9.21
N PRO J 117 -48.87 24.34 -9.73
CA PRO J 117 -48.55 25.74 -9.49
C PRO J 117 -48.92 26.08 -8.05
N PRO J 118 -48.55 27.27 -7.55
CA PRO J 118 -49.01 27.65 -6.22
C PRO J 118 -50.34 28.40 -6.21
N GLU J 119 -50.95 28.44 -5.04
CA GLU J 119 -51.98 29.43 -4.71
C GLU J 119 -51.34 30.53 -3.88
N VAL J 120 -51.81 31.76 -4.03
CA VAL J 120 -51.21 32.89 -3.35
C VAL J 120 -52.27 33.68 -2.59
N ALA J 121 -51.97 33.98 -1.33
CA ALA J 121 -52.78 34.88 -0.51
C ALA J 121 -51.89 35.93 0.17
N VAL J 122 -52.43 37.16 0.25
CA VAL J 122 -51.85 38.28 0.98
C VAL J 122 -52.62 38.48 2.27
N PHE J 123 -51.90 38.60 3.39
CA PHE J 123 -52.50 38.84 4.69
C PHE J 123 -52.08 40.22 5.16
N GLU J 124 -53.04 40.93 5.75
CA GLU J 124 -52.92 42.37 6.02
C GLU J 124 -52.45 42.67 7.43
N PRO J 125 -51.81 43.83 7.63
CA PRO J 125 -51.24 44.19 8.93
C PRO J 125 -52.25 44.11 10.07
N SER J 126 -51.80 43.58 11.20
CA SER J 126 -52.55 43.64 12.44
C SER J 126 -52.70 45.10 12.89
N GLU J 127 -53.91 45.47 13.30
CA GLU J 127 -54.20 46.79 13.87
C GLU J 127 -53.35 47.00 15.11
N ALA J 128 -53.11 45.90 15.83
CA ALA J 128 -52.26 45.92 17.02
C ALA J 128 -50.84 46.38 16.68
N GLU J 129 -50.31 45.86 15.56
CA GLU J 129 -48.97 46.23 15.12
C GLU J 129 -48.92 47.72 14.79
N ILE J 130 -49.84 48.21 13.96
CA ILE J 130 -49.84 49.65 13.67
C ILE J 130 -49.76 50.44 14.99
N SER J 131 -50.56 50.04 15.97
CA SER J 131 -50.64 50.69 17.28
C SER J 131 -49.32 50.62 18.02
N HIS J 132 -48.85 49.38 18.22
CA HIS J 132 -47.65 49.11 19.00
C HIS J 132 -46.33 49.69 18.44
N THR J 133 -46.22 49.82 17.11
CA THR J 133 -44.92 50.01 16.47
C THR J 133 -44.85 51.15 15.44
N GLN J 134 -46.02 51.60 14.96
CA GLN J 134 -46.16 52.48 13.78
C GLN J 134 -45.64 51.82 12.50
N LYS J 135 -45.63 50.50 12.50
CA LYS J 135 -45.19 49.74 11.34
C LYS J 135 -46.25 48.74 10.94
N ALA J 136 -46.22 48.33 9.68
CA ALA J 136 -47.23 47.48 9.10
C ALA J 136 -46.56 46.37 8.29
N THR J 137 -46.76 45.14 8.73
CA THR J 137 -46.21 44.00 7.99
C THR J 137 -47.28 43.29 7.19
N LEU J 138 -47.01 43.16 5.90
CA LEU J 138 -47.81 42.32 5.04
C LEU J 138 -47.16 40.94 4.99
N VAL J 139 -47.98 39.90 4.88
CA VAL J 139 -47.49 38.53 4.78
C VAL J 139 -48.13 37.91 3.58
N CYS J 140 -47.28 37.29 2.76
CA CYS J 140 -47.70 36.58 1.57
C CYS J 140 -47.34 35.10 1.71
N LEU J 141 -48.29 34.22 1.37
CA LEU J 141 -48.05 32.78 1.38
C LEU J 141 -48.23 32.20 0.01
N ALA J 142 -47.31 31.36 -0.40
CA ALA J 142 -47.48 30.60 -1.63
C ALA J 142 -47.51 29.14 -1.21
N THR J 143 -48.61 28.45 -1.55
CA THR J 143 -48.82 27.08 -1.04
C THR J 143 -49.16 26.08 -2.13
N GLY J 144 -48.76 24.85 -1.91
CA GLY J 144 -49.11 23.74 -2.75
C GLY J 144 -48.37 23.55 -4.02
N PHE J 145 -47.18 24.11 -4.11
CA PHE J 145 -46.42 24.04 -5.32
C PHE J 145 -45.36 22.99 -5.33
N TYR J 146 -45.20 22.38 -6.47
CA TYR J 146 -44.13 21.48 -6.70
C TYR J 146 -43.93 21.60 -8.17
N PRO J 147 -42.66 21.81 -8.73
CA PRO J 147 -41.53 21.72 -7.81
C PRO J 147 -41.09 23.01 -7.17
N ASP J 148 -39.90 22.96 -6.68
CA ASP J 148 -39.31 23.99 -5.89
C ASP J 148 -39.07 25.28 -6.61
N HIS J 149 -39.50 25.34 -7.83
CA HIS J 149 -39.08 26.42 -8.73
C HIS J 149 -39.94 27.69 -8.72
N VAL J 150 -39.84 28.51 -7.68
CA VAL J 150 -40.56 29.82 -7.67
C VAL J 150 -39.67 31.05 -7.44
N GLU J 151 -40.15 32.21 -7.87
CA GLU J 151 -39.55 33.50 -7.49
C GLU J 151 -40.66 34.40 -7.01
N LEU J 152 -40.52 34.90 -5.80
CA LEU J 152 -41.53 35.74 -5.18
C LEU J 152 -41.05 37.18 -5.14
N SER J 153 -41.92 38.12 -5.46
CA SER J 153 -41.53 39.53 -5.43
C SER J 153 -42.67 40.37 -4.91
N TRP J 154 -42.33 41.53 -4.37
CA TRP J 154 -43.33 42.49 -3.95
C TRP J 154 -43.32 43.64 -4.93
N TRP J 155 -44.53 44.10 -5.25
CA TRP J 155 -44.73 45.24 -6.14
C TRP J 155 -45.56 46.28 -5.42
N VAL J 156 -44.97 47.46 -5.25
CA VAL J 156 -45.69 48.59 -4.65
C VAL J 156 -45.89 49.66 -5.71
N ASN J 157 -47.15 50.04 -5.92
CA ASN J 157 -47.51 50.98 -6.99
C ASN J 157 -46.81 50.68 -8.32
N GLY J 158 -46.73 49.40 -8.67
CA GLY J 158 -46.18 48.97 -9.95
C GLY J 158 -44.68 48.86 -10.00
N LYS J 159 -44.01 49.02 -8.87
CA LYS J 159 -42.56 48.94 -8.84
C LYS J 159 -42.12 47.82 -7.90
N GLU J 160 -41.27 46.91 -8.41
CA GLU J 160 -40.68 45.89 -7.56
C GLU J 160 -39.85 46.53 -6.44
N VAL J 161 -39.88 45.88 -5.28
CA VAL J 161 -39.36 46.45 -4.06
C VAL J 161 -38.57 45.38 -3.29
N HIS J 162 -37.44 45.78 -2.71
CA HIS J 162 -36.61 44.88 -1.92
C HIS J 162 -36.40 45.36 -0.49
N SER J 163 -36.35 46.68 -0.30
CA SER J 163 -36.30 47.24 1.02
C SER J 163 -37.57 46.83 1.78
N GLY J 164 -37.41 46.46 3.04
CA GLY J 164 -38.53 46.02 3.89
C GLY J 164 -38.98 44.59 3.67
N VAL J 165 -38.30 43.87 2.77
CA VAL J 165 -38.78 42.57 2.32
C VAL J 165 -37.98 41.44 2.95
N CYS J 166 -38.67 40.35 3.28
CA CYS J 166 -38.02 39.14 3.73
C CYS J 166 -38.70 37.90 3.23
N THR J 167 -38.02 37.14 2.38
CA THR J 167 -38.53 35.84 1.93
C THR J 167 -37.74 34.73 2.58
N ASP J 168 -38.40 33.73 3.12
CA ASP J 168 -37.74 32.52 3.59
C ASP J 168 -36.70 32.01 2.60
N PRO J 169 -35.46 31.85 3.07
CA PRO J 169 -34.33 31.39 2.24
C PRO J 169 -34.57 30.07 1.50
N GLN J 170 -35.42 29.22 2.08
CA GLN J 170 -35.86 27.97 1.43
C GLN J 170 -37.33 27.64 1.78
N PRO J 171 -38.07 27.03 0.83
CA PRO J 171 -39.46 26.64 1.10
C PRO J 171 -39.48 25.52 2.09
N LEU J 172 -40.58 25.36 2.80
CA LEU J 172 -40.70 24.20 3.65
C LEU J 172 -41.62 23.18 3.02
N LYS J 173 -41.53 21.94 3.49
CA LYS J 173 -42.37 20.88 2.96
C LYS J 173 -43.68 20.79 3.75
N GLU J 174 -44.81 20.75 3.04
CA GLU J 174 -46.12 20.76 3.70
C GLU J 174 -46.38 19.42 4.38
N GLN J 175 -45.56 18.45 4.00
CA GLN J 175 -45.56 17.11 4.57
C GLN J 175 -44.13 16.66 4.61
N PRO J 176 -43.37 17.10 5.64
CA PRO J 176 -41.92 16.88 5.70
C PRO J 176 -41.52 15.41 5.53
N ALA J 177 -42.27 14.51 6.17
CA ALA J 177 -41.96 13.07 6.18
C ALA J 177 -42.13 12.34 4.83
N LEU J 178 -42.68 13.04 3.84
CA LEU J 178 -42.88 12.51 2.48
C LEU J 178 -41.84 13.10 1.53
N ASN J 179 -41.28 12.26 0.66
CA ASN J 179 -40.16 12.68 -0.15
C ASN J 179 -40.48 13.74 -1.20
N ASP J 180 -41.52 13.50 -2.00
CA ASP J 180 -41.91 14.51 -2.99
C ASP J 180 -43.21 15.20 -2.57
N SER J 181 -43.18 15.75 -1.37
CA SER J 181 -44.24 16.57 -0.82
C SER J 181 -44.29 17.90 -1.56
N ARG J 182 -45.42 18.57 -1.50
CA ARG J 182 -45.50 19.94 -2.02
C ARG J 182 -44.89 20.97 -1.04
N TYR J 183 -44.72 22.21 -1.49
CA TYR J 183 -44.00 23.22 -0.71
C TYR J 183 -44.87 24.42 -0.38
N ALA J 184 -44.43 25.19 0.61
CA ALA J 184 -44.96 26.51 0.83
C ALA J 184 -43.80 27.50 1.08
N LEU J 185 -44.07 28.77 0.81
CA LEU J 185 -43.10 29.84 0.92
C LEU J 185 -43.81 31.05 1.50
N SER J 186 -43.18 31.71 2.47
CA SER J 186 -43.70 33.00 2.92
C SER J 186 -42.72 34.15 2.71
N SER J 187 -43.28 35.33 2.55
CA SER J 187 -42.48 36.53 2.50
C SER J 187 -43.17 37.59 3.32
N ARG J 188 -42.38 38.49 3.85
CA ARG J 188 -42.89 39.56 4.68
C ARG J 188 -42.52 40.87 4.01
N LEU J 189 -43.40 41.86 4.11
CA LEU J 189 -43.11 43.21 3.66
C LEU J 189 -43.57 44.18 4.73
N ARG J 190 -42.61 44.85 5.35
CA ARG J 190 -42.91 45.82 6.39
C ARG J 190 -42.78 47.23 5.87
N VAL J 191 -43.80 48.03 6.13
CA VAL J 191 -43.76 49.44 5.77
C VAL J 191 -44.13 50.21 7.03
N SER J 192 -43.98 51.54 6.97
CA SER J 192 -44.49 52.40 8.04
C SER J 192 -46.03 52.41 8.01
N ALA J 193 -46.65 52.59 9.18
CA ALA J 193 -48.12 52.75 9.27
C ALA J 193 -48.67 53.81 8.30
N THR J 194 -48.05 55.00 8.33
CA THR J 194 -48.40 56.12 7.47
C THR J 194 -48.55 55.71 6.01
N PHE J 195 -47.60 54.92 5.52
CA PHE J 195 -47.60 54.51 4.13
C PHE J 195 -48.71 53.50 3.88
N TRP J 196 -48.92 52.60 4.84
CA TRP J 196 -49.99 51.63 4.77
C TRP J 196 -51.38 52.25 4.70
N GLN J 197 -51.58 53.36 5.43
CA GLN J 197 -52.90 53.96 5.60
C GLN J 197 -53.34 54.98 4.51
N ASN J 198 -52.46 55.20 3.53
CA ASN J 198 -52.80 55.98 2.35
C ASN J 198 -53.42 55.02 1.31
N PRO J 199 -54.74 55.19 1.03
CA PRO J 199 -55.45 54.13 0.28
C PRO J 199 -55.22 54.19 -1.23
N ARG J 200 -54.35 55.10 -1.68
CA ARG J 200 -53.89 55.12 -3.06
C ARG J 200 -52.68 54.19 -3.29
N ASN J 201 -52.25 53.53 -2.22
CA ASN J 201 -51.09 52.66 -2.28
C ASN J 201 -51.44 51.22 -2.59
N HIS J 202 -50.85 50.73 -3.68
CA HIS J 202 -51.12 49.40 -4.16
C HIS J 202 -50.00 48.43 -3.82
N PHE J 203 -50.39 47.36 -3.14
CA PHE J 203 -49.47 46.32 -2.72
C PHE J 203 -49.75 45.05 -3.50
N ARG J 204 -48.69 44.36 -3.92
CA ARG J 204 -48.88 43.12 -4.68
C ARG J 204 -47.76 42.10 -4.50
N CYS J 205 -48.17 40.90 -4.08
CA CYS J 205 -47.29 39.75 -3.97
C CYS J 205 -47.33 38.94 -5.28
N GLN J 206 -46.19 38.93 -5.98
CA GLN J 206 -46.05 38.21 -7.23
C GLN J 206 -45.24 36.93 -7.03
N VAL J 207 -45.75 35.81 -7.54
CA VAL J 207 -45.02 34.56 -7.49
C VAL J 207 -44.90 33.95 -8.88
N GLN J 208 -43.69 34.01 -9.43
CA GLN J 208 -43.39 33.42 -10.71
C GLN J 208 -43.21 31.92 -10.56
N PHE J 209 -44.00 31.14 -11.29
CA PHE J 209 -43.89 29.69 -11.22
C PHE J 209 -43.31 29.13 -12.49
N TYR J 210 -42.29 28.30 -12.33
CA TYR J 210 -41.70 27.66 -13.47
C TYR J 210 -42.19 26.24 -13.49
N GLY J 211 -43.00 25.95 -14.50
CA GLY J 211 -43.70 24.69 -14.57
C GLY J 211 -43.49 24.13 -15.95
N LEU J 212 -44.53 23.50 -16.48
CA LEU J 212 -44.45 22.96 -17.82
C LEU J 212 -44.52 24.07 -18.86
N SER J 213 -44.13 23.74 -20.08
CA SER J 213 -44.44 24.56 -21.26
C SER J 213 -45.08 23.69 -22.37
N GLU J 214 -45.25 24.26 -23.56
CA GLU J 214 -45.90 23.58 -24.69
C GLU J 214 -45.24 22.27 -25.14
N ASN J 215 -43.93 22.14 -24.87
CA ASN J 215 -43.15 20.91 -25.06
C ASN J 215 -43.72 19.70 -24.32
N ASP J 216 -44.13 19.93 -23.09
CA ASP J 216 -44.51 18.85 -22.20
C ASP J 216 -45.97 18.43 -22.43
N GLU J 217 -46.17 17.13 -22.62
CA GLU J 217 -47.51 16.61 -22.92
C GLU J 217 -48.31 16.35 -21.64
N TRP J 218 -49.59 16.69 -21.69
CA TRP J 218 -50.45 16.68 -20.51
C TRP J 218 -51.80 16.02 -20.78
N THR J 219 -52.25 15.19 -19.83
CA THR J 219 -53.52 14.46 -19.92
C THR J 219 -54.45 14.63 -18.71
N GLN J 220 -53.91 14.52 -17.50
CA GLN J 220 -54.69 14.54 -16.24
C GLN J 220 -55.77 15.62 -16.16
N ASP J 221 -56.86 15.29 -15.46
CA ASP J 221 -58.07 16.12 -15.43
C ASP J 221 -57.85 17.60 -15.06
N ARG J 222 -57.10 17.85 -13.99
CA ARG J 222 -56.73 19.21 -13.60
C ARG J 222 -56.03 19.97 -14.74
N ALA J 223 -56.05 21.31 -14.67
CA ALA J 223 -55.38 22.18 -15.65
C ALA J 223 -53.89 21.89 -15.75
N LYS J 224 -53.33 22.05 -16.96
CA LYS J 224 -51.89 21.92 -17.17
C LYS J 224 -51.12 22.92 -16.28
N PRO J 225 -50.13 22.44 -15.49
CA PRO J 225 -49.40 23.28 -14.55
C PRO J 225 -48.25 24.00 -15.23
N VAL J 226 -48.59 25.05 -15.96
CA VAL J 226 -47.65 25.75 -16.81
C VAL J 226 -46.92 26.81 -16.01
N THR J 227 -45.79 27.24 -16.54
CA THR J 227 -45.13 28.45 -16.14
C THR J 227 -46.18 29.56 -16.16
N GLN J 228 -46.21 30.37 -15.11
CA GLN J 228 -47.26 31.38 -14.91
C GLN J 228 -46.93 32.18 -13.68
N ILE J 229 -47.56 33.35 -13.55
CA ILE J 229 -47.57 34.15 -12.32
C ILE J 229 -48.92 34.00 -11.60
N VAL J 230 -48.84 33.95 -10.27
CA VAL J 230 -49.98 33.91 -9.39
C VAL J 230 -49.74 34.98 -8.33
N SER J 231 -50.78 35.76 -8.03
CA SER J 231 -50.64 36.99 -7.28
C SER J 231 -51.82 37.25 -6.37
N ALA J 232 -51.54 37.87 -5.24
CA ALA J 232 -52.57 38.39 -4.38
C ALA J 232 -52.17 39.83 -4.15
N GLU J 233 -53.16 40.68 -3.87
CA GLU J 233 -52.92 42.11 -3.74
C GLU J 233 -53.77 42.74 -2.65
N ALA J 234 -53.35 43.91 -2.17
CA ALA J 234 -54.09 44.61 -1.15
C ALA J 234 -53.97 46.11 -1.35
N TRP J 235 -54.96 46.83 -0.83
CA TRP J 235 -54.97 48.28 -0.89
C TRP J 235 -54.88 48.85 0.51
N GLY J 236 -54.28 50.04 0.62
CA GLY J 236 -54.22 50.79 1.87
C GLY J 236 -55.57 50.96 2.56
N ARG J 237 -55.53 51.06 3.88
CA ARG J 237 -56.70 51.09 4.75
C ARG J 237 -56.54 52.23 5.75
N ALA J 238 -57.58 53.06 5.92
CA ALA J 238 -57.52 54.19 6.87
C ALA J 238 -58.37 53.93 8.10
#